data_2CPY
#
_entry.id   2CPY
#
_entity_poly.entity_id   1
_entity_poly.type   'polypeptide(L)'
_entity_poly.pdbx_seq_one_letter_code
;GSSGSSGEGDVNSAKVCAHITNIPFSITKMDVLQFLEGIPVDENAVHVLVDNNGQGLGQALVQFKNEDDARKSERLHRKK
LNGREAFVHVVTLEDMREIEKNPPAQGKSGPSSG
;
_entity_poly.pdbx_strand_id   A
#
# COMPACT_ATOMS: atom_id res chain seq x y z
N GLY A 1 17.12 0.81 15.33
CA GLY A 1 16.66 0.09 16.51
C GLY A 1 16.81 -1.41 16.35
N SER A 2 17.92 -1.95 16.86
CA SER A 2 18.19 -3.38 16.78
C SER A 2 16.90 -4.18 16.94
N SER A 3 16.12 -3.82 17.95
CA SER A 3 14.85 -4.50 18.23
C SER A 3 15.11 -5.96 18.63
N GLY A 4 16.15 -6.16 19.44
CA GLY A 4 16.48 -7.51 19.89
C GLY A 4 17.42 -8.22 18.93
N SER A 5 18.57 -8.65 19.45
CA SER A 5 19.56 -9.34 18.64
C SER A 5 19.06 -10.72 18.24
N SER A 6 18.67 -10.86 16.97
CA SER A 6 18.17 -12.13 16.45
C SER A 6 19.09 -12.68 15.38
N GLY A 7 19.45 -11.84 14.42
CA GLY A 7 20.34 -12.27 13.35
C GLY A 7 19.81 -11.90 11.98
N GLU A 8 20.55 -11.04 11.27
CA GLU A 8 20.14 -10.61 9.94
C GLU A 8 20.23 -11.76 8.94
N GLY A 9 19.79 -11.50 7.72
CA GLY A 9 19.81 -12.53 6.68
C GLY A 9 18.71 -12.35 5.65
N ASP A 10 18.49 -13.39 4.86
CA ASP A 10 17.44 -13.33 3.83
C ASP A 10 16.25 -12.53 4.30
N VAL A 11 15.75 -11.67 3.41
CA VAL A 11 14.60 -10.82 3.73
C VAL A 11 13.56 -11.58 4.55
N ASN A 12 13.52 -11.32 5.85
CA ASN A 12 12.57 -11.98 6.74
C ASN A 12 11.73 -10.96 7.50
N SER A 13 10.44 -10.90 7.17
CA SER A 13 9.53 -9.97 7.82
C SER A 13 9.96 -8.52 7.56
N ALA A 14 10.38 -8.25 6.32
CA ALA A 14 10.81 -6.91 5.95
C ALA A 14 9.66 -6.12 5.33
N LYS A 15 9.62 -4.82 5.63
CA LYS A 15 8.57 -3.95 5.09
C LYS A 15 8.87 -3.56 3.66
N VAL A 16 8.30 -4.30 2.72
CA VAL A 16 8.51 -4.02 1.29
C VAL A 16 7.17 -3.91 0.56
N CYS A 17 6.17 -3.36 1.23
CA CYS A 17 4.85 -3.21 0.64
C CYS A 17 4.12 -2.01 1.24
N ALA A 18 3.24 -1.40 0.45
CA ALA A 18 2.48 -0.24 0.91
C ALA A 18 1.04 -0.31 0.42
N HIS A 19 0.10 -0.29 1.35
CA HIS A 19 -1.33 -0.35 1.01
C HIS A 19 -1.91 1.05 0.91
N ILE A 20 -2.52 1.34 -0.24
CA ILE A 20 -3.12 2.65 -0.47
C ILE A 20 -4.64 2.59 -0.34
N THR A 21 -5.17 3.34 0.62
CA THR A 21 -6.61 3.36 0.85
C THR A 21 -7.15 4.79 0.82
N ASN A 22 -8.46 4.93 0.96
CA ASN A 22 -9.10 6.24 0.95
C ASN A 22 -8.92 6.92 -0.41
N ILE A 23 -9.06 6.14 -1.48
CA ILE A 23 -8.91 6.67 -2.83
C ILE A 23 -10.17 6.42 -3.66
N PRO A 24 -10.39 7.28 -4.68
CA PRO A 24 -11.54 7.17 -5.56
C PRO A 24 -11.41 6.03 -6.57
N PHE A 25 -12.41 5.16 -6.59
CA PHE A 25 -12.41 4.01 -7.50
C PHE A 25 -12.53 4.48 -8.94
N SER A 26 -12.72 5.78 -9.13
CA SER A 26 -12.85 6.35 -10.46
C SER A 26 -11.55 6.19 -11.26
N ILE A 27 -10.44 6.23 -10.55
CA ILE A 27 -9.13 6.10 -11.18
C ILE A 27 -8.73 4.63 -11.32
N THR A 28 -7.71 4.37 -12.14
CA THR A 28 -7.24 3.01 -12.36
C THR A 28 -5.73 2.92 -12.14
N LYS A 29 -5.22 1.69 -12.11
CA LYS A 29 -3.79 1.46 -11.92
C LYS A 29 -2.97 2.53 -12.63
N MET A 30 -3.28 2.76 -13.90
CA MET A 30 -2.58 3.76 -14.70
C MET A 30 -2.41 5.06 -13.91
N ASP A 31 -3.53 5.63 -13.49
CA ASP A 31 -3.52 6.88 -12.74
C ASP A 31 -2.65 6.75 -11.50
N VAL A 32 -2.89 5.70 -10.72
CA VAL A 32 -2.12 5.47 -9.50
C VAL A 32 -0.63 5.58 -9.76
N LEU A 33 -0.18 4.99 -10.88
CA LEU A 33 1.23 5.02 -11.24
C LEU A 33 1.74 6.45 -11.34
N GLN A 34 0.84 7.38 -11.65
CA GLN A 34 1.20 8.78 -11.77
C GLN A 34 1.40 9.42 -10.39
N PHE A 35 0.58 9.01 -9.43
CA PHE A 35 0.67 9.53 -8.07
C PHE A 35 2.02 9.19 -7.44
N LEU A 36 2.57 8.05 -7.83
CA LEU A 36 3.85 7.59 -7.31
C LEU A 36 5.00 8.05 -8.21
N GLU A 37 4.77 9.15 -8.93
CA GLU A 37 5.79 9.69 -9.83
C GLU A 37 7.07 10.00 -9.08
N GLY A 38 8.17 9.41 -9.52
CA GLY A 38 9.45 9.64 -8.88
C GLY A 38 10.10 8.36 -8.40
N ILE A 39 9.28 7.41 -7.96
CA ILE A 39 9.78 6.13 -7.47
C ILE A 39 9.90 5.11 -8.60
N PRO A 40 11.02 4.38 -8.65
CA PRO A 40 11.27 3.37 -9.68
C PRO A 40 10.55 2.06 -9.38
N VAL A 41 9.30 1.96 -9.83
CA VAL A 41 8.50 0.76 -9.62
C VAL A 41 7.81 0.33 -10.91
N ASP A 42 7.56 -0.98 -11.03
CA ASP A 42 6.90 -1.51 -12.21
C ASP A 42 5.38 -1.49 -12.06
N GLU A 43 4.68 -1.62 -13.17
CA GLU A 43 3.22 -1.60 -13.15
C GLU A 43 2.66 -2.81 -12.42
N ASN A 44 3.27 -3.97 -12.66
CA ASN A 44 2.83 -5.21 -12.02
C ASN A 44 3.04 -5.13 -10.51
N ALA A 45 3.90 -4.23 -10.07
CA ALA A 45 4.17 -4.05 -8.65
C ALA A 45 2.94 -3.55 -7.92
N VAL A 46 2.08 -2.84 -8.62
CA VAL A 46 0.86 -2.30 -8.03
C VAL A 46 -0.35 -3.14 -8.43
N HIS A 47 -1.01 -3.73 -7.42
CA HIS A 47 -2.18 -4.56 -7.66
C HIS A 47 -3.46 -3.82 -7.25
N VAL A 48 -4.19 -3.31 -8.23
CA VAL A 48 -5.43 -2.59 -7.96
C VAL A 48 -6.57 -3.55 -7.70
N LEU A 49 -7.42 -3.22 -6.73
CA LEU A 49 -8.56 -4.05 -6.38
C LEU A 49 -9.77 -3.71 -7.25
N VAL A 50 -10.70 -4.65 -7.34
CA VAL A 50 -11.91 -4.45 -8.14
C VAL A 50 -13.11 -5.15 -7.51
N ASP A 51 -14.30 -4.68 -7.84
CA ASP A 51 -15.53 -5.26 -7.31
C ASP A 51 -16.38 -5.85 -8.42
N ASN A 52 -17.54 -6.41 -8.06
CA ASN A 52 -18.44 -7.01 -9.03
C ASN A 52 -18.57 -6.11 -10.26
N ASN A 53 -18.63 -4.81 -10.03
CA ASN A 53 -18.76 -3.85 -11.13
C ASN A 53 -17.41 -3.54 -11.75
N GLY A 54 -16.35 -3.69 -10.96
CA GLY A 54 -15.01 -3.42 -11.44
C GLY A 54 -14.43 -2.14 -10.89
N GLN A 55 -15.29 -1.14 -10.68
CA GLN A 55 -14.86 0.14 -10.15
C GLN A 55 -13.84 -0.05 -9.01
N GLY A 56 -14.14 -0.98 -8.11
CA GLY A 56 -13.24 -1.24 -7.00
C GLY A 56 -13.63 -0.47 -5.76
N LEU A 57 -13.18 -0.96 -4.60
CA LEU A 57 -13.48 -0.31 -3.33
C LEU A 57 -12.56 0.89 -3.10
N GLY A 58 -11.68 1.14 -4.06
CA GLY A 58 -10.75 2.25 -3.94
C GLY A 58 -9.54 1.91 -3.10
N GLN A 59 -8.82 0.87 -3.50
CA GLN A 59 -7.63 0.45 -2.77
C GLN A 59 -6.64 -0.26 -3.70
N ALA A 60 -5.36 -0.23 -3.33
CA ALA A 60 -4.32 -0.87 -4.12
C ALA A 60 -3.12 -1.25 -3.27
N LEU A 61 -2.45 -2.33 -3.64
CA LEU A 61 -1.29 -2.80 -2.90
C LEU A 61 -0.03 -2.73 -3.77
N VAL A 62 0.97 -1.99 -3.29
CA VAL A 62 2.22 -1.84 -4.02
C VAL A 62 3.30 -2.74 -3.43
N GLN A 63 4.04 -3.42 -4.30
CA GLN A 63 5.11 -4.31 -3.87
C GLN A 63 6.46 -3.84 -4.39
N PHE A 64 7.34 -3.46 -3.47
CA PHE A 64 8.67 -2.98 -3.85
C PHE A 64 9.72 -4.06 -3.61
N LYS A 65 10.92 -3.84 -4.13
CA LYS A 65 12.01 -4.79 -3.98
C LYS A 65 12.60 -4.71 -2.58
N ASN A 66 13.05 -3.53 -2.18
CA ASN A 66 13.64 -3.33 -0.87
C ASN A 66 13.05 -2.09 -0.19
N GLU A 67 13.35 -1.93 1.09
CA GLU A 67 12.85 -0.79 1.86
C GLU A 67 13.32 0.52 1.23
N ASP A 68 14.43 0.46 0.50
CA ASP A 68 14.99 1.64 -0.14
C ASP A 68 13.92 2.37 -0.96
N ASP A 69 12.99 1.60 -1.51
CA ASP A 69 11.92 2.18 -2.33
C ASP A 69 10.66 2.38 -1.49
N ALA A 70 10.52 1.59 -0.43
CA ALA A 70 9.36 1.70 0.45
C ALA A 70 9.42 2.97 1.28
N ARG A 71 10.51 3.13 2.02
CA ARG A 71 10.68 4.31 2.86
C ARG A 71 10.36 5.59 2.09
N LYS A 72 10.50 5.53 0.78
CA LYS A 72 10.23 6.68 -0.08
C LYS A 72 8.75 6.77 -0.41
N SER A 73 8.13 5.62 -0.67
CA SER A 73 6.71 5.57 -1.01
C SER A 73 5.85 5.96 0.19
N GLU A 74 6.33 5.62 1.38
CA GLU A 74 5.62 5.94 2.61
C GLU A 74 5.74 7.42 2.94
N ARG A 75 6.61 8.12 2.22
CA ARG A 75 6.82 9.55 2.43
C ARG A 75 5.65 10.36 1.89
N LEU A 76 4.87 9.75 1.01
CA LEU A 76 3.72 10.41 0.42
C LEU A 76 2.46 10.18 1.25
N HIS A 77 2.65 9.64 2.46
CA HIS A 77 1.54 9.38 3.35
C HIS A 77 0.70 10.63 3.58
N ARG A 78 -0.60 10.45 3.78
CA ARG A 78 -1.51 11.56 4.01
C ARG A 78 -1.41 12.58 2.87
N LYS A 79 -1.43 12.09 1.64
CA LYS A 79 -1.35 12.95 0.47
C LYS A 79 -2.71 13.13 -0.18
N LYS A 80 -2.87 14.21 -0.94
CA LYS A 80 -4.13 14.50 -1.62
C LYS A 80 -4.10 14.00 -3.06
N LEU A 81 -5.00 13.07 -3.38
CA LEU A 81 -5.08 12.52 -4.73
C LEU A 81 -6.43 12.82 -5.36
N ASN A 82 -6.42 13.65 -6.39
CA ASN A 82 -7.65 14.02 -7.10
C ASN A 82 -8.62 14.73 -6.15
N GLY A 83 -8.07 15.50 -5.22
CA GLY A 83 -8.90 16.23 -4.28
C GLY A 83 -9.44 15.33 -3.17
N ARG A 84 -8.84 14.16 -3.02
CA ARG A 84 -9.27 13.21 -2.01
C ARG A 84 -8.07 12.72 -1.18
N GLU A 85 -8.19 12.85 0.14
CA GLU A 85 -7.12 12.42 1.04
C GLU A 85 -6.80 10.94 0.84
N ALA A 86 -5.52 10.61 0.88
CA ALA A 86 -5.07 9.24 0.71
C ALA A 86 -4.18 8.80 1.87
N PHE A 87 -4.35 7.54 2.29
CA PHE A 87 -3.56 7.01 3.39
C PHE A 87 -2.72 5.83 2.92
N VAL A 88 -1.41 5.92 3.16
CA VAL A 88 -0.48 4.86 2.75
C VAL A 88 0.13 4.18 3.97
N HIS A 89 -0.19 2.91 4.16
CA HIS A 89 0.33 2.14 5.29
C HIS A 89 1.38 1.13 4.84
N VAL A 90 2.51 1.11 5.51
CA VAL A 90 3.59 0.20 5.17
C VAL A 90 3.44 -1.13 5.92
N VAL A 91 3.49 -2.23 5.18
CA VAL A 91 3.35 -3.57 5.76
C VAL A 91 4.29 -4.55 5.08
N THR A 92 4.50 -5.70 5.72
CA THR A 92 5.37 -6.73 5.18
C THR A 92 4.70 -7.47 4.03
N LEU A 93 5.51 -7.98 3.11
CA LEU A 93 4.99 -8.71 1.96
C LEU A 93 3.89 -9.68 2.38
N GLU A 94 4.23 -10.58 3.29
CA GLU A 94 3.28 -11.58 3.77
C GLU A 94 1.89 -10.95 3.94
N ASP A 95 1.84 -9.85 4.67
CA ASP A 95 0.57 -9.15 4.92
C ASP A 95 -0.11 -8.79 3.60
N MET A 96 0.68 -8.29 2.65
CA MET A 96 0.15 -7.89 1.35
C MET A 96 -0.51 -9.08 0.66
N ARG A 97 0.22 -10.19 0.56
CA ARG A 97 -0.30 -11.39 -0.08
C ARG A 97 -1.64 -11.80 0.53
N GLU A 98 -1.70 -11.76 1.86
CA GLU A 98 -2.93 -12.13 2.57
C GLU A 98 -4.08 -11.22 2.18
N ILE A 99 -3.85 -9.91 2.25
CA ILE A 99 -4.88 -8.94 1.90
C ILE A 99 -5.31 -9.10 0.45
N GLU A 100 -4.36 -8.97 -0.46
CA GLU A 100 -4.65 -9.11 -1.89
C GLU A 100 -5.67 -10.21 -2.14
N LYS A 101 -5.40 -11.39 -1.60
CA LYS A 101 -6.30 -12.53 -1.76
C LYS A 101 -7.64 -12.28 -1.07
N ASN A 102 -7.57 -11.95 0.22
CA ASN A 102 -8.78 -11.68 1.00
C ASN A 102 -8.70 -10.31 1.65
N PRO A 103 -9.20 -9.28 0.94
CA PRO A 103 -9.20 -7.91 1.44
C PRO A 103 -9.71 -7.81 2.88
N PRO A 104 -9.54 -6.62 3.48
CA PRO A 104 -9.96 -6.37 4.86
C PRO A 104 -11.37 -6.89 5.14
N ALA A 105 -11.65 -7.17 6.41
CA ALA A 105 -12.96 -7.68 6.81
C ALA A 105 -13.86 -6.55 7.30
N GLN A 106 -13.28 -5.63 8.06
CA GLN A 106 -14.02 -4.49 8.60
C GLN A 106 -13.53 -3.19 7.99
N GLY A 107 -12.22 -3.01 7.94
CA GLY A 107 -11.66 -1.79 7.38
C GLY A 107 -11.74 -0.62 8.34
N LYS A 108 -10.67 0.18 8.38
CA LYS A 108 -10.62 1.33 9.26
C LYS A 108 -10.42 2.61 8.46
N SER A 109 -9.59 2.54 7.42
CA SER A 109 -9.32 3.70 6.58
C SER A 109 -10.52 4.05 5.73
N GLY A 110 -11.16 5.17 6.06
CA GLY A 110 -12.34 5.60 5.31
C GLY A 110 -13.58 4.81 5.66
N PRO A 111 -14.75 5.31 5.26
CA PRO A 111 -16.04 4.67 5.54
C PRO A 111 -16.29 3.48 4.61
N SER A 112 -16.25 2.28 5.17
CA SER A 112 -16.47 1.06 4.40
C SER A 112 -17.84 0.47 4.70
N SER A 113 -18.12 0.27 5.98
CA SER A 113 -19.40 -0.29 6.40
C SER A 113 -20.13 0.65 7.35
N GLY A 114 -21.23 1.23 6.87
CA GLY A 114 -21.99 2.16 7.69
C GLY A 114 -22.68 1.47 8.86
N GLY A 1 19.75 13.64 20.53
CA GLY A 1 19.41 14.74 19.66
C GLY A 1 18.64 14.30 18.44
N SER A 2 18.08 15.25 17.70
CA SER A 2 17.30 14.95 16.51
C SER A 2 18.14 14.14 15.51
N SER A 3 17.84 12.85 15.42
CA SER A 3 18.55 11.96 14.51
C SER A 3 17.83 10.63 14.37
N GLY A 4 17.81 10.10 13.15
CA GLY A 4 17.14 8.83 12.90
C GLY A 4 17.53 7.77 13.90
N SER A 5 16.56 6.92 14.27
CA SER A 5 16.80 5.86 15.24
C SER A 5 17.17 4.56 14.53
N SER A 6 18.48 4.30 14.43
CA SER A 6 18.97 3.10 13.78
C SER A 6 18.13 1.89 14.17
N GLY A 7 18.04 1.63 15.47
CA GLY A 7 17.27 0.50 15.95
C GLY A 7 17.75 -0.82 15.37
N GLU A 8 17.09 -1.90 15.76
CA GLU A 8 17.45 -3.23 15.27
C GLU A 8 16.21 -4.07 15.02
N GLY A 9 16.00 -4.44 13.75
CA GLY A 9 14.84 -5.24 13.39
C GLY A 9 15.22 -6.63 12.92
N ASP A 10 14.67 -7.05 11.79
CA ASP A 10 14.96 -8.35 11.23
C ASP A 10 14.90 -8.33 9.71
N VAL A 11 15.86 -8.97 9.07
CA VAL A 11 15.93 -9.02 7.62
C VAL A 11 14.84 -9.94 7.05
N ASN A 12 14.65 -11.07 7.71
CA ASN A 12 13.64 -12.04 7.27
C ASN A 12 12.30 -11.36 7.02
N SER A 13 11.91 -10.49 7.94
CA SER A 13 10.64 -9.77 7.82
C SER A 13 10.89 -8.28 7.53
N ALA A 14 11.06 -7.96 6.25
CA ALA A 14 11.30 -6.57 5.85
C ALA A 14 10.05 -5.96 5.24
N LYS A 15 9.83 -4.68 5.52
CA LYS A 15 8.66 -3.97 5.01
C LYS A 15 8.94 -3.41 3.61
N VAL A 16 8.42 -4.08 2.59
CA VAL A 16 8.61 -3.65 1.22
C VAL A 16 7.29 -3.58 0.47
N CYS A 17 6.22 -3.31 1.22
CA CYS A 17 4.88 -3.21 0.62
C CYS A 17 4.10 -2.07 1.24
N ALA A 18 3.40 -1.32 0.40
CA ALA A 18 2.61 -0.18 0.86
C ALA A 18 1.18 -0.27 0.34
N HIS A 19 0.22 -0.24 1.27
CA HIS A 19 -1.19 -0.32 0.91
C HIS A 19 -1.81 1.08 0.84
N ILE A 20 -2.47 1.36 -0.29
CA ILE A 20 -3.10 2.66 -0.49
C ILE A 20 -4.62 2.57 -0.31
N THR A 21 -5.16 3.38 0.57
CA THR A 21 -6.59 3.39 0.83
C THR A 21 -7.16 4.80 0.76
N ASN A 22 -8.46 4.94 1.01
CA ASN A 22 -9.12 6.23 0.97
C ASN A 22 -8.93 6.89 -0.39
N ILE A 23 -8.83 6.07 -1.43
CA ILE A 23 -8.66 6.57 -2.78
C ILE A 23 -9.96 6.51 -3.58
N PRO A 24 -10.09 7.38 -4.58
CA PRO A 24 -11.28 7.44 -5.44
C PRO A 24 -11.31 6.32 -6.47
N PHE A 25 -12.44 5.63 -6.55
CA PHE A 25 -12.61 4.53 -7.49
C PHE A 25 -12.75 5.05 -8.92
N SER A 26 -12.77 6.38 -9.05
CA SER A 26 -12.91 7.00 -10.37
C SER A 26 -11.65 6.82 -11.20
N ILE A 27 -10.51 6.73 -10.52
CA ILE A 27 -9.23 6.55 -11.19
C ILE A 27 -8.94 5.08 -11.45
N THR A 28 -7.93 4.81 -12.26
CA THR A 28 -7.55 3.44 -12.58
C THR A 28 -6.06 3.20 -12.32
N LYS A 29 -5.65 1.93 -12.37
CA LYS A 29 -4.26 1.57 -12.14
C LYS A 29 -3.33 2.62 -12.73
N MET A 30 -3.56 2.97 -13.99
CA MET A 30 -2.73 3.96 -14.67
C MET A 30 -2.54 5.20 -13.80
N ASP A 31 -3.66 5.78 -13.35
CA ASP A 31 -3.62 6.97 -12.52
C ASP A 31 -2.68 6.77 -11.33
N VAL A 32 -2.87 5.65 -10.62
CA VAL A 32 -2.05 5.34 -9.46
C VAL A 32 -0.57 5.42 -9.80
N LEU A 33 -0.17 4.72 -10.86
CA LEU A 33 1.22 4.71 -11.29
C LEU A 33 1.82 6.11 -11.26
N GLN A 34 1.02 7.09 -11.67
CA GLN A 34 1.47 8.49 -11.69
C GLN A 34 1.68 9.01 -10.26
N PHE A 35 0.77 8.63 -9.36
CA PHE A 35 0.86 9.05 -7.97
C PHE A 35 2.24 8.75 -7.40
N LEU A 36 2.82 7.64 -7.83
CA LEU A 36 4.13 7.23 -7.34
C LEU A 36 5.24 7.87 -8.18
N GLU A 37 4.95 9.05 -8.72
CA GLU A 37 5.93 9.77 -9.53
C GLU A 37 7.22 10.01 -8.77
N GLY A 38 8.33 9.49 -9.29
CA GLY A 38 9.61 9.66 -8.64
C GLY A 38 10.21 8.34 -8.20
N ILE A 39 9.35 7.42 -7.77
CA ILE A 39 9.80 6.11 -7.31
C ILE A 39 9.81 5.10 -8.45
N PRO A 40 10.92 4.36 -8.58
CA PRO A 40 11.08 3.35 -9.62
C PRO A 40 10.34 2.06 -9.30
N VAL A 41 9.19 1.86 -9.93
CA VAL A 41 8.39 0.67 -9.72
C VAL A 41 7.65 0.26 -10.98
N ASP A 42 7.60 -1.05 -11.23
CA ASP A 42 6.93 -1.58 -12.41
C ASP A 42 5.42 -1.51 -12.26
N GLU A 43 4.70 -1.81 -13.33
CA GLU A 43 3.23 -1.78 -13.31
C GLU A 43 2.67 -2.93 -12.49
N ASN A 44 3.23 -4.13 -12.71
CA ASN A 44 2.78 -5.32 -11.99
C ASN A 44 2.89 -5.12 -10.48
N ALA A 45 3.95 -4.43 -10.06
CA ALA A 45 4.17 -4.17 -8.64
C ALA A 45 2.88 -3.74 -7.96
N VAL A 46 2.11 -2.88 -8.63
CA VAL A 46 0.85 -2.39 -8.09
C VAL A 46 -0.29 -3.33 -8.42
N HIS A 47 -1.08 -3.69 -7.40
CA HIS A 47 -2.21 -4.59 -7.58
C HIS A 47 -3.52 -3.91 -7.19
N VAL A 48 -4.29 -3.51 -8.18
CA VAL A 48 -5.57 -2.85 -7.95
C VAL A 48 -6.65 -3.84 -7.54
N LEU A 49 -7.36 -3.54 -6.47
CA LEU A 49 -8.42 -4.41 -5.97
C LEU A 49 -9.64 -4.38 -6.91
N VAL A 50 -10.64 -5.19 -6.60
CA VAL A 50 -11.85 -5.25 -7.40
C VAL A 50 -13.07 -5.57 -6.54
N ASP A 51 -14.24 -5.21 -7.03
CA ASP A 51 -15.49 -5.46 -6.30
C ASP A 51 -16.39 -6.41 -7.09
N ASN A 52 -17.54 -6.75 -6.50
CA ASN A 52 -18.49 -7.66 -7.14
C ASN A 52 -18.76 -7.22 -8.57
N ASN A 53 -18.97 -5.91 -8.76
CA ASN A 53 -19.25 -5.37 -10.08
C ASN A 53 -17.96 -4.98 -10.80
N GLY A 54 -16.86 -5.61 -10.39
CA GLY A 54 -15.58 -5.33 -11.02
C GLY A 54 -15.38 -3.83 -11.27
N GLN A 55 -15.64 -3.02 -10.26
CA GLN A 55 -15.49 -1.57 -10.38
C GLN A 55 -14.49 -1.04 -9.37
N GLY A 56 -13.52 -1.88 -9.01
CA GLY A 56 -12.51 -1.47 -8.05
C GLY A 56 -13.09 -1.19 -6.68
N LEU A 57 -12.26 -1.26 -5.65
CA LEU A 57 -12.69 -1.02 -4.28
C LEU A 57 -11.90 0.12 -3.66
N GLY A 58 -11.64 1.17 -4.44
CA GLY A 58 -10.90 2.31 -3.94
C GLY A 58 -9.72 1.90 -3.08
N GLN A 59 -9.00 0.87 -3.51
CA GLN A 59 -7.85 0.38 -2.76
C GLN A 59 -6.87 -0.33 -3.69
N ALA A 60 -5.58 -0.25 -3.36
CA ALA A 60 -4.54 -0.89 -4.16
C ALA A 60 -3.28 -1.12 -3.34
N LEU A 61 -2.55 -2.18 -3.68
CA LEU A 61 -1.31 -2.51 -2.97
C LEU A 61 -0.10 -2.26 -3.85
N VAL A 62 1.04 -1.98 -3.22
CA VAL A 62 2.28 -1.73 -3.95
C VAL A 62 3.41 -2.62 -3.43
N GLN A 63 3.99 -3.41 -4.33
CA GLN A 63 5.09 -4.29 -3.97
C GLN A 63 6.43 -3.73 -4.43
N PHE A 64 7.26 -3.35 -3.46
CA PHE A 64 8.58 -2.80 -3.77
C PHE A 64 9.67 -3.84 -3.56
N LYS A 65 10.79 -3.66 -4.25
CA LYS A 65 11.91 -4.58 -4.14
C LYS A 65 12.52 -4.54 -2.74
N ASN A 66 13.08 -3.39 -2.38
CA ASN A 66 13.70 -3.22 -1.07
C ASN A 66 13.17 -1.96 -0.38
N GLU A 67 13.34 -1.89 0.94
CA GLU A 67 12.88 -0.76 1.72
C GLU A 67 13.35 0.56 1.08
N ASP A 68 14.56 0.54 0.52
CA ASP A 68 15.12 1.73 -0.12
C ASP A 68 14.07 2.44 -0.96
N ASP A 69 13.06 1.70 -1.40
CA ASP A 69 11.99 2.26 -2.21
C ASP A 69 10.79 2.62 -1.34
N ALA A 70 10.39 1.70 -0.48
CA ALA A 70 9.25 1.93 0.41
C ALA A 70 9.45 3.19 1.24
N ARG A 71 10.57 3.25 1.97
CA ARG A 71 10.87 4.40 2.81
C ARG A 71 10.43 5.70 2.13
N LYS A 72 10.45 5.70 0.81
CA LYS A 72 10.05 6.87 0.04
C LYS A 72 8.53 6.92 -0.15
N SER A 73 7.95 5.76 -0.44
CA SER A 73 6.51 5.66 -0.66
C SER A 73 5.75 6.10 0.59
N GLU A 74 6.28 5.75 1.76
CA GLU A 74 5.66 6.11 3.03
C GLU A 74 5.73 7.61 3.26
N ARG A 75 6.50 8.31 2.43
CA ARG A 75 6.66 9.74 2.55
C ARG A 75 5.49 10.48 1.91
N LEU A 76 4.67 9.74 1.17
CA LEU A 76 3.51 10.32 0.50
C LEU A 76 2.24 10.07 1.31
N HIS A 77 2.41 9.56 2.52
CA HIS A 77 1.27 9.28 3.39
C HIS A 77 0.42 10.53 3.60
N ARG A 78 -0.90 10.37 3.56
CA ARG A 78 -1.81 11.48 3.73
C ARG A 78 -1.64 12.52 2.63
N LYS A 79 -1.72 12.06 1.38
CA LYS A 79 -1.57 12.94 0.24
C LYS A 79 -2.91 13.20 -0.44
N LYS A 80 -3.02 14.31 -1.15
CA LYS A 80 -4.25 14.67 -1.84
C LYS A 80 -4.23 14.17 -3.29
N LEU A 81 -4.75 12.97 -3.50
CA LEU A 81 -4.80 12.37 -4.83
C LEU A 81 -6.15 12.61 -5.49
N ASN A 82 -6.18 13.46 -6.51
CA ASN A 82 -7.40 13.77 -7.22
C ASN A 82 -8.42 14.43 -6.28
N GLY A 83 -7.92 15.16 -5.30
CA GLY A 83 -8.79 15.84 -4.35
C GLY A 83 -9.27 14.92 -3.24
N ARG A 84 -8.62 13.76 -3.11
CA ARG A 84 -8.98 12.80 -2.08
C ARG A 84 -7.77 12.44 -1.22
N GLU A 85 -7.94 12.52 0.09
CA GLU A 85 -6.86 12.21 1.02
C GLU A 85 -6.61 10.70 1.07
N ALA A 86 -5.49 10.27 0.52
CA ALA A 86 -5.13 8.87 0.50
C ALA A 86 -4.20 8.52 1.66
N PHE A 87 -4.34 7.31 2.19
CA PHE A 87 -3.52 6.86 3.30
C PHE A 87 -2.67 5.66 2.90
N VAL A 88 -1.36 5.78 3.09
CA VAL A 88 -0.43 4.71 2.75
C VAL A 88 0.13 4.04 4.00
N HIS A 89 -0.09 2.74 4.13
CA HIS A 89 0.40 1.99 5.28
C HIS A 89 1.54 1.06 4.87
N VAL A 90 2.67 1.18 5.57
CA VAL A 90 3.84 0.35 5.29
C VAL A 90 3.75 -0.98 6.01
N VAL A 91 3.44 -2.04 5.24
CA VAL A 91 3.33 -3.38 5.81
C VAL A 91 4.37 -4.32 5.22
N THR A 92 4.39 -5.56 5.70
CA THR A 92 5.34 -6.55 5.22
C THR A 92 4.85 -7.19 3.92
N LEU A 93 5.66 -8.09 3.38
CA LEU A 93 5.32 -8.77 2.14
C LEU A 93 4.08 -9.65 2.32
N GLU A 94 4.17 -10.60 3.24
CA GLU A 94 3.05 -11.50 3.51
C GLU A 94 1.79 -10.72 3.82
N ASP A 95 1.93 -9.65 4.61
CA ASP A 95 0.80 -8.82 4.98
C ASP A 95 0.10 -8.26 3.75
N MET A 96 0.85 -8.13 2.66
CA MET A 96 0.30 -7.61 1.41
C MET A 96 -0.45 -8.69 0.65
N ARG A 97 0.04 -9.92 0.73
CA ARG A 97 -0.59 -11.05 0.06
C ARG A 97 -1.89 -11.44 0.75
N GLU A 98 -1.90 -11.33 2.07
CA GLU A 98 -3.08 -11.68 2.85
C GLU A 98 -4.21 -10.68 2.61
N ILE A 99 -3.83 -9.43 2.35
CA ILE A 99 -4.81 -8.38 2.10
C ILE A 99 -5.33 -8.45 0.66
N GLU A 100 -4.48 -8.90 -0.25
CA GLU A 100 -4.86 -9.01 -1.66
C GLU A 100 -5.84 -10.17 -1.86
N LYS A 101 -5.54 -11.31 -1.25
CA LYS A 101 -6.40 -12.48 -1.36
C LYS A 101 -7.76 -12.23 -0.71
N ASN A 102 -7.74 -11.68 0.49
CA ASN A 102 -8.97 -11.38 1.21
C ASN A 102 -8.97 -9.95 1.74
N PRO A 103 -9.53 -9.02 0.95
CA PRO A 103 -9.61 -7.61 1.32
C PRO A 103 -10.69 -7.33 2.35
N PRO A 104 -10.50 -6.26 3.14
CA PRO A 104 -11.46 -5.87 4.18
C PRO A 104 -12.68 -5.16 3.60
N ALA A 105 -13.58 -4.73 4.48
CA ALA A 105 -14.79 -4.03 4.05
C ALA A 105 -14.91 -2.68 4.73
N GLN A 106 -14.81 -2.66 6.06
CA GLN A 106 -14.91 -1.44 6.83
C GLN A 106 -13.53 -0.86 7.12
N GLY A 107 -12.66 -0.89 6.12
CA GLY A 107 -11.31 -0.38 6.29
C GLY A 107 -10.71 -0.75 7.64
N LYS A 108 -10.64 -2.05 7.90
CA LYS A 108 -10.09 -2.55 9.14
C LYS A 108 -9.89 -4.06 9.10
N SER A 109 -8.66 -4.50 9.32
CA SER A 109 -8.34 -5.93 9.29
C SER A 109 -8.84 -6.62 10.56
N GLY A 110 -8.40 -6.11 11.71
CA GLY A 110 -8.81 -6.69 12.98
C GLY A 110 -7.73 -7.57 13.58
N PRO A 111 -6.78 -6.94 14.29
CA PRO A 111 -5.68 -7.65 14.94
C PRO A 111 -6.11 -8.35 16.23
N SER A 112 -5.19 -9.09 16.84
CA SER A 112 -5.48 -9.81 18.07
C SER A 112 -4.70 -9.22 19.25
N SER A 113 -5.43 -8.70 20.23
CA SER A 113 -4.80 -8.10 21.40
C SER A 113 -5.58 -8.46 22.67
N GLY A 114 -4.90 -8.38 23.81
CA GLY A 114 -5.54 -8.71 25.08
C GLY A 114 -6.47 -9.89 24.97
N GLY A 1 29.63 -10.93 21.67
CA GLY A 1 28.83 -10.51 20.53
C GLY A 1 29.13 -11.32 19.28
N SER A 2 28.51 -10.94 18.18
CA SER A 2 28.71 -11.64 16.91
C SER A 2 29.17 -10.67 15.82
N SER A 3 30.07 -11.14 14.97
CA SER A 3 30.59 -10.32 13.88
C SER A 3 29.65 -10.32 12.69
N GLY A 4 29.21 -11.51 12.30
CA GLY A 4 28.30 -11.63 11.17
C GLY A 4 28.78 -12.64 10.15
N SER A 5 28.05 -13.75 10.02
CA SER A 5 28.41 -14.80 9.08
C SER A 5 28.44 -14.26 7.65
N SER A 6 29.64 -13.96 7.17
CA SER A 6 29.80 -13.43 5.82
C SER A 6 29.49 -14.49 4.78
N GLY A 7 28.95 -14.06 3.64
CA GLY A 7 28.61 -14.99 2.58
C GLY A 7 27.16 -14.86 2.13
N GLU A 8 26.24 -15.29 3.00
CA GLU A 8 24.81 -15.22 2.69
C GLU A 8 24.08 -14.37 3.71
N GLY A 9 23.11 -13.58 3.23
CA GLY A 9 22.35 -12.73 4.12
C GLY A 9 21.01 -13.33 4.49
N ASP A 10 20.24 -12.60 5.29
CA ASP A 10 18.92 -13.07 5.72
C ASP A 10 17.84 -12.07 5.34
N VAL A 11 16.72 -12.57 4.84
CA VAL A 11 15.61 -11.72 4.43
C VAL A 11 14.71 -11.39 5.62
N ASN A 12 15.34 -11.14 6.77
CA ASN A 12 14.59 -10.81 7.98
C ASN A 12 13.39 -9.92 7.66
N SER A 13 12.40 -9.93 8.54
CA SER A 13 11.20 -9.12 8.35
C SER A 13 11.55 -7.76 7.77
N ALA A 14 11.38 -7.61 6.46
CA ALA A 14 11.68 -6.36 5.79
C ALA A 14 10.42 -5.77 5.16
N LYS A 15 10.21 -4.46 5.37
CA LYS A 15 9.05 -3.78 4.82
C LYS A 15 9.31 -3.31 3.40
N VAL A 16 8.72 -4.00 2.43
CA VAL A 16 8.89 -3.66 1.03
C VAL A 16 7.55 -3.63 0.31
N CYS A 17 6.51 -3.16 1.00
CA CYS A 17 5.18 -3.07 0.42
C CYS A 17 4.38 -1.94 1.05
N ALA A 18 3.66 -1.21 0.23
CA ALA A 18 2.85 -0.09 0.72
C ALA A 18 1.39 -0.22 0.26
N HIS A 19 0.47 -0.04 1.19
CA HIS A 19 -0.95 -0.14 0.88
C HIS A 19 -1.60 1.24 0.83
N ILE A 20 -2.42 1.47 -0.17
CA ILE A 20 -3.10 2.75 -0.34
C ILE A 20 -4.61 2.60 -0.14
N THR A 21 -5.17 3.47 0.69
CA THR A 21 -6.60 3.44 0.98
C THR A 21 -7.22 4.83 0.89
N ASN A 22 -8.51 4.91 1.13
CA ASN A 22 -9.23 6.20 1.08
C ASN A 22 -9.11 6.82 -0.31
N ILE A 23 -8.93 5.97 -1.32
CA ILE A 23 -8.80 6.45 -2.69
C ILE A 23 -10.10 6.23 -3.46
N PRO A 24 -10.32 7.04 -4.50
CA PRO A 24 -11.52 6.95 -5.35
C PRO A 24 -11.48 5.75 -6.28
N PHE A 25 -12.59 5.04 -6.37
CA PHE A 25 -12.69 3.86 -7.23
C PHE A 25 -13.05 4.27 -8.66
N SER A 26 -12.62 5.47 -9.05
CA SER A 26 -12.90 5.97 -10.39
C SER A 26 -11.63 6.01 -11.23
N ILE A 27 -10.48 6.05 -10.55
CA ILE A 27 -9.20 6.08 -11.23
C ILE A 27 -8.75 4.68 -11.65
N THR A 28 -7.76 4.62 -12.54
CA THR A 28 -7.24 3.35 -13.02
C THR A 28 -5.77 3.16 -12.63
N LYS A 29 -5.26 1.97 -12.84
CA LYS A 29 -3.87 1.66 -12.51
C LYS A 29 -2.96 2.82 -12.91
N MET A 30 -3.11 3.30 -14.14
CA MET A 30 -2.31 4.40 -14.63
C MET A 30 -2.26 5.54 -13.62
N ASP A 31 -3.42 5.97 -13.17
CA ASP A 31 -3.52 7.06 -12.20
C ASP A 31 -2.60 6.81 -11.01
N VAL A 32 -2.84 5.69 -10.31
CA VAL A 32 -2.03 5.33 -9.16
C VAL A 32 -0.54 5.52 -9.44
N LEU A 33 -0.08 4.90 -10.53
CA LEU A 33 1.33 5.01 -10.91
C LEU A 33 1.78 6.46 -10.98
N GLN A 34 0.88 7.32 -11.47
CA GLN A 34 1.19 8.74 -11.60
C GLN A 34 1.27 9.40 -10.23
N PHE A 35 0.71 8.75 -9.22
CA PHE A 35 0.74 9.27 -7.85
C PHE A 35 1.99 8.80 -7.12
N LEU A 36 2.56 7.70 -7.57
CA LEU A 36 3.75 7.15 -6.95
C LEU A 36 4.99 7.35 -7.84
N GLU A 37 4.96 8.44 -8.62
CA GLU A 37 6.07 8.75 -9.51
C GLU A 37 7.31 9.14 -8.73
N GLY A 38 8.45 8.56 -9.11
CA GLY A 38 9.69 8.85 -8.42
C GLY A 38 10.27 7.64 -7.72
N ILE A 39 9.41 6.67 -7.42
CA ILE A 39 9.84 5.45 -6.75
C ILE A 39 10.04 4.31 -7.73
N PRO A 40 11.31 3.97 -8.00
CA PRO A 40 11.66 2.89 -8.93
C PRO A 40 10.82 1.65 -8.71
N VAL A 41 9.80 1.47 -9.56
CA VAL A 41 8.92 0.31 -9.45
C VAL A 41 8.25 0.01 -10.79
N ASP A 42 7.84 -1.24 -10.97
CA ASP A 42 7.19 -1.65 -12.21
C ASP A 42 5.68 -1.49 -12.11
N GLU A 43 5.01 -1.48 -13.26
CA GLU A 43 3.56 -1.32 -13.30
C GLU A 43 2.87 -2.46 -12.54
N ASN A 44 3.13 -3.69 -12.96
CA ASN A 44 2.54 -4.86 -12.31
C ASN A 44 2.66 -4.76 -10.80
N ALA A 45 3.80 -4.28 -10.33
CA ALA A 45 4.03 -4.13 -8.89
C ALA A 45 2.79 -3.59 -8.18
N VAL A 46 2.00 -2.81 -8.90
CA VAL A 46 0.78 -2.23 -8.35
C VAL A 46 -0.41 -3.17 -8.55
N HIS A 47 -1.15 -3.40 -7.47
CA HIS A 47 -2.32 -4.27 -7.52
C HIS A 47 -3.59 -3.51 -7.12
N VAL A 48 -4.38 -3.13 -8.12
CA VAL A 48 -5.62 -2.40 -7.87
C VAL A 48 -6.78 -3.35 -7.62
N LEU A 49 -7.44 -3.17 -6.48
CA LEU A 49 -8.58 -4.02 -6.11
C LEU A 49 -9.78 -3.72 -7.00
N VAL A 50 -10.64 -4.72 -7.16
CA VAL A 50 -11.85 -4.57 -7.98
C VAL A 50 -12.98 -5.43 -7.46
N ASP A 51 -14.20 -5.09 -7.86
CA ASP A 51 -15.38 -5.84 -7.43
C ASP A 51 -16.10 -6.46 -8.62
N ASN A 52 -17.15 -7.22 -8.34
CA ASN A 52 -17.92 -7.88 -9.40
C ASN A 52 -18.19 -6.91 -10.55
N ASN A 53 -18.57 -5.68 -10.21
CA ASN A 53 -18.85 -4.67 -11.22
C ASN A 53 -17.56 -4.13 -11.83
N GLY A 54 -16.46 -4.26 -11.09
CA GLY A 54 -15.18 -3.78 -11.58
C GLY A 54 -14.78 -2.45 -10.96
N GLN A 55 -15.78 -1.65 -10.61
CA GLN A 55 -15.52 -0.34 -10.02
C GLN A 55 -14.47 -0.43 -8.92
N GLY A 56 -14.64 -1.41 -8.03
CA GLY A 56 -13.69 -1.61 -6.95
C GLY A 56 -14.14 -0.93 -5.67
N LEU A 57 -13.46 -1.25 -4.57
CA LEU A 57 -13.80 -0.66 -3.27
C LEU A 57 -13.08 0.66 -3.07
N GLY A 58 -11.89 0.79 -3.66
CA GLY A 58 -11.12 2.02 -3.53
C GLY A 58 -9.83 1.81 -2.78
N GLN A 59 -9.06 0.81 -3.19
CA GLN A 59 -7.78 0.50 -2.54
C GLN A 59 -6.83 -0.18 -3.52
N ALA A 60 -5.54 -0.14 -3.20
CA ALA A 60 -4.53 -0.77 -4.05
C ALA A 60 -3.24 -1.02 -3.27
N LEU A 61 -2.56 -2.11 -3.61
CA LEU A 61 -1.31 -2.47 -2.94
C LEU A 61 -0.12 -2.29 -3.87
N VAL A 62 1.06 -2.16 -3.29
CA VAL A 62 2.29 -1.98 -4.06
C VAL A 62 3.42 -2.82 -3.50
N GLN A 63 4.02 -3.63 -4.37
CA GLN A 63 5.12 -4.50 -3.96
C GLN A 63 6.46 -3.94 -4.43
N PHE A 64 7.29 -3.51 -3.48
CA PHE A 64 8.59 -2.95 -3.81
C PHE A 64 9.69 -3.99 -3.64
N LYS A 65 10.84 -3.75 -4.27
CA LYS A 65 11.97 -4.67 -4.20
C LYS A 65 12.70 -4.52 -2.87
N ASN A 66 13.06 -3.29 -2.52
CA ASN A 66 13.77 -3.02 -1.27
C ASN A 66 13.18 -1.79 -0.58
N GLU A 67 13.46 -1.66 0.71
CA GLU A 67 12.96 -0.53 1.50
C GLU A 67 13.31 0.79 0.81
N ASP A 68 14.38 0.79 0.04
CA ASP A 68 14.82 1.98 -0.68
C ASP A 68 13.65 2.63 -1.43
N ASP A 69 12.70 1.80 -1.84
CA ASP A 69 11.53 2.29 -2.57
C ASP A 69 10.39 2.58 -1.61
N ALA A 70 10.08 1.62 -0.74
CA ALA A 70 9.01 1.78 0.23
C ALA A 70 9.18 3.05 1.04
N ARG A 71 10.35 3.19 1.67
CA ARG A 71 10.63 4.37 2.49
C ARG A 71 10.13 5.64 1.81
N LYS A 72 10.03 5.59 0.48
CA LYS A 72 9.57 6.74 -0.28
C LYS A 72 8.05 6.73 -0.42
N SER A 73 7.49 5.53 -0.60
CA SER A 73 6.05 5.39 -0.75
C SER A 73 5.32 5.84 0.53
N GLU A 74 6.02 5.78 1.65
CA GLU A 74 5.44 6.17 2.93
C GLU A 74 5.46 7.69 3.09
N ARG A 75 6.47 8.32 2.49
CA ARG A 75 6.61 9.77 2.56
C ARG A 75 5.40 10.46 1.94
N LEU A 76 4.73 9.76 1.02
CA LEU A 76 3.55 10.31 0.35
C LEU A 76 2.30 10.11 1.19
N HIS A 77 2.48 9.69 2.44
CA HIS A 77 1.37 9.46 3.35
C HIS A 77 0.55 10.74 3.54
N ARG A 78 -0.76 10.59 3.63
CA ARG A 78 -1.65 11.73 3.81
C ARG A 78 -1.54 12.70 2.63
N LYS A 79 -1.60 12.16 1.42
CA LYS A 79 -1.50 12.97 0.21
C LYS A 79 -2.88 13.21 -0.38
N LYS A 80 -2.99 14.24 -1.22
CA LYS A 80 -4.26 14.59 -1.86
C LYS A 80 -4.28 14.09 -3.30
N LEU A 81 -4.88 12.92 -3.52
CA LEU A 81 -4.98 12.34 -4.85
C LEU A 81 -6.29 12.73 -5.51
N ASN A 82 -6.21 13.58 -6.54
CA ASN A 82 -7.40 14.02 -7.27
C ASN A 82 -8.34 14.78 -6.34
N GLY A 83 -7.77 15.46 -5.35
CA GLY A 83 -8.59 16.23 -4.42
C GLY A 83 -9.13 15.37 -3.29
N ARG A 84 -8.61 14.16 -3.16
CA ARG A 84 -9.05 13.23 -2.12
C ARG A 84 -7.88 12.82 -1.24
N GLU A 85 -8.11 12.83 0.08
CA GLU A 85 -7.07 12.46 1.04
C GLU A 85 -6.89 10.94 1.06
N ALA A 86 -5.66 10.49 0.76
CA ALA A 86 -5.36 9.08 0.75
C ALA A 86 -4.39 8.72 1.87
N PHE A 87 -4.45 7.47 2.32
CA PHE A 87 -3.58 7.01 3.40
C PHE A 87 -2.70 5.86 2.93
N VAL A 88 -1.40 5.95 3.20
CA VAL A 88 -0.45 4.92 2.81
C VAL A 88 0.16 4.24 4.02
N HIS A 89 0.01 2.92 4.10
CA HIS A 89 0.55 2.16 5.22
C HIS A 89 1.63 1.20 4.74
N VAL A 90 2.74 1.15 5.48
CA VAL A 90 3.86 0.29 5.14
C VAL A 90 3.76 -1.05 5.86
N VAL A 91 3.80 -2.14 5.10
CA VAL A 91 3.72 -3.48 5.67
C VAL A 91 4.69 -4.43 4.97
N THR A 92 4.67 -5.68 5.40
CA THR A 92 5.54 -6.71 4.82
C THR A 92 4.90 -7.33 3.59
N LEU A 93 5.68 -8.12 2.85
CA LEU A 93 5.19 -8.78 1.65
C LEU A 93 3.99 -9.67 1.97
N GLU A 94 4.21 -10.66 2.83
CA GLU A 94 3.13 -11.57 3.22
C GLU A 94 1.85 -10.80 3.51
N ASP A 95 1.92 -9.86 4.44
CA ASP A 95 0.75 -9.06 4.81
C ASP A 95 -0.01 -8.60 3.56
N MET A 96 0.74 -8.07 2.59
CA MET A 96 0.14 -7.58 1.35
C MET A 96 -0.68 -8.68 0.68
N ARG A 97 -0.09 -9.86 0.58
CA ARG A 97 -0.76 -11.00 -0.04
C ARG A 97 -2.05 -11.34 0.68
N GLU A 98 -1.96 -11.55 2.00
CA GLU A 98 -3.12 -11.88 2.81
C GLU A 98 -4.24 -10.86 2.58
N ILE A 99 -3.86 -9.62 2.38
CA ILE A 99 -4.83 -8.55 2.15
C ILE A 99 -5.51 -8.70 0.80
N GLU A 100 -4.71 -9.01 -0.22
CA GLU A 100 -5.23 -9.19 -1.57
C GLU A 100 -6.17 -10.38 -1.65
N LYS A 101 -5.69 -11.52 -1.18
CA LYS A 101 -6.49 -12.75 -1.19
C LYS A 101 -7.82 -12.54 -0.47
N ASN A 102 -7.77 -11.88 0.68
CA ASN A 102 -8.97 -11.61 1.46
C ASN A 102 -8.99 -10.17 1.95
N PRO A 103 -9.43 -9.25 1.08
CA PRO A 103 -9.50 -7.82 1.40
C PRO A 103 -10.12 -7.57 2.77
N PRO A 104 -9.69 -6.48 3.43
CA PRO A 104 -10.19 -6.11 4.76
C PRO A 104 -11.55 -5.44 4.68
N ALA A 105 -12.47 -5.91 5.52
CA ALA A 105 -13.82 -5.34 5.56
C ALA A 105 -13.79 -3.82 5.60
N GLN A 106 -12.88 -3.27 6.40
CA GLN A 106 -12.74 -1.83 6.52
C GLN A 106 -11.35 -1.45 7.01
N GLY A 107 -11.03 -0.16 6.94
CA GLY A 107 -9.72 0.31 7.39
C GLY A 107 -9.81 1.17 8.62
N LYS A 108 -9.91 0.52 9.79
CA LYS A 108 -9.99 1.25 11.06
C LYS A 108 -8.94 2.33 11.14
N SER A 109 -9.37 3.55 11.43
CA SER A 109 -8.47 4.69 11.53
C SER A 109 -8.23 5.07 12.99
N GLY A 110 -7.18 4.51 13.58
CA GLY A 110 -6.87 4.80 14.97
C GLY A 110 -5.38 4.69 15.25
N PRO A 111 -4.62 5.71 14.83
CA PRO A 111 -3.17 5.74 15.04
C PRO A 111 -2.80 6.16 16.45
N SER A 112 -3.58 5.69 17.44
CA SER A 112 -3.33 6.02 18.83
C SER A 112 -1.85 5.91 19.17
N SER A 113 -1.26 7.02 19.60
CA SER A 113 0.16 7.05 19.94
C SER A 113 0.38 7.81 21.25
N GLY A 114 1.47 7.49 21.94
CA GLY A 114 1.78 8.15 23.19
C GLY A 114 1.46 9.63 23.16
N GLY A 1 -5.24 -8.99 8.59
CA GLY A 1 -5.06 -7.55 8.62
C GLY A 1 -3.70 -7.14 9.16
N SER A 2 -3.67 -6.79 10.45
CA SER A 2 -2.42 -6.37 11.09
C SER A 2 -2.12 -7.23 12.31
N SER A 3 -1.45 -8.36 12.08
CA SER A 3 -1.10 -9.26 13.16
C SER A 3 0.39 -9.56 13.17
N GLY A 4 1.10 -8.97 14.12
CA GLY A 4 2.53 -9.18 14.23
C GLY A 4 3.12 -8.60 15.50
N SER A 5 4.21 -9.20 15.97
CA SER A 5 4.87 -8.73 17.20
C SER A 5 5.76 -7.52 16.92
N SER A 6 6.18 -6.85 17.98
CA SER A 6 7.03 -5.68 17.85
C SER A 6 8.50 -6.06 17.89
N GLY A 7 9.05 -6.37 16.71
CA GLY A 7 10.45 -6.76 16.63
C GLY A 7 11.37 -5.56 16.51
N GLU A 8 12.64 -5.82 16.19
CA GLU A 8 13.62 -4.76 16.07
C GLU A 8 14.12 -4.64 14.62
N GLY A 9 14.82 -5.67 14.16
CA GLY A 9 15.35 -5.67 12.81
C GLY A 9 15.61 -7.07 12.29
N ASP A 10 14.65 -7.61 11.55
CA ASP A 10 14.78 -8.96 10.99
C ASP A 10 14.91 -8.90 9.47
N VAL A 11 15.56 -9.92 8.90
CA VAL A 11 15.74 -9.98 7.46
C VAL A 11 14.79 -10.99 6.83
N ASN A 12 14.03 -11.68 7.66
CA ASN A 12 13.07 -12.68 7.19
C ASN A 12 11.79 -12.01 6.70
N SER A 13 11.35 -10.98 7.41
CA SER A 13 10.14 -10.26 7.04
C SER A 13 10.42 -8.76 6.91
N ALA A 14 10.88 -8.36 5.73
CA ALA A 14 11.18 -6.96 5.48
C ALA A 14 9.98 -6.23 4.89
N LYS A 15 9.79 -4.98 5.28
CA LYS A 15 8.68 -4.18 4.79
C LYS A 15 8.98 -3.61 3.40
N VAL A 16 8.63 -4.37 2.37
CA VAL A 16 8.87 -3.94 0.99
C VAL A 16 7.55 -3.80 0.23
N CYS A 17 6.46 -3.58 0.97
CA CYS A 17 5.15 -3.42 0.37
C CYS A 17 4.41 -2.24 0.99
N ALA A 18 3.48 -1.66 0.23
CA ALA A 18 2.70 -0.52 0.71
C ALA A 18 1.26 -0.60 0.22
N HIS A 19 0.31 -0.26 1.09
CA HIS A 19 -1.09 -0.29 0.74
C HIS A 19 -1.68 1.12 0.71
N ILE A 20 -2.43 1.42 -0.35
CA ILE A 20 -3.04 2.72 -0.50
C ILE A 20 -4.56 2.63 -0.46
N THR A 21 -5.16 3.33 0.49
CA THR A 21 -6.62 3.33 0.64
C THR A 21 -7.17 4.75 0.70
N ASN A 22 -8.49 4.87 0.64
CA ASN A 22 -9.14 6.17 0.68
C ASN A 22 -8.88 6.96 -0.59
N ILE A 23 -8.90 6.26 -1.73
CA ILE A 23 -8.67 6.91 -3.02
C ILE A 23 -9.85 6.70 -3.95
N PRO A 24 -10.16 7.72 -4.75
CA PRO A 24 -11.27 7.68 -5.72
C PRO A 24 -11.26 6.40 -6.54
N PHE A 25 -12.20 5.50 -6.25
CA PHE A 25 -12.30 4.24 -6.97
C PHE A 25 -12.54 4.48 -8.46
N SER A 26 -12.82 5.73 -8.82
CA SER A 26 -13.07 6.09 -10.21
C SER A 26 -11.81 5.91 -11.05
N ILE A 27 -10.66 6.16 -10.44
CA ILE A 27 -9.39 6.02 -11.13
C ILE A 27 -8.99 4.56 -11.28
N THR A 28 -8.00 4.29 -12.13
CA THR A 28 -7.54 2.93 -12.36
C THR A 28 -6.04 2.81 -12.07
N LYS A 29 -5.52 1.60 -12.25
CA LYS A 29 -4.10 1.34 -11.99
C LYS A 29 -3.23 2.43 -12.62
N MET A 30 -3.55 2.81 -13.86
CA MET A 30 -2.80 3.83 -14.57
C MET A 30 -2.65 5.09 -13.70
N ASP A 31 -3.77 5.61 -13.21
CA ASP A 31 -3.76 6.80 -12.37
C ASP A 31 -2.79 6.63 -11.21
N VAL A 32 -3.01 5.60 -10.40
CA VAL A 32 -2.15 5.32 -9.25
C VAL A 32 -0.68 5.49 -9.62
N LEU A 33 -0.27 4.85 -10.70
CA LEU A 33 1.11 4.92 -11.17
C LEU A 33 1.60 6.38 -11.21
N GLN A 34 0.70 7.28 -11.60
CA GLN A 34 1.04 8.70 -11.68
C GLN A 34 1.17 9.30 -10.30
N PHE A 35 0.49 8.70 -9.32
CA PHE A 35 0.55 9.19 -7.94
C PHE A 35 1.91 8.91 -7.32
N LEU A 36 2.44 7.72 -7.58
CA LEU A 36 3.75 7.33 -7.04
C LEU A 36 4.87 7.79 -7.96
N GLU A 37 4.59 8.80 -8.77
CA GLU A 37 5.59 9.34 -9.70
C GLU A 37 6.88 9.68 -8.96
N GLY A 38 7.99 9.25 -9.53
CA GLY A 38 9.29 9.51 -8.91
C GLY A 38 9.95 8.26 -8.39
N ILE A 39 9.16 7.36 -7.81
CA ILE A 39 9.68 6.11 -7.27
C ILE A 39 9.95 5.10 -8.37
N PRO A 40 11.15 4.53 -8.37
CA PRO A 40 11.56 3.53 -9.37
C PRO A 40 10.97 2.16 -9.09
N VAL A 41 9.80 1.90 -9.68
CA VAL A 41 9.13 0.62 -9.50
C VAL A 41 8.22 0.30 -10.67
N ASP A 42 8.24 -0.96 -11.11
CA ASP A 42 7.41 -1.39 -12.23
C ASP A 42 5.93 -1.18 -11.93
N GLU A 43 5.12 -1.10 -12.98
CA GLU A 43 3.68 -0.90 -12.83
C GLU A 43 3.03 -2.13 -12.21
N ASN A 44 3.43 -3.30 -12.68
CA ASN A 44 2.88 -4.56 -12.18
C ASN A 44 2.93 -4.60 -10.66
N ALA A 45 3.99 -4.01 -10.09
CA ALA A 45 4.16 -3.98 -8.65
C ALA A 45 2.87 -3.53 -7.95
N VAL A 46 2.04 -2.81 -8.69
CA VAL A 46 0.78 -2.32 -8.14
C VAL A 46 -0.37 -3.29 -8.41
N HIS A 47 -1.08 -3.66 -7.35
CA HIS A 47 -2.20 -4.59 -7.47
C HIS A 47 -3.50 -3.93 -7.03
N VAL A 48 -4.34 -3.59 -8.00
CA VAL A 48 -5.62 -2.95 -7.72
C VAL A 48 -6.69 -3.98 -7.39
N LEU A 49 -7.28 -3.85 -6.21
CA LEU A 49 -8.33 -4.78 -5.77
C LEU A 49 -9.59 -4.62 -6.62
N VAL A 50 -10.54 -5.53 -6.43
CA VAL A 50 -11.79 -5.49 -7.19
C VAL A 50 -12.94 -6.05 -6.35
N ASP A 51 -14.16 -5.71 -6.74
CA ASP A 51 -15.35 -6.19 -6.04
C ASP A 51 -16.22 -7.05 -6.94
N ASN A 52 -17.27 -7.63 -6.39
CA ASN A 52 -18.18 -8.48 -7.15
C ASN A 52 -18.56 -7.81 -8.47
N ASN A 53 -18.84 -6.51 -8.41
CA ASN A 53 -19.22 -5.76 -9.60
C ASN A 53 -18.03 -5.56 -10.52
N GLY A 54 -16.82 -5.65 -9.95
CA GLY A 54 -15.62 -5.47 -10.75
C GLY A 54 -15.32 -4.02 -11.04
N GLN A 55 -15.67 -3.15 -10.10
CA GLN A 55 -15.44 -1.72 -10.25
C GLN A 55 -14.20 -1.28 -9.48
N GLY A 56 -14.11 -1.69 -8.23
CA GLY A 56 -12.96 -1.34 -7.40
C GLY A 56 -13.37 -0.88 -6.01
N LEU A 57 -12.73 -1.46 -5.00
CA LEU A 57 -13.03 -1.11 -3.61
C LEU A 57 -12.17 0.06 -3.15
N GLY A 58 -11.79 0.93 -4.08
CA GLY A 58 -10.97 2.07 -3.75
C GLY A 58 -9.72 1.69 -2.98
N GLN A 59 -9.21 0.49 -3.24
CA GLN A 59 -8.02 0.01 -2.55
C GLN A 59 -6.99 -0.52 -3.56
N ALA A 60 -5.74 -0.09 -3.40
CA ALA A 60 -4.68 -0.53 -4.29
C ALA A 60 -3.43 -0.90 -3.50
N LEU A 61 -2.76 -1.98 -3.90
CA LEU A 61 -1.56 -2.45 -3.23
C LEU A 61 -0.33 -2.16 -4.08
N VAL A 62 0.85 -2.22 -3.45
CA VAL A 62 2.10 -1.97 -4.16
C VAL A 62 3.22 -2.84 -3.60
N GLN A 63 4.12 -3.28 -4.46
CA GLN A 63 5.24 -4.12 -4.06
C GLN A 63 6.57 -3.51 -4.51
N PHE A 64 7.59 -3.66 -3.68
CA PHE A 64 8.91 -3.13 -4.00
C PHE A 64 9.99 -4.18 -3.79
N LYS A 65 11.21 -3.86 -4.19
CA LYS A 65 12.33 -4.78 -4.04
C LYS A 65 12.94 -4.69 -2.65
N ASN A 66 13.09 -3.47 -2.15
CA ASN A 66 13.65 -3.24 -0.82
C ASN A 66 13.02 -2.02 -0.16
N GLU A 67 13.16 -1.93 1.15
CA GLU A 67 12.60 -0.81 1.90
C GLU A 67 12.96 0.52 1.25
N ASP A 68 14.21 0.65 0.81
CA ASP A 68 14.68 1.87 0.17
C ASP A 68 13.63 2.42 -0.78
N ASP A 69 12.84 1.52 -1.38
CA ASP A 69 11.80 1.91 -2.32
C ASP A 69 10.46 2.05 -1.61
N ALA A 70 10.29 1.28 -0.53
CA ALA A 70 9.05 1.31 0.25
C ALA A 70 8.94 2.60 1.05
N ARG A 71 9.96 2.89 1.85
CA ARG A 71 9.98 4.09 2.67
C ARG A 71 9.46 5.30 1.88
N LYS A 72 9.92 5.43 0.64
CA LYS A 72 9.51 6.54 -0.21
C LYS A 72 7.99 6.68 -0.21
N SER A 73 7.29 5.56 -0.27
CA SER A 73 5.83 5.57 -0.28
C SER A 73 5.28 6.28 0.96
N GLU A 74 5.93 6.05 2.10
CA GLU A 74 5.52 6.66 3.36
C GLU A 74 5.61 8.18 3.28
N ARG A 75 6.56 8.67 2.48
CA ARG A 75 6.75 10.11 2.31
C ARG A 75 5.52 10.76 1.69
N LEU A 76 4.84 10.03 0.82
CA LEU A 76 3.64 10.53 0.15
C LEU A 76 2.40 10.28 1.01
N HIS A 77 2.62 9.88 2.27
CA HIS A 77 1.53 9.61 3.18
C HIS A 77 0.67 10.86 3.39
N ARG A 78 -0.63 10.65 3.62
CA ARG A 78 -1.54 11.76 3.83
C ARG A 78 -1.46 12.76 2.69
N LYS A 79 -1.30 12.26 1.47
CA LYS A 79 -1.21 13.11 0.29
C LYS A 79 -2.59 13.37 -0.31
N LYS A 80 -2.68 14.35 -1.19
CA LYS A 80 -3.94 14.70 -1.83
C LYS A 80 -3.95 14.23 -3.29
N LEU A 81 -4.73 13.19 -3.56
CA LEU A 81 -4.84 12.64 -4.89
C LEU A 81 -6.15 13.04 -5.54
N ASN A 82 -6.07 13.95 -6.52
CA ASN A 82 -7.26 14.42 -7.22
C ASN A 82 -8.24 15.07 -6.26
N GLY A 83 -7.72 15.60 -5.16
CA GLY A 83 -8.56 16.25 -4.16
C GLY A 83 -9.09 15.29 -3.13
N ARG A 84 -8.43 14.14 -3.00
CA ARG A 84 -8.85 13.13 -2.03
C ARG A 84 -7.65 12.61 -1.24
N GLU A 85 -7.67 12.84 0.07
CA GLU A 85 -6.60 12.40 0.95
C GLU A 85 -6.40 10.89 0.86
N ALA A 86 -5.16 10.48 0.60
CA ALA A 86 -4.84 9.06 0.49
C ALA A 86 -3.95 8.60 1.64
N PHE A 87 -4.16 7.37 2.10
CA PHE A 87 -3.37 6.81 3.19
C PHE A 87 -2.50 5.67 2.71
N VAL A 88 -1.19 5.80 2.92
CA VAL A 88 -0.25 4.77 2.51
C VAL A 88 0.33 4.03 3.72
N HIS A 89 -0.01 2.75 3.84
CA HIS A 89 0.47 1.94 4.95
C HIS A 89 1.61 1.03 4.50
N VAL A 90 2.47 0.65 5.44
CA VAL A 90 3.59 -0.22 5.15
C VAL A 90 3.41 -1.61 5.76
N VAL A 91 3.29 -2.62 4.90
CA VAL A 91 3.10 -3.99 5.36
C VAL A 91 4.10 -4.93 4.69
N THR A 92 4.22 -6.13 5.24
CA THR A 92 5.14 -7.12 4.70
C THR A 92 4.49 -7.91 3.56
N LEU A 93 5.33 -8.47 2.69
CA LEU A 93 4.84 -9.24 1.55
C LEU A 93 3.78 -10.24 1.99
N GLU A 94 4.06 -10.96 3.07
CA GLU A 94 3.14 -11.96 3.60
C GLU A 94 1.78 -11.32 3.92
N ASP A 95 1.82 -10.13 4.50
CA ASP A 95 0.59 -9.42 4.86
C ASP A 95 -0.17 -9.00 3.60
N MET A 96 0.55 -8.48 2.62
CA MET A 96 -0.06 -8.04 1.37
C MET A 96 -0.74 -9.21 0.66
N ARG A 97 -0.02 -10.32 0.52
CA ARG A 97 -0.54 -11.50 -0.15
C ARG A 97 -1.90 -11.89 0.44
N GLU A 98 -2.03 -11.77 1.75
CA GLU A 98 -3.27 -12.11 2.43
C GLU A 98 -4.38 -11.13 2.06
N ILE A 99 -4.10 -9.84 2.16
CA ILE A 99 -5.06 -8.81 1.83
C ILE A 99 -5.60 -8.98 0.41
N GLU A 100 -4.68 -9.24 -0.52
CA GLU A 100 -5.06 -9.43 -1.91
C GLU A 100 -6.08 -10.55 -2.06
N LYS A 101 -5.70 -11.75 -1.62
CA LYS A 101 -6.59 -12.90 -1.69
C LYS A 101 -7.92 -12.61 -0.99
N ASN A 102 -7.84 -12.15 0.25
CA ASN A 102 -9.04 -11.83 1.02
C ASN A 102 -8.99 -10.40 1.54
N PRO A 103 -9.41 -9.45 0.70
CA PRO A 103 -9.42 -8.03 1.05
C PRO A 103 -9.99 -7.78 2.45
N PRO A 104 -9.78 -6.56 2.97
CA PRO A 104 -10.27 -6.18 4.30
C PRO A 104 -11.76 -5.87 4.30
N ALA A 105 -12.49 -6.52 5.21
CA ALA A 105 -13.93 -6.32 5.31
C ALA A 105 -14.28 -5.55 6.59
N GLN A 106 -14.49 -4.24 6.45
CA GLN A 106 -14.83 -3.40 7.60
C GLN A 106 -13.98 -3.76 8.81
N GLY A 107 -12.70 -4.06 8.56
CA GLY A 107 -11.80 -4.40 9.65
C GLY A 107 -10.74 -3.35 9.88
N LYS A 108 -9.54 -3.58 9.34
CA LYS A 108 -8.45 -2.64 9.50
C LYS A 108 -8.51 -1.94 10.86
N SER A 109 -8.59 -2.74 11.92
CA SER A 109 -8.66 -2.21 13.27
C SER A 109 -7.32 -2.38 14.00
N GLY A 110 -7.17 -1.68 15.12
CA GLY A 110 -5.94 -1.78 15.88
C GLY A 110 -5.04 -0.58 15.69
N PRO A 111 -4.32 -0.19 16.75
CA PRO A 111 -3.40 0.96 16.71
C PRO A 111 -2.51 0.94 15.48
N SER A 112 -2.74 1.89 14.58
CA SER A 112 -1.95 1.99 13.34
C SER A 112 -0.46 2.05 13.66
N SER A 113 0.26 1.00 13.27
CA SER A 113 1.70 0.92 13.51
C SER A 113 2.46 0.66 12.21
N GLY A 114 2.05 1.38 11.16
CA GLY A 114 2.70 1.21 9.87
C GLY A 114 1.73 0.80 8.77
N GLY A 1 -5.63 -6.30 25.08
CA GLY A 1 -4.29 -5.77 25.24
C GLY A 1 -4.23 -4.26 25.09
N SER A 2 -3.10 -3.67 25.49
CA SER A 2 -2.93 -2.23 25.40
C SER A 2 -2.93 -1.77 23.95
N SER A 3 -3.13 -0.46 23.75
CA SER A 3 -3.17 0.10 22.40
C SER A 3 -2.17 1.26 22.28
N GLY A 4 -1.18 1.07 21.41
CA GLY A 4 -0.17 2.11 21.22
C GLY A 4 0.70 1.85 20.00
N SER A 5 2.01 1.96 20.18
CA SER A 5 2.95 1.74 19.08
C SER A 5 4.03 0.75 19.49
N SER A 6 4.02 -0.42 18.87
CA SER A 6 5.01 -1.46 19.16
C SER A 6 5.31 -2.28 17.91
N GLY A 7 6.38 -3.06 17.98
CA GLY A 7 6.77 -3.89 16.86
C GLY A 7 7.97 -3.33 16.11
N GLU A 8 9.16 -3.63 16.58
CA GLU A 8 10.38 -3.15 15.96
C GLU A 8 10.47 -3.62 14.51
N GLY A 9 10.46 -4.93 14.31
CA GLY A 9 10.54 -5.49 12.98
C GLY A 9 11.86 -6.19 12.72
N ASP A 10 11.90 -7.48 13.01
CA ASP A 10 13.12 -8.27 12.80
C ASP A 10 13.63 -8.12 11.37
N VAL A 11 14.87 -8.55 11.14
CA VAL A 11 15.47 -8.47 9.82
C VAL A 11 14.92 -9.55 8.89
N ASN A 12 14.08 -10.41 9.44
CA ASN A 12 13.49 -11.50 8.67
C ASN A 12 12.37 -10.97 7.77
N SER A 13 11.47 -10.18 8.36
CA SER A 13 10.35 -9.62 7.62
C SER A 13 10.53 -8.12 7.41
N ALA A 14 11.20 -7.76 6.32
CA ALA A 14 11.44 -6.35 6.00
C ALA A 14 10.23 -5.73 5.32
N LYS A 15 10.00 -4.45 5.59
CA LYS A 15 8.88 -3.73 5.00
C LYS A 15 9.21 -3.23 3.60
N VAL A 16 8.77 -3.97 2.59
CA VAL A 16 9.02 -3.60 1.20
C VAL A 16 7.73 -3.48 0.41
N CYS A 17 6.61 -3.37 1.13
CA CYS A 17 5.31 -3.25 0.50
C CYS A 17 4.47 -2.17 1.18
N ALA A 18 3.68 -1.45 0.40
CA ALA A 18 2.83 -0.39 0.92
C ALA A 18 1.40 -0.52 0.40
N HIS A 19 0.44 -0.19 1.26
CA HIS A 19 -0.97 -0.27 0.88
C HIS A 19 -1.60 1.12 0.82
N ILE A 20 -2.25 1.42 -0.30
CA ILE A 20 -2.89 2.71 -0.48
C ILE A 20 -4.40 2.60 -0.39
N THR A 21 -4.99 3.27 0.59
CA THR A 21 -6.43 3.24 0.79
C THR A 21 -7.01 4.66 0.85
N ASN A 22 -8.34 4.74 0.92
CA ASN A 22 -9.02 6.04 0.99
C ASN A 22 -8.85 6.80 -0.32
N ILE A 23 -8.65 6.06 -1.41
CA ILE A 23 -8.48 6.67 -2.72
C ILE A 23 -9.78 6.63 -3.52
N PRO A 24 -9.91 7.56 -4.48
CA PRO A 24 -11.10 7.65 -5.33
C PRO A 24 -11.12 6.58 -6.42
N PHE A 25 -12.19 5.78 -6.44
CA PHE A 25 -12.32 4.72 -7.42
C PHE A 25 -12.58 5.30 -8.82
N SER A 26 -12.64 6.63 -8.90
CA SER A 26 -12.88 7.30 -10.16
C SER A 26 -11.67 7.18 -11.09
N ILE A 27 -10.50 7.00 -10.49
CA ILE A 27 -9.27 6.87 -11.25
C ILE A 27 -9.00 5.42 -11.63
N THR A 28 -8.03 5.20 -12.52
CA THR A 28 -7.68 3.86 -12.96
C THR A 28 -6.24 3.53 -12.61
N LYS A 29 -5.92 2.23 -12.60
CA LYS A 29 -4.57 1.78 -12.29
C LYS A 29 -3.53 2.74 -12.84
N MET A 30 -3.66 3.09 -14.11
CA MET A 30 -2.73 4.01 -14.76
C MET A 30 -2.54 5.27 -13.93
N ASP A 31 -3.64 5.88 -13.51
CA ASP A 31 -3.60 7.09 -12.70
C ASP A 31 -2.73 6.88 -11.47
N VAL A 32 -2.93 5.75 -10.79
CA VAL A 32 -2.16 5.44 -9.59
C VAL A 32 -0.66 5.52 -9.86
N LEU A 33 -0.22 4.94 -10.98
CA LEU A 33 1.19 4.95 -11.35
C LEU A 33 1.73 6.37 -11.37
N GLN A 34 0.88 7.34 -11.70
CA GLN A 34 1.28 8.74 -11.75
C GLN A 34 1.55 9.27 -10.35
N PHE A 35 0.75 8.83 -9.38
CA PHE A 35 0.91 9.25 -8.00
C PHE A 35 2.16 8.65 -7.38
N LEU A 36 2.70 7.62 -8.02
CA LEU A 36 3.89 6.94 -7.54
C LEU A 36 5.13 7.40 -8.31
N GLU A 37 5.07 8.61 -8.86
CA GLU A 37 6.18 9.16 -9.63
C GLU A 37 7.38 9.43 -8.72
N GLY A 38 8.54 8.91 -9.11
CA GLY A 38 9.74 9.11 -8.32
C GLY A 38 10.16 7.86 -7.59
N ILE A 39 9.25 6.89 -7.50
CA ILE A 39 9.54 5.63 -6.81
C ILE A 39 9.72 4.49 -7.81
N PRO A 40 10.98 4.13 -8.07
CA PRO A 40 11.31 3.05 -9.00
C PRO A 40 10.48 1.80 -8.75
N VAL A 41 9.56 1.50 -9.67
CA VAL A 41 8.71 0.33 -9.55
C VAL A 41 7.98 0.04 -10.86
N ASP A 42 7.68 -1.23 -11.10
CA ASP A 42 7.00 -1.63 -12.32
C ASP A 42 5.48 -1.51 -12.15
N GLU A 43 4.76 -1.57 -13.26
CA GLU A 43 3.31 -1.47 -13.23
C GLU A 43 2.68 -2.67 -12.53
N ASN A 44 3.29 -3.84 -12.72
CA ASN A 44 2.80 -5.06 -12.10
C ASN A 44 2.90 -4.99 -10.58
N ALA A 45 3.92 -4.27 -10.10
CA ALA A 45 4.12 -4.12 -8.66
C ALA A 45 2.86 -3.60 -7.98
N VAL A 46 1.95 -3.04 -8.76
CA VAL A 46 0.70 -2.51 -8.23
C VAL A 46 -0.46 -3.46 -8.51
N HIS A 47 -1.18 -3.84 -7.46
CA HIS A 47 -2.31 -4.74 -7.59
C HIS A 47 -3.62 -4.05 -7.19
N VAL A 48 -4.59 -4.04 -8.11
CA VAL A 48 -5.87 -3.41 -7.84
C VAL A 48 -6.85 -4.40 -7.21
N LEU A 49 -7.49 -3.98 -6.13
CA LEU A 49 -8.45 -4.82 -5.44
C LEU A 49 -9.84 -4.70 -6.06
N VAL A 50 -10.67 -5.71 -5.84
CA VAL A 50 -12.03 -5.71 -6.38
C VAL A 50 -12.99 -6.46 -5.46
N ASP A 51 -14.28 -6.23 -5.64
CA ASP A 51 -15.30 -6.87 -4.82
C ASP A 51 -16.21 -7.74 -5.69
N ASN A 52 -17.05 -8.54 -5.04
CA ASN A 52 -17.98 -9.41 -5.74
C ASN A 52 -18.65 -8.68 -6.90
N ASN A 53 -19.15 -7.47 -6.61
CA ASN A 53 -19.82 -6.67 -7.62
C ASN A 53 -18.82 -6.14 -8.65
N GLY A 54 -17.55 -6.09 -8.27
CA GLY A 54 -16.52 -5.61 -9.17
C GLY A 54 -16.68 -4.14 -9.49
N GLN A 55 -16.97 -3.34 -8.47
CA GLN A 55 -17.15 -1.90 -8.64
C GLN A 55 -15.94 -1.14 -8.13
N GLY A 56 -15.09 -1.83 -7.36
CA GLY A 56 -13.90 -1.20 -6.82
C GLY A 56 -14.18 -0.43 -5.54
N LEU A 57 -13.39 -0.69 -4.51
CA LEU A 57 -13.56 -0.01 -3.22
C LEU A 57 -12.38 0.90 -2.93
N GLY A 58 -11.77 1.43 -3.99
CA GLY A 58 -10.64 2.32 -3.82
C GLY A 58 -9.56 1.73 -2.93
N GLN A 59 -8.80 0.78 -3.47
CA GLN A 59 -7.73 0.14 -2.72
C GLN A 59 -6.74 -0.55 -3.65
N ALA A 60 -5.45 -0.30 -3.42
CA ALA A 60 -4.40 -0.89 -4.24
C ALA A 60 -3.15 -1.15 -3.41
N LEU A 61 -2.46 -2.25 -3.73
CA LEU A 61 -1.24 -2.62 -3.01
C LEU A 61 -0.01 -2.42 -3.90
N VAL A 62 1.13 -2.14 -3.27
CA VAL A 62 2.37 -1.94 -4.01
C VAL A 62 3.51 -2.76 -3.40
N GLN A 63 4.34 -3.34 -4.25
CA GLN A 63 5.47 -4.15 -3.80
C GLN A 63 6.78 -3.61 -4.35
N PHE A 64 7.81 -3.63 -3.52
CA PHE A 64 9.12 -3.14 -3.91
C PHE A 64 10.20 -4.18 -3.65
N LYS A 65 11.39 -3.96 -4.19
CA LYS A 65 12.51 -4.87 -4.01
C LYS A 65 13.25 -4.58 -2.72
N ASN A 66 13.58 -3.30 -2.51
CA ASN A 66 14.30 -2.89 -1.31
C ASN A 66 13.56 -1.76 -0.60
N GLU A 67 13.70 -1.71 0.73
CA GLU A 67 13.03 -0.69 1.52
C GLU A 67 13.33 0.71 0.97
N ASP A 68 14.54 0.87 0.43
CA ASP A 68 14.94 2.16 -0.13
C ASP A 68 13.80 2.81 -0.90
N ASP A 69 12.97 1.98 -1.52
CA ASP A 69 11.83 2.48 -2.29
C ASP A 69 10.56 2.47 -1.44
N ALA A 70 10.54 1.61 -0.42
CA ALA A 70 9.38 1.51 0.45
C ALA A 70 9.27 2.72 1.36
N ARG A 71 10.39 3.09 2.00
CA ARG A 71 10.42 4.23 2.90
C ARG A 71 9.95 5.49 2.19
N LYS A 72 9.87 5.43 0.87
CA LYS A 72 9.43 6.56 0.06
C LYS A 72 7.91 6.55 -0.12
N SER A 73 7.39 5.45 -0.65
CA SER A 73 5.96 5.32 -0.87
C SER A 73 5.17 5.85 0.32
N GLU A 74 5.67 5.60 1.52
CA GLU A 74 5.02 6.05 2.74
C GLU A 74 5.09 7.56 2.87
N ARG A 75 6.20 8.13 2.41
CA ARG A 75 6.39 9.57 2.48
C ARG A 75 5.20 10.31 1.88
N LEU A 76 4.51 9.66 0.94
CA LEU A 76 3.36 10.26 0.29
C LEU A 76 2.10 10.08 1.15
N HIS A 77 2.30 9.76 2.42
CA HIS A 77 1.19 9.56 3.34
C HIS A 77 0.38 10.85 3.50
N ARG A 78 -0.90 10.69 3.79
CA ARG A 78 -1.79 11.84 3.96
C ARG A 78 -1.69 12.79 2.78
N LYS A 79 -1.63 12.23 1.58
CA LYS A 79 -1.54 13.03 0.36
C LYS A 79 -2.91 13.21 -0.28
N LYS A 80 -3.04 14.27 -1.08
CA LYS A 80 -4.30 14.57 -1.75
C LYS A 80 -4.27 14.07 -3.19
N LEU A 81 -5.06 13.03 -3.47
CA LEU A 81 -5.13 12.47 -4.81
C LEU A 81 -6.48 12.74 -5.45
N ASN A 82 -6.49 13.55 -6.50
CA ASN A 82 -7.72 13.89 -7.20
C ASN A 82 -8.70 14.60 -6.27
N GLY A 83 -8.16 15.44 -5.38
CA GLY A 83 -9.00 16.17 -4.46
C GLY A 83 -9.52 15.29 -3.32
N ARG A 84 -8.89 14.13 -3.15
CA ARG A 84 -9.29 13.20 -2.10
C ARG A 84 -8.07 12.66 -1.36
N GLU A 85 -8.00 12.95 -0.06
CA GLU A 85 -6.88 12.50 0.76
C GLU A 85 -6.70 10.99 0.65
N ALA A 86 -5.46 10.53 0.74
CA ALA A 86 -5.15 9.11 0.64
C ALA A 86 -4.17 8.69 1.73
N PHE A 87 -4.48 7.57 2.39
CA PHE A 87 -3.61 7.06 3.45
C PHE A 87 -2.76 5.90 2.96
N VAL A 88 -1.46 5.98 3.18
CA VAL A 88 -0.54 4.94 2.75
C VAL A 88 0.10 4.24 3.96
N HIS A 89 0.01 2.91 3.96
CA HIS A 89 0.58 2.13 5.06
C HIS A 89 1.77 1.31 4.58
N VAL A 90 2.62 0.91 5.51
CA VAL A 90 3.82 0.13 5.19
C VAL A 90 3.75 -1.26 5.83
N VAL A 91 3.77 -2.29 5.00
CA VAL A 91 3.72 -3.66 5.49
C VAL A 91 4.79 -4.52 4.83
N THR A 92 4.89 -5.78 5.26
CA THR A 92 5.86 -6.70 4.70
C THR A 92 5.27 -7.52 3.56
N LEU A 93 6.13 -8.08 2.72
CA LEU A 93 5.69 -8.88 1.59
C LEU A 93 4.65 -9.91 2.03
N GLU A 94 4.95 -10.63 3.10
CA GLU A 94 4.05 -11.65 3.63
C GLU A 94 2.67 -11.05 3.92
N ASP A 95 2.66 -9.87 4.53
CA ASP A 95 1.42 -9.20 4.87
C ASP A 95 0.65 -8.81 3.60
N MET A 96 1.34 -8.15 2.68
CA MET A 96 0.73 -7.73 1.43
C MET A 96 0.04 -8.90 0.73
N ARG A 97 0.76 -10.02 0.61
CA ARG A 97 0.22 -11.21 -0.03
C ARG A 97 -1.14 -11.57 0.56
N GLU A 98 -1.16 -11.80 1.88
CA GLU A 98 -2.39 -12.17 2.56
C GLU A 98 -3.53 -11.23 2.18
N ILE A 99 -3.35 -9.95 2.47
CA ILE A 99 -4.36 -8.94 2.16
C ILE A 99 -4.99 -9.20 0.80
N GLU A 100 -4.16 -9.58 -0.17
CA GLU A 100 -4.63 -9.86 -1.52
C GLU A 100 -5.80 -10.86 -1.50
N LYS A 101 -5.60 -11.96 -0.78
CA LYS A 101 -6.63 -12.99 -0.68
C LYS A 101 -7.71 -12.58 0.32
N ASN A 102 -7.28 -12.11 1.50
CA ASN A 102 -8.20 -11.68 2.53
C ASN A 102 -8.08 -10.18 2.79
N PRO A 103 -8.76 -9.38 1.96
CA PRO A 103 -8.73 -7.92 2.08
C PRO A 103 -9.59 -7.42 3.24
N PRO A 104 -9.46 -6.12 3.57
CA PRO A 104 -10.22 -5.50 4.65
C PRO A 104 -11.68 -5.26 4.28
N ALA A 105 -12.40 -4.56 5.16
CA ALA A 105 -13.80 -4.26 4.91
C ALA A 105 -14.65 -5.54 4.92
N GLN A 106 -14.40 -6.41 5.90
CA GLN A 106 -15.13 -7.65 6.00
C GLN A 106 -14.70 -8.64 4.92
N GLY A 107 -13.38 -8.79 4.76
CA GLY A 107 -12.86 -9.70 3.76
C GLY A 107 -12.07 -10.84 4.37
N LYS A 108 -11.88 -10.79 5.69
CA LYS A 108 -11.14 -11.83 6.40
C LYS A 108 -12.01 -12.50 7.46
N SER A 109 -13.31 -12.58 7.18
CA SER A 109 -14.25 -13.20 8.11
C SER A 109 -13.85 -14.64 8.40
N GLY A 110 -13.44 -15.36 7.37
CA GLY A 110 -13.04 -16.74 7.54
C GLY A 110 -14.23 -17.68 7.65
N PRO A 111 -14.07 -18.74 8.46
CA PRO A 111 -15.13 -19.73 8.67
C PRO A 111 -16.49 -19.09 8.91
N SER A 112 -17.50 -19.59 8.21
CA SER A 112 -18.86 -19.06 8.35
C SER A 112 -19.45 -19.42 9.71
N SER A 113 -19.63 -20.72 9.95
CA SER A 113 -20.19 -21.19 11.21
C SER A 113 -19.18 -21.04 12.34
N GLY A 114 -19.64 -21.25 13.57
CA GLY A 114 -18.77 -21.13 14.72
C GLY A 114 -18.32 -22.48 15.25
N GLY A 1 4.85 -9.21 28.25
CA GLY A 1 6.22 -9.13 27.77
C GLY A 1 6.74 -10.47 27.30
N SER A 2 6.03 -11.10 26.36
CA SER A 2 6.43 -12.40 25.83
C SER A 2 7.19 -12.23 24.52
N SER A 3 8.09 -11.26 24.48
CA SER A 3 8.88 -11.00 23.29
C SER A 3 10.35 -11.33 23.53
N GLY A 4 10.95 -10.68 24.53
CA GLY A 4 12.34 -10.92 24.85
C GLY A 4 13.16 -9.64 24.87
N SER A 5 14.30 -9.66 24.19
CA SER A 5 15.18 -8.50 24.14
C SER A 5 15.53 -8.14 22.69
N SER A 6 14.93 -7.07 22.19
CA SER A 6 15.18 -6.63 20.83
C SER A 6 16.56 -5.99 20.70
N GLY A 7 17.18 -6.15 19.53
CA GLY A 7 18.50 -5.59 19.31
C GLY A 7 18.66 -5.04 17.91
N GLU A 8 19.27 -5.84 17.03
CA GLU A 8 19.49 -5.42 15.66
C GLU A 8 18.42 -6.01 14.73
N GLY A 9 17.98 -5.22 13.76
CA GLY A 9 16.97 -5.67 12.82
C GLY A 9 17.41 -6.89 12.05
N ASP A 10 16.50 -7.45 11.26
CA ASP A 10 16.79 -8.64 10.47
C ASP A 10 16.29 -8.47 9.04
N VAL A 11 17.12 -8.84 8.08
CA VAL A 11 16.76 -8.73 6.66
C VAL A 11 15.47 -9.49 6.37
N ASN A 12 15.14 -10.44 7.24
CA ASN A 12 13.93 -11.24 7.08
C ASN A 12 12.68 -10.42 7.41
N SER A 13 11.53 -10.86 6.91
CA SER A 13 10.28 -10.18 7.16
C SER A 13 10.45 -8.66 7.03
N ALA A 14 11.01 -8.23 5.91
CA ALA A 14 11.24 -6.81 5.66
C ALA A 14 9.99 -6.15 5.10
N LYS A 15 9.78 -4.89 5.46
CA LYS A 15 8.62 -4.14 4.98
C LYS A 15 8.88 -3.56 3.60
N VAL A 16 8.45 -4.28 2.56
CA VAL A 16 8.64 -3.84 1.19
C VAL A 16 7.30 -3.75 0.46
N CYS A 17 6.28 -3.27 1.15
CA CYS A 17 4.95 -3.14 0.57
C CYS A 17 4.22 -1.93 1.15
N ALA A 18 3.29 -1.38 0.38
CA ALA A 18 2.52 -0.22 0.82
C ALA A 18 1.08 -0.29 0.31
N HIS A 19 0.13 -0.12 1.21
CA HIS A 19 -1.29 -0.16 0.85
C HIS A 19 -1.88 1.25 0.81
N ILE A 20 -2.52 1.58 -0.31
CA ILE A 20 -3.12 2.89 -0.48
C ILE A 20 -4.64 2.81 -0.35
N THR A 21 -5.19 3.55 0.60
CA THR A 21 -6.63 3.56 0.83
C THR A 21 -7.19 4.98 0.74
N ASN A 22 -8.51 5.10 0.79
CA ASN A 22 -9.17 6.40 0.71
C ASN A 22 -9.01 7.00 -0.67
N ILE A 23 -9.06 6.15 -1.70
CA ILE A 23 -8.94 6.60 -3.08
C ILE A 23 -10.22 6.35 -3.86
N PRO A 24 -10.45 7.18 -4.89
CA PRO A 24 -11.64 7.06 -5.74
C PRO A 24 -11.53 5.91 -6.73
N PHE A 25 -12.57 5.08 -6.79
CA PHE A 25 -12.59 3.94 -7.70
C PHE A 25 -12.72 4.39 -9.14
N SER A 26 -12.83 5.71 -9.33
CA SER A 26 -12.96 6.27 -10.67
C SER A 26 -11.65 6.15 -11.46
N ILE A 27 -10.54 6.13 -10.73
CA ILE A 27 -9.23 6.01 -11.35
C ILE A 27 -8.84 4.55 -11.54
N THR A 28 -7.81 4.31 -12.35
CA THR A 28 -7.34 2.96 -12.62
C THR A 28 -5.86 2.82 -12.31
N LYS A 29 -5.36 1.59 -12.38
CA LYS A 29 -3.95 1.32 -12.11
C LYS A 29 -3.06 2.35 -12.79
N MET A 30 -3.41 2.72 -14.02
CA MET A 30 -2.64 3.71 -14.77
C MET A 30 -2.48 5.00 -13.97
N ASP A 31 -3.60 5.49 -13.43
CA ASP A 31 -3.59 6.73 -12.65
C ASP A 31 -2.68 6.58 -11.43
N VAL A 32 -2.96 5.56 -10.61
CA VAL A 32 -2.17 5.32 -9.41
C VAL A 32 -0.68 5.46 -9.69
N LEU A 33 -0.25 5.01 -10.87
CA LEU A 33 1.16 5.09 -11.25
C LEU A 33 1.62 6.55 -11.31
N GLN A 34 0.73 7.43 -11.74
CA GLN A 34 1.05 8.85 -11.84
C GLN A 34 1.26 9.45 -10.45
N PHE A 35 0.65 8.83 -9.45
CA PHE A 35 0.78 9.32 -8.07
C PHE A 35 2.10 8.89 -7.47
N LEU A 36 2.64 7.77 -7.95
CA LEU A 36 3.91 7.26 -7.44
C LEU A 36 5.05 7.63 -8.38
N GLU A 37 4.90 8.75 -9.09
CA GLU A 37 5.92 9.21 -10.01
C GLU A 37 7.19 9.61 -9.27
N GLY A 38 8.30 8.95 -9.61
CA GLY A 38 9.56 9.26 -8.97
C GLY A 38 10.19 8.04 -8.32
N ILE A 39 9.36 7.10 -7.88
CA ILE A 39 9.84 5.89 -7.24
C ILE A 39 9.93 4.73 -8.23
N PRO A 40 11.17 4.36 -8.59
CA PRO A 40 11.42 3.27 -9.54
C PRO A 40 10.55 2.05 -9.26
N VAL A 41 9.40 1.99 -9.91
CA VAL A 41 8.48 0.86 -9.74
C VAL A 41 7.65 0.64 -10.99
N ASP A 42 7.46 -0.63 -11.36
CA ASP A 42 6.68 -0.98 -12.54
C ASP A 42 5.19 -1.01 -12.22
N GLU A 43 4.37 -1.20 -13.24
CA GLU A 43 2.93 -1.25 -13.06
C GLU A 43 2.50 -2.54 -12.36
N ASN A 44 3.09 -3.66 -12.79
CA ASN A 44 2.79 -4.96 -12.20
C ASN A 44 2.97 -4.93 -10.68
N ALA A 45 3.93 -4.13 -10.23
CA ALA A 45 4.21 -4.01 -8.80
C ALA A 45 2.97 -3.57 -8.03
N VAL A 46 2.05 -2.93 -8.73
CA VAL A 46 0.81 -2.45 -8.12
C VAL A 46 -0.34 -3.41 -8.39
N HIS A 47 -1.10 -3.74 -7.36
CA HIS A 47 -2.24 -4.64 -7.49
C HIS A 47 -3.52 -3.98 -7.03
N VAL A 48 -4.36 -3.57 -7.98
CA VAL A 48 -5.62 -2.91 -7.66
C VAL A 48 -6.67 -3.93 -7.20
N LEU A 49 -7.34 -3.61 -6.09
CA LEU A 49 -8.37 -4.50 -5.55
C LEU A 49 -9.67 -4.37 -6.33
N VAL A 50 -10.55 -5.35 -6.16
CA VAL A 50 -11.84 -5.34 -6.85
C VAL A 50 -12.91 -6.03 -6.01
N ASP A 51 -14.17 -5.72 -6.31
CA ASP A 51 -15.29 -6.32 -5.58
C ASP A 51 -16.17 -7.14 -6.51
N ASN A 52 -17.26 -7.68 -5.98
CA ASN A 52 -18.17 -8.50 -6.76
C ASN A 52 -18.57 -7.78 -8.06
N ASN A 53 -18.75 -6.47 -7.97
CA ASN A 53 -19.12 -5.67 -9.13
C ASN A 53 -17.91 -5.44 -10.04
N GLY A 54 -16.72 -5.64 -9.49
CA GLY A 54 -15.51 -5.45 -10.27
C GLY A 54 -15.03 -4.01 -10.26
N GLN A 55 -15.97 -3.07 -10.21
CA GLN A 55 -15.64 -1.66 -10.20
C GLN A 55 -14.66 -1.34 -9.07
N GLY A 56 -14.72 -2.13 -8.00
CA GLY A 56 -13.84 -1.91 -6.86
C GLY A 56 -14.44 -0.98 -5.83
N LEU A 57 -13.68 -0.70 -4.78
CA LEU A 57 -14.14 0.19 -3.71
C LEU A 57 -13.23 1.40 -3.58
N GLY A 58 -11.95 1.22 -3.91
CA GLY A 58 -11.00 2.31 -3.82
C GLY A 58 -9.78 1.95 -2.99
N GLN A 59 -9.02 0.96 -3.45
CA GLN A 59 -7.83 0.52 -2.73
C GLN A 59 -6.87 -0.18 -3.68
N ALA A 60 -5.57 0.00 -3.44
CA ALA A 60 -4.54 -0.62 -4.27
C ALA A 60 -3.28 -0.92 -3.45
N LEU A 61 -2.60 -2.01 -3.80
CA LEU A 61 -1.38 -2.39 -3.10
C LEU A 61 -0.16 -2.18 -3.98
N VAL A 62 0.97 -1.89 -3.34
CA VAL A 62 2.23 -1.66 -4.07
C VAL A 62 3.37 -2.44 -3.45
N GLN A 63 4.13 -3.14 -4.29
CA GLN A 63 5.26 -3.93 -3.81
C GLN A 63 6.57 -3.40 -4.39
N PHE A 64 7.58 -3.28 -3.53
CA PHE A 64 8.89 -2.79 -3.96
C PHE A 64 9.95 -3.87 -3.83
N LYS A 65 11.10 -3.64 -4.44
CA LYS A 65 12.20 -4.60 -4.39
C LYS A 65 12.90 -4.55 -3.04
N ASN A 66 13.26 -3.34 -2.61
CA ASN A 66 13.94 -3.16 -1.33
C ASN A 66 13.31 -2.01 -0.55
N GLU A 67 13.48 -2.04 0.77
CA GLU A 67 12.94 -1.00 1.64
C GLU A 67 13.30 0.39 1.11
N ASP A 68 14.43 0.47 0.41
CA ASP A 68 14.89 1.74 -0.14
C ASP A 68 13.71 2.54 -0.70
N ASP A 69 12.90 1.90 -1.53
CA ASP A 69 11.75 2.56 -2.14
C ASP A 69 10.58 2.60 -1.15
N ALA A 70 10.46 1.57 -0.33
CA ALA A 70 9.38 1.49 0.64
C ALA A 70 9.39 2.72 1.56
N ARG A 71 10.52 2.97 2.21
CA ARG A 71 10.66 4.10 3.11
C ARG A 71 10.25 5.40 2.42
N LYS A 72 10.41 5.43 1.10
CA LYS A 72 10.05 6.60 0.31
C LYS A 72 8.55 6.71 0.12
N SER A 73 7.93 5.60 -0.28
CA SER A 73 6.49 5.57 -0.49
C SER A 73 5.74 6.06 0.75
N GLU A 74 6.19 5.60 1.92
CA GLU A 74 5.56 6.00 3.17
C GLU A 74 5.65 7.51 3.38
N ARG A 75 6.55 8.15 2.64
CA ARG A 75 6.73 9.60 2.74
C ARG A 75 5.57 10.33 2.08
N LEU A 76 4.74 9.60 1.34
CA LEU A 76 3.61 10.18 0.66
C LEU A 76 2.33 10.01 1.47
N HIS A 77 2.49 9.61 2.73
CA HIS A 77 1.35 9.41 3.62
C HIS A 77 0.61 10.72 3.85
N ARG A 78 -0.72 10.64 3.90
CA ARG A 78 -1.56 11.82 4.12
C ARG A 78 -1.44 12.78 2.95
N LYS A 79 -1.44 12.23 1.74
CA LYS A 79 -1.34 13.05 0.53
C LYS A 79 -2.72 13.40 -0.01
N LYS A 80 -2.75 14.07 -1.16
CA LYS A 80 -4.02 14.47 -1.77
C LYS A 80 -4.10 13.98 -3.21
N LEU A 81 -4.70 12.82 -3.40
CA LEU A 81 -4.84 12.24 -4.73
C LEU A 81 -6.22 12.58 -5.33
N ASN A 82 -6.21 13.38 -6.40
CA ASN A 82 -7.44 13.78 -7.06
C ASN A 82 -8.34 14.56 -6.11
N GLY A 83 -7.73 15.42 -5.30
CA GLY A 83 -8.49 16.21 -4.35
C GLY A 83 -9.01 15.39 -3.19
N ARG A 84 -8.50 14.17 -3.05
CA ARG A 84 -8.92 13.28 -1.97
C ARG A 84 -7.73 12.86 -1.12
N GLU A 85 -7.91 12.89 0.20
CA GLU A 85 -6.85 12.52 1.13
C GLU A 85 -6.53 11.03 1.01
N ALA A 86 -5.27 10.72 0.73
CA ALA A 86 -4.82 9.34 0.59
C ALA A 86 -4.07 8.88 1.84
N PHE A 87 -4.29 7.62 2.23
CA PHE A 87 -3.63 7.06 3.40
C PHE A 87 -2.80 5.84 3.02
N VAL A 88 -1.49 5.93 3.23
CA VAL A 88 -0.58 4.83 2.92
C VAL A 88 -0.17 4.08 4.18
N HIS A 89 -0.04 2.77 4.06
CA HIS A 89 0.35 1.93 5.19
C HIS A 89 1.45 0.94 4.79
N VAL A 90 2.59 1.03 5.47
CA VAL A 90 3.71 0.15 5.18
C VAL A 90 3.55 -1.20 5.86
N VAL A 91 3.44 -2.25 5.05
CA VAL A 91 3.28 -3.60 5.58
C VAL A 91 4.34 -4.55 5.01
N THR A 92 4.23 -5.82 5.36
CA THR A 92 5.18 -6.82 4.89
C THR A 92 4.67 -7.53 3.64
N LEU A 93 5.49 -8.39 3.07
CA LEU A 93 5.12 -9.13 1.86
C LEU A 93 3.98 -10.08 2.14
N GLU A 94 4.18 -11.00 3.09
CA GLU A 94 3.16 -11.97 3.45
C GLU A 94 1.83 -11.29 3.73
N ASP A 95 1.88 -10.18 4.46
CA ASP A 95 0.68 -9.43 4.79
C ASP A 95 -0.05 -8.98 3.53
N MET A 96 0.68 -8.28 2.66
CA MET A 96 0.10 -7.79 1.41
C MET A 96 -0.70 -8.89 0.71
N ARG A 97 -0.25 -10.13 0.87
CA ARG A 97 -0.93 -11.27 0.26
C ARG A 97 -2.29 -11.51 0.91
N GLU A 98 -2.30 -11.57 2.24
CA GLU A 98 -3.53 -11.80 2.98
C GLU A 98 -4.56 -10.71 2.69
N ILE A 99 -4.06 -9.52 2.38
CA ILE A 99 -4.94 -8.39 2.08
C ILE A 99 -5.59 -8.55 0.71
N GLU A 100 -4.88 -9.20 -0.21
CA GLU A 100 -5.40 -9.42 -1.56
C GLU A 100 -6.53 -10.44 -1.54
N LYS A 101 -6.33 -11.54 -0.81
CA LYS A 101 -7.33 -12.58 -0.71
C LYS A 101 -8.60 -12.07 -0.04
N ASN A 102 -8.43 -11.23 0.98
CA ASN A 102 -9.56 -10.66 1.70
C ASN A 102 -9.37 -9.17 1.93
N PRO A 103 -9.91 -8.36 1.01
CA PRO A 103 -9.81 -6.90 1.09
C PRO A 103 -10.78 -6.31 2.11
N PRO A 104 -10.37 -5.19 2.74
CA PRO A 104 -11.18 -4.50 3.75
C PRO A 104 -12.29 -3.67 3.12
N ALA A 105 -13.04 -2.95 3.96
CA ALA A 105 -14.13 -2.11 3.50
C ALA A 105 -14.25 -0.85 4.34
N GLN A 106 -14.80 0.20 3.75
CA GLN A 106 -14.97 1.47 4.45
C GLN A 106 -15.63 1.25 5.81
N GLY A 107 -14.82 1.22 6.86
CA GLY A 107 -15.34 1.02 8.19
C GLY A 107 -14.38 1.49 9.28
N LYS A 108 -14.09 0.61 10.23
CA LYS A 108 -13.18 0.95 11.32
C LYS A 108 -12.09 -0.10 11.45
N SER A 109 -10.85 0.31 11.21
CA SER A 109 -9.71 -0.59 11.29
C SER A 109 -9.21 -0.70 12.72
N GLY A 110 -8.83 0.44 13.30
CA GLY A 110 -8.33 0.45 14.67
C GLY A 110 -7.75 1.79 15.06
N PRO A 111 -8.58 2.63 15.70
CA PRO A 111 -8.16 3.96 16.14
C PRO A 111 -6.80 3.95 16.82
N SER A 112 -6.18 5.12 16.94
CA SER A 112 -4.87 5.24 17.58
C SER A 112 -4.97 6.02 18.89
N SER A 113 -5.17 5.29 19.98
CA SER A 113 -5.29 5.91 21.30
C SER A 113 -4.61 5.05 22.37
N GLY A 114 -4.53 5.59 23.58
CA GLY A 114 -3.91 4.86 24.67
C GLY A 114 -4.36 5.36 26.03
N GLY A 1 13.38 -3.24 31.03
CA GLY A 1 14.16 -4.47 31.09
C GLY A 1 14.42 -5.07 29.72
N SER A 2 14.09 -6.34 29.56
CA SER A 2 14.29 -7.03 28.29
C SER A 2 13.40 -6.44 27.21
N SER A 3 13.88 -5.39 26.56
CA SER A 3 13.12 -4.72 25.50
C SER A 3 13.17 -5.53 24.21
N GLY A 4 14.38 -5.88 23.78
CA GLY A 4 14.54 -6.66 22.57
C GLY A 4 15.30 -5.90 21.49
N SER A 5 15.10 -6.30 20.24
CA SER A 5 15.77 -5.66 19.12
C SER A 5 15.56 -4.14 19.15
N SER A 6 16.38 -3.42 18.41
CA SER A 6 16.29 -1.97 18.35
C SER A 6 16.18 -1.48 16.90
N GLY A 7 15.38 -2.18 16.11
CA GLY A 7 15.21 -1.80 14.71
C GLY A 7 15.84 -2.81 13.76
N GLU A 8 15.70 -4.09 14.09
CA GLU A 8 16.27 -5.15 13.25
C GLU A 8 15.48 -5.30 11.96
N GLY A 9 16.11 -4.96 10.83
CA GLY A 9 15.44 -5.07 9.55
C GLY A 9 15.51 -6.47 8.98
N ASP A 10 14.71 -7.37 9.55
CA ASP A 10 14.68 -8.75 9.09
C ASP A 10 14.72 -8.82 7.56
N VAL A 11 15.39 -9.84 7.04
CA VAL A 11 15.51 -10.03 5.60
C VAL A 11 14.24 -10.64 5.02
N ASN A 12 13.71 -11.64 5.71
CA ASN A 12 12.49 -12.32 5.26
C ASN A 12 11.25 -11.49 5.62
N SER A 13 11.24 -10.91 6.80
CA SER A 13 10.12 -10.09 7.26
C SER A 13 10.41 -8.61 7.05
N ALA A 14 10.89 -8.26 5.86
CA ALA A 14 11.21 -6.88 5.54
C ALA A 14 9.99 -6.16 4.98
N LYS A 15 9.90 -4.85 5.23
CA LYS A 15 8.79 -4.05 4.75
C LYS A 15 9.06 -3.54 3.34
N VAL A 16 8.62 -4.29 2.34
CA VAL A 16 8.82 -3.91 0.95
C VAL A 16 7.48 -3.83 0.20
N CYS A 17 6.44 -3.42 0.91
CA CYS A 17 5.11 -3.30 0.33
C CYS A 17 4.32 -2.18 0.98
N ALA A 18 3.60 -1.41 0.17
CA ALA A 18 2.80 -0.30 0.67
C ALA A 18 1.35 -0.42 0.21
N HIS A 19 0.41 -0.20 1.13
CA HIS A 19 -1.01 -0.28 0.81
C HIS A 19 -1.64 1.11 0.82
N ILE A 20 -2.29 1.48 -0.28
CA ILE A 20 -2.93 2.78 -0.39
C ILE A 20 -4.45 2.65 -0.27
N THR A 21 -5.05 3.46 0.60
CA THR A 21 -6.49 3.44 0.81
C THR A 21 -7.06 4.84 0.84
N ASN A 22 -8.37 4.94 1.00
CA ASN A 22 -9.05 6.23 1.03
C ASN A 22 -8.76 7.03 -0.23
N ILE A 23 -8.77 6.36 -1.37
CA ILE A 23 -8.50 7.01 -2.66
C ILE A 23 -9.67 6.82 -3.62
N PRO A 24 -9.90 7.83 -4.47
CA PRO A 24 -10.98 7.78 -5.46
C PRO A 24 -11.04 6.45 -6.20
N PHE A 25 -12.19 5.79 -6.13
CA PHE A 25 -12.38 4.50 -6.79
C PHE A 25 -12.82 4.70 -8.24
N SER A 26 -12.47 5.84 -8.81
CA SER A 26 -12.83 6.16 -10.19
C SER A 26 -11.59 6.20 -11.08
N ILE A 27 -10.42 6.21 -10.46
CA ILE A 27 -9.17 6.25 -11.20
C ILE A 27 -8.71 4.85 -11.58
N THR A 28 -7.65 4.77 -12.40
CA THR A 28 -7.11 3.50 -12.83
C THR A 28 -5.63 3.39 -12.52
N LYS A 29 -5.11 2.17 -12.56
CA LYS A 29 -3.69 1.93 -12.29
C LYS A 29 -2.84 3.08 -12.81
N MET A 30 -2.87 3.29 -14.11
CA MET A 30 -2.11 4.36 -14.74
C MET A 30 -2.03 5.58 -13.83
N ASP A 31 -3.17 5.98 -13.28
CA ASP A 31 -3.23 7.13 -12.39
C ASP A 31 -2.40 6.89 -11.14
N VAL A 32 -2.60 5.73 -10.51
CA VAL A 32 -1.87 5.37 -9.30
C VAL A 32 -0.36 5.46 -9.52
N LEU A 33 0.09 4.95 -10.66
CA LEU A 33 1.51 4.97 -11.00
C LEU A 33 2.05 6.39 -10.98
N GLN A 34 1.28 7.32 -11.56
CA GLN A 34 1.69 8.72 -11.61
C GLN A 34 1.80 9.31 -10.21
N PHE A 35 0.82 9.00 -9.36
CA PHE A 35 0.81 9.50 -7.99
C PHE A 35 1.99 8.94 -7.20
N LEU A 36 2.55 7.85 -7.69
CA LEU A 36 3.69 7.22 -7.02
C LEU A 36 4.99 7.53 -7.75
N GLU A 37 4.91 8.38 -8.77
CA GLU A 37 6.08 8.76 -9.55
C GLU A 37 7.27 9.04 -8.65
N GLY A 38 8.44 8.61 -9.09
CA GLY A 38 9.65 8.81 -8.30
C GLY A 38 10.10 7.56 -7.59
N ILE A 39 9.25 6.54 -7.59
CA ILE A 39 9.56 5.28 -6.93
C ILE A 39 9.75 4.16 -7.95
N PRO A 40 11.02 3.83 -8.25
CA PRO A 40 11.37 2.78 -9.20
C PRO A 40 10.58 1.49 -8.96
N VAL A 41 9.55 1.27 -9.78
CA VAL A 41 8.72 0.08 -9.66
C VAL A 41 7.91 -0.16 -10.92
N ASP A 42 7.79 -1.42 -11.32
CA ASP A 42 7.03 -1.78 -12.51
C ASP A 42 5.54 -1.72 -12.24
N GLU A 43 4.74 -1.87 -13.29
CA GLU A 43 3.29 -1.83 -13.17
C GLU A 43 2.78 -3.01 -12.36
N ASN A 44 3.19 -4.22 -12.76
CA ASN A 44 2.77 -5.44 -12.06
C ASN A 44 2.93 -5.28 -10.54
N ALA A 45 4.02 -4.63 -10.14
CA ALA A 45 4.29 -4.41 -8.72
C ALA A 45 3.06 -3.89 -8.00
N VAL A 46 2.25 -3.10 -8.70
CA VAL A 46 1.04 -2.53 -8.13
C VAL A 46 -0.16 -3.43 -8.40
N HIS A 47 -0.82 -3.87 -7.33
CA HIS A 47 -1.98 -4.75 -7.44
C HIS A 47 -3.24 -4.01 -7.02
N VAL A 48 -4.04 -3.59 -7.98
CA VAL A 48 -5.28 -2.88 -7.70
C VAL A 48 -6.43 -3.84 -7.44
N LEU A 49 -7.14 -3.63 -6.34
CA LEU A 49 -8.27 -4.49 -5.98
C LEU A 49 -9.46 -4.23 -6.89
N VAL A 50 -10.58 -4.88 -6.58
CA VAL A 50 -11.80 -4.72 -7.37
C VAL A 50 -13.04 -4.86 -6.50
N ASP A 51 -14.13 -4.24 -6.93
CA ASP A 51 -15.39 -4.30 -6.19
C ASP A 51 -16.46 -5.02 -7.00
N ASN A 52 -17.68 -5.06 -6.45
CA ASN A 52 -18.79 -5.72 -7.12
C ASN A 52 -18.87 -5.30 -8.58
N ASN A 53 -18.70 -4.00 -8.82
CA ASN A 53 -18.76 -3.46 -10.18
C ASN A 53 -17.39 -3.49 -10.84
N GLY A 54 -16.54 -4.41 -10.40
CA GLY A 54 -15.21 -4.53 -10.96
C GLY A 54 -14.60 -3.18 -11.31
N GLN A 55 -14.94 -2.16 -10.52
CA GLN A 55 -14.43 -0.82 -10.75
C GLN A 55 -13.49 -0.39 -9.63
N GLY A 56 -13.35 -1.25 -8.62
CA GLY A 56 -12.47 -0.96 -7.50
C GLY A 56 -13.19 -0.25 -6.37
N LEU A 57 -12.72 -0.45 -5.15
CA LEU A 57 -13.34 0.16 -3.97
C LEU A 57 -12.41 1.21 -3.36
N GLY A 58 -11.43 1.65 -4.15
CA GLY A 58 -10.50 2.66 -3.67
C GLY A 58 -9.38 2.05 -2.85
N GLN A 59 -8.91 0.88 -3.24
CA GLN A 59 -7.84 0.19 -2.53
C GLN A 59 -6.87 -0.47 -3.50
N ALA A 60 -5.59 -0.16 -3.34
CA ALA A 60 -4.56 -0.73 -4.22
C ALA A 60 -3.29 -1.05 -3.43
N LEU A 61 -2.62 -2.13 -3.81
CA LEU A 61 -1.38 -2.54 -3.14
C LEU A 61 -0.17 -2.27 -4.03
N VAL A 62 0.99 -2.10 -3.40
CA VAL A 62 2.23 -1.85 -4.13
C VAL A 62 3.37 -2.68 -3.56
N GLN A 63 4.06 -3.41 -4.43
CA GLN A 63 5.18 -4.25 -4.02
C GLN A 63 6.48 -3.73 -4.60
N PHE A 64 7.42 -3.37 -3.72
CA PHE A 64 8.71 -2.85 -4.15
C PHE A 64 9.80 -3.91 -3.97
N LYS A 65 11.02 -3.58 -4.39
CA LYS A 65 12.14 -4.50 -4.28
C LYS A 65 12.85 -4.33 -2.94
N ASN A 66 13.31 -3.11 -2.66
CA ASN A 66 14.00 -2.82 -1.40
C ASN A 66 13.36 -1.63 -0.70
N GLU A 67 13.46 -1.61 0.63
CA GLU A 67 12.90 -0.53 1.43
C GLU A 67 13.25 0.83 0.82
N ASP A 68 14.33 0.86 0.04
CA ASP A 68 14.76 2.10 -0.60
C ASP A 68 13.60 2.78 -1.33
N ASP A 69 12.72 1.96 -1.92
CA ASP A 69 11.58 2.49 -2.64
C ASP A 69 10.36 2.58 -1.73
N ALA A 70 10.23 1.63 -0.80
CA ALA A 70 9.12 1.62 0.13
C ALA A 70 9.11 2.87 0.99
N ARG A 71 10.21 3.13 1.68
CA ARG A 71 10.32 4.30 2.54
C ARG A 71 9.85 5.55 1.82
N LYS A 72 9.82 5.50 0.49
CA LYS A 72 9.39 6.63 -0.31
C LYS A 72 7.87 6.67 -0.41
N SER A 73 7.26 5.52 -0.69
CA SER A 73 5.81 5.42 -0.81
C SER A 73 5.13 5.97 0.43
N GLU A 74 5.74 5.73 1.59
CA GLU A 74 5.19 6.21 2.85
C GLU A 74 5.33 7.72 2.98
N ARG A 75 6.16 8.30 2.12
CA ARG A 75 6.39 9.74 2.14
C ARG A 75 5.19 10.49 1.57
N LEU A 76 4.28 9.75 0.96
CA LEU A 76 3.08 10.34 0.37
C LEU A 76 1.87 10.17 1.28
N HIS A 77 2.14 9.79 2.54
CA HIS A 77 1.06 9.59 3.51
C HIS A 77 0.28 10.87 3.73
N ARG A 78 -1.04 10.75 3.81
CA ARG A 78 -1.91 11.91 4.01
C ARG A 78 -1.80 12.88 2.84
N LYS A 79 -1.79 12.35 1.63
CA LYS A 79 -1.69 13.17 0.43
C LYS A 79 -3.06 13.42 -0.18
N LYS A 80 -3.14 14.36 -1.11
CA LYS A 80 -4.38 14.69 -1.78
C LYS A 80 -4.39 14.21 -3.22
N LEU A 81 -5.09 13.09 -3.46
CA LEU A 81 -5.17 12.52 -4.81
C LEU A 81 -6.52 12.81 -5.44
N ASN A 82 -6.51 13.59 -6.52
CA ASN A 82 -7.74 13.93 -7.22
C ASN A 82 -8.69 14.71 -6.31
N GLY A 83 -8.12 15.42 -5.34
CA GLY A 83 -8.92 16.19 -4.41
C GLY A 83 -9.46 15.35 -3.27
N ARG A 84 -8.84 14.20 -3.05
CA ARG A 84 -9.26 13.30 -1.97
C ARG A 84 -8.07 12.86 -1.13
N GLU A 85 -8.22 12.94 0.19
CA GLU A 85 -7.15 12.55 1.10
C GLU A 85 -6.92 11.04 1.05
N ALA A 86 -5.65 10.64 1.02
CA ALA A 86 -5.29 9.23 0.97
C ALA A 86 -4.37 8.86 2.13
N PHE A 87 -4.39 7.58 2.50
CA PHE A 87 -3.56 7.11 3.60
C PHE A 87 -2.74 5.89 3.16
N VAL A 88 -1.43 5.96 3.40
CA VAL A 88 -0.53 4.86 3.04
C VAL A 88 -0.05 4.13 4.27
N HIS A 89 -0.09 2.80 4.22
CA HIS A 89 0.35 1.97 5.33
C HIS A 89 1.41 0.98 4.88
N VAL A 90 2.61 1.08 5.47
CA VAL A 90 3.71 0.20 5.14
C VAL A 90 3.56 -1.16 5.81
N VAL A 91 3.56 -2.22 5.01
CA VAL A 91 3.43 -3.57 5.52
C VAL A 91 4.43 -4.52 4.87
N THR A 92 4.34 -5.80 5.23
CA THR A 92 5.24 -6.80 4.67
C THR A 92 4.60 -7.54 3.50
N LEU A 93 5.42 -8.15 2.66
CA LEU A 93 4.93 -8.89 1.51
C LEU A 93 3.83 -9.87 1.91
N GLU A 94 4.15 -10.74 2.86
CA GLU A 94 3.19 -11.72 3.34
C GLU A 94 1.84 -11.07 3.65
N ASP A 95 1.88 -9.98 4.40
CA ASP A 95 0.67 -9.26 4.77
C ASP A 95 -0.10 -8.81 3.52
N MET A 96 0.63 -8.26 2.56
CA MET A 96 0.01 -7.80 1.32
C MET A 96 -0.76 -8.92 0.64
N ARG A 97 -0.14 -10.10 0.56
CA ARG A 97 -0.78 -11.25 -0.06
C ARG A 97 -2.06 -11.63 0.67
N GLU A 98 -1.96 -11.73 2.00
CA GLU A 98 -3.11 -12.10 2.82
C GLU A 98 -4.28 -11.14 2.58
N ILE A 99 -3.97 -9.96 2.05
CA ILE A 99 -4.98 -8.96 1.77
C ILE A 99 -5.56 -9.12 0.36
N GLU A 100 -4.69 -9.52 -0.58
CA GLU A 100 -5.11 -9.72 -1.96
C GLU A 100 -5.98 -10.96 -2.09
N LYS A 101 -5.97 -11.79 -1.06
CA LYS A 101 -6.75 -13.02 -1.06
C LYS A 101 -8.12 -12.80 -0.41
N ASN A 102 -8.14 -12.06 0.70
CA ASN A 102 -9.38 -11.78 1.40
C ASN A 102 -9.46 -10.31 1.80
N PRO A 103 -9.80 -9.45 0.82
CA PRO A 103 -9.91 -8.01 1.05
C PRO A 103 -10.68 -7.68 2.32
N PRO A 104 -10.32 -6.53 2.93
CA PRO A 104 -10.96 -6.08 4.17
C PRO A 104 -12.34 -5.47 3.92
N ALA A 105 -13.36 -6.02 4.58
CA ALA A 105 -14.72 -5.52 4.42
C ALA A 105 -14.79 -4.02 4.66
N GLN A 106 -14.07 -3.54 5.67
CA GLN A 106 -14.06 -2.12 6.01
C GLN A 106 -12.66 -1.54 5.84
N GLY A 107 -11.65 -2.28 6.33
CA GLY A 107 -10.29 -1.82 6.22
C GLY A 107 -9.44 -2.23 7.42
N LYS A 108 -8.13 -2.02 7.32
CA LYS A 108 -7.22 -2.38 8.40
C LYS A 108 -7.09 -1.24 9.40
N SER A 109 -7.04 -1.60 10.68
CA SER A 109 -6.92 -0.60 11.74
C SER A 109 -5.52 -0.60 12.34
N GLY A 110 -5.01 0.59 12.64
CA GLY A 110 -3.69 0.71 13.22
C GLY A 110 -3.64 1.69 14.38
N PRO A 111 -4.28 1.32 15.49
CA PRO A 111 -4.33 2.16 16.69
C PRO A 111 -3.02 2.11 17.48
N SER A 112 -2.30 3.22 17.49
CA SER A 112 -1.03 3.30 18.21
C SER A 112 -0.73 4.73 18.62
N SER A 113 -0.60 4.96 19.92
CA SER A 113 -0.31 6.30 20.45
C SER A 113 1.19 6.57 20.43
N GLY A 114 1.69 7.00 19.28
CA GLY A 114 3.11 7.30 19.16
C GLY A 114 3.70 6.79 17.85
N GLY A 1 3.70 -4.77 19.71
CA GLY A 1 4.04 -6.06 19.15
C GLY A 1 5.32 -6.02 18.35
N SER A 2 6.40 -5.54 18.97
CA SER A 2 7.69 -5.44 18.32
C SER A 2 8.64 -6.52 18.81
N SER A 3 8.58 -7.70 18.19
CA SER A 3 9.43 -8.81 18.58
C SER A 3 10.89 -8.43 18.51
N GLY A 4 11.59 -8.55 19.64
CA GLY A 4 13.00 -8.22 19.68
C GLY A 4 13.24 -6.72 19.62
N SER A 5 14.43 -6.30 20.00
CA SER A 5 14.79 -4.88 19.98
C SER A 5 16.14 -4.66 19.30
N SER A 6 17.16 -5.34 19.81
CA SER A 6 18.50 -5.22 19.25
C SER A 6 18.55 -5.74 17.81
N GLY A 7 18.88 -4.85 16.89
CA GLY A 7 18.96 -5.24 15.49
C GLY A 7 20.33 -5.74 15.09
N GLU A 8 20.67 -6.94 15.56
CA GLU A 8 21.97 -7.53 15.25
C GLU A 8 22.19 -7.60 13.74
N GLY A 9 21.17 -8.05 13.02
CA GLY A 9 21.28 -8.15 11.57
C GLY A 9 20.66 -9.43 11.04
N ASP A 10 19.61 -9.29 10.24
CA ASP A 10 18.93 -10.44 9.66
C ASP A 10 17.89 -10.00 8.64
N VAL A 11 18.02 -10.52 7.41
CA VAL A 11 17.09 -10.17 6.35
C VAL A 11 15.91 -11.14 6.31
N ASN A 12 14.78 -10.72 6.88
CA ASN A 12 13.59 -11.54 6.91
C ASN A 12 12.34 -10.69 7.17
N SER A 13 11.21 -11.11 6.61
CA SER A 13 9.97 -10.39 6.78
C SER A 13 10.19 -8.88 6.72
N ALA A 14 11.03 -8.46 5.77
CA ALA A 14 11.33 -7.03 5.62
C ALA A 14 10.17 -6.29 4.96
N LYS A 15 9.89 -5.09 5.45
CA LYS A 15 8.79 -4.28 4.91
C LYS A 15 9.14 -3.78 3.51
N VAL A 16 8.69 -4.50 2.49
CA VAL A 16 8.94 -4.13 1.11
C VAL A 16 7.64 -3.97 0.34
N CYS A 17 6.58 -3.64 1.06
CA CYS A 17 5.26 -3.45 0.43
C CYS A 17 4.52 -2.30 1.09
N ALA A 18 3.77 -1.55 0.29
CA ALA A 18 3.00 -0.42 0.79
C ALA A 18 1.56 -0.47 0.30
N HIS A 19 0.62 -0.20 1.20
CA HIS A 19 -0.80 -0.22 0.86
C HIS A 19 -1.34 1.20 0.68
N ILE A 20 -2.23 1.37 -0.28
CA ILE A 20 -2.82 2.68 -0.54
C ILE A 20 -4.34 2.63 -0.40
N THR A 21 -4.86 3.40 0.56
CA THR A 21 -6.29 3.45 0.81
C THR A 21 -6.81 4.89 0.74
N ASN A 22 -8.11 5.05 0.95
CA ASN A 22 -8.73 6.37 0.92
C ASN A 22 -8.47 7.06 -0.41
N ILE A 23 -8.71 6.34 -1.50
CA ILE A 23 -8.50 6.88 -2.84
C ILE A 23 -9.74 6.69 -3.71
N PRO A 24 -10.02 7.68 -4.58
CA PRO A 24 -11.17 7.63 -5.48
C PRO A 24 -11.30 6.29 -6.19
N PHE A 25 -12.51 5.73 -6.18
CA PHE A 25 -12.76 4.46 -6.82
C PHE A 25 -13.17 4.65 -8.27
N SER A 26 -12.69 5.73 -8.88
CA SER A 26 -13.01 6.03 -10.27
C SER A 26 -11.75 6.02 -11.14
N ILE A 27 -10.59 6.14 -10.49
CA ILE A 27 -9.31 6.15 -11.19
C ILE A 27 -8.88 4.74 -11.56
N THR A 28 -7.92 4.63 -12.48
CA THR A 28 -7.42 3.34 -12.90
C THR A 28 -5.93 3.20 -12.58
N LYS A 29 -5.45 1.95 -12.60
CA LYS A 29 -4.05 1.68 -12.30
C LYS A 29 -3.14 2.76 -12.90
N MET A 30 -3.41 3.13 -14.16
CA MET A 30 -2.62 4.15 -14.83
C MET A 30 -2.54 5.42 -14.00
N ASP A 31 -3.68 5.84 -13.45
CA ASP A 31 -3.74 7.05 -12.63
C ASP A 31 -2.87 6.90 -11.39
N VAL A 32 -2.81 5.68 -10.86
CA VAL A 32 -2.01 5.40 -9.66
C VAL A 32 -0.51 5.55 -9.97
N LEU A 33 -0.10 5.03 -11.11
CA LEU A 33 1.30 5.09 -11.52
C LEU A 33 1.81 6.52 -11.47
N GLN A 34 0.94 7.48 -11.80
CA GLN A 34 1.30 8.89 -11.79
C GLN A 34 1.43 9.41 -10.37
N PHE A 35 0.50 9.00 -9.51
CA PHE A 35 0.51 9.44 -8.11
C PHE A 35 1.72 8.88 -7.38
N LEU A 36 2.27 7.79 -7.90
CA LEU A 36 3.44 7.15 -7.30
C LEU A 36 4.71 7.49 -8.08
N GLU A 37 4.59 8.43 -9.01
CA GLU A 37 5.73 8.84 -9.83
C GLU A 37 6.89 9.28 -8.96
N GLY A 38 8.07 8.70 -9.19
CA GLY A 38 9.24 9.05 -8.42
C GLY A 38 9.84 7.86 -7.70
N ILE A 39 9.01 6.86 -7.41
CA ILE A 39 9.47 5.66 -6.72
C ILE A 39 9.70 4.52 -7.71
N PRO A 40 10.98 4.22 -7.98
CA PRO A 40 11.35 3.14 -8.91
C PRO A 40 10.55 1.87 -8.68
N VAL A 41 9.69 1.55 -9.65
CA VAL A 41 8.85 0.35 -9.55
C VAL A 41 8.18 0.04 -10.88
N ASP A 42 7.91 -1.23 -11.12
CA ASP A 42 7.25 -1.66 -12.36
C ASP A 42 5.75 -1.43 -12.30
N GLU A 43 5.13 -1.30 -13.46
CA GLU A 43 3.70 -1.08 -13.55
C GLU A 43 2.92 -2.33 -13.15
N ASN A 44 3.61 -3.46 -13.16
CA ASN A 44 2.99 -4.74 -12.81
C ASN A 44 3.23 -5.07 -11.34
N ALA A 45 3.84 -4.13 -10.61
CA ALA A 45 4.13 -4.32 -9.20
C ALA A 45 2.96 -3.86 -8.33
N VAL A 46 2.13 -2.99 -8.88
CA VAL A 46 0.97 -2.47 -8.17
C VAL A 46 -0.28 -3.29 -8.46
N HIS A 47 -0.84 -3.88 -7.42
CA HIS A 47 -2.05 -4.70 -7.57
C HIS A 47 -3.29 -3.91 -7.17
N VAL A 48 -4.29 -3.92 -8.03
CA VAL A 48 -5.54 -3.20 -7.78
C VAL A 48 -6.59 -4.13 -7.17
N LEU A 49 -7.17 -3.71 -6.05
CA LEU A 49 -8.18 -4.50 -5.36
C LEU A 49 -9.54 -4.37 -6.07
N VAL A 50 -10.45 -5.28 -5.74
CA VAL A 50 -11.78 -5.26 -6.35
C VAL A 50 -12.82 -5.81 -5.37
N ASP A 51 -14.08 -5.50 -5.63
CA ASP A 51 -15.18 -5.95 -4.78
C ASP A 51 -16.13 -6.86 -5.57
N ASN A 52 -17.17 -7.33 -4.89
CA ASN A 52 -18.16 -8.21 -5.52
C ASN A 52 -18.54 -7.67 -6.90
N ASN A 53 -18.75 -6.37 -6.98
CA ASN A 53 -19.13 -5.73 -8.25
C ASN A 53 -17.93 -5.61 -9.18
N GLY A 54 -16.73 -5.59 -8.60
CA GLY A 54 -15.52 -5.47 -9.39
C GLY A 54 -14.94 -4.08 -9.36
N GLN A 55 -15.79 -3.09 -9.09
CA GLN A 55 -15.35 -1.69 -9.04
C GLN A 55 -14.39 -1.47 -7.87
N GLY A 56 -14.36 -2.44 -6.95
CA GLY A 56 -13.49 -2.32 -5.79
C GLY A 56 -13.97 -1.28 -4.81
N LEU A 57 -13.31 -1.21 -3.65
CA LEU A 57 -13.67 -0.24 -2.62
C LEU A 57 -12.69 0.92 -2.59
N GLY A 58 -11.90 1.06 -3.64
CA GLY A 58 -10.93 2.13 -3.71
C GLY A 58 -9.67 1.83 -2.91
N GLN A 59 -8.95 0.79 -3.31
CA GLN A 59 -7.73 0.40 -2.63
C GLN A 59 -6.80 -0.37 -3.56
N ALA A 60 -5.50 -0.22 -3.36
CA ALA A 60 -4.50 -0.89 -4.18
C ALA A 60 -3.22 -1.14 -3.40
N LEU A 61 -2.56 -2.25 -3.70
CA LEU A 61 -1.31 -2.60 -3.03
C LEU A 61 -0.12 -2.44 -3.96
N VAL A 62 1.06 -2.22 -3.37
CA VAL A 62 2.28 -2.05 -4.16
C VAL A 62 3.41 -2.91 -3.61
N GLN A 63 4.07 -3.64 -4.50
CA GLN A 63 5.17 -4.51 -4.10
C GLN A 63 6.51 -3.91 -4.51
N PHE A 64 7.38 -3.69 -3.52
CA PHE A 64 8.70 -3.11 -3.78
C PHE A 64 9.79 -4.15 -3.60
N LYS A 65 10.97 -3.86 -4.13
CA LYS A 65 12.10 -4.78 -4.03
C LYS A 65 12.78 -4.65 -2.67
N ASN A 66 13.18 -3.44 -2.31
CA ASN A 66 13.84 -3.20 -1.04
C ASN A 66 13.20 -2.02 -0.31
N GLU A 67 13.37 -1.98 1.01
CA GLU A 67 12.80 -0.91 1.82
C GLU A 67 13.12 0.45 1.21
N ASP A 68 14.35 0.61 0.73
CA ASP A 68 14.78 1.86 0.14
C ASP A 68 13.69 2.44 -0.76
N ASP A 69 12.87 1.56 -1.34
CA ASP A 69 11.80 1.97 -2.22
C ASP A 69 10.50 2.15 -1.44
N ALA A 70 10.31 1.32 -0.43
CA ALA A 70 9.11 1.39 0.40
C ALA A 70 9.10 2.65 1.26
N ARG A 71 10.16 2.83 2.04
CA ARG A 71 10.28 3.99 2.91
C ARG A 71 9.83 5.26 2.19
N LYS A 72 9.92 5.23 0.86
CA LYS A 72 9.53 6.39 0.05
C LYS A 72 8.03 6.60 0.10
N SER A 73 7.27 5.53 -0.15
CA SER A 73 5.82 5.61 -0.14
C SER A 73 5.31 6.27 1.13
N GLU A 74 6.11 6.17 2.20
CA GLU A 74 5.75 6.75 3.49
C GLU A 74 5.80 8.28 3.42
N ARG A 75 6.73 8.80 2.62
CA ARG A 75 6.88 10.24 2.47
C ARG A 75 5.64 10.86 1.83
N LEU A 76 4.96 10.08 1.00
CA LEU A 76 3.76 10.57 0.32
C LEU A 76 2.51 10.27 1.15
N HIS A 77 2.72 9.90 2.41
CA HIS A 77 1.62 9.61 3.32
C HIS A 77 0.72 10.81 3.49
N ARG A 78 -0.58 10.56 3.66
CA ARG A 78 -1.55 11.64 3.83
C ARG A 78 -1.52 12.60 2.64
N LYS A 79 -1.28 12.05 1.46
CA LYS A 79 -1.22 12.86 0.24
C LYS A 79 -2.61 12.99 -0.39
N LYS A 80 -2.82 14.08 -1.10
CA LYS A 80 -4.11 14.32 -1.77
C LYS A 80 -4.13 13.70 -3.16
N LEU A 81 -5.32 13.32 -3.60
CA LEU A 81 -5.48 12.71 -4.92
C LEU A 81 -6.87 13.00 -5.49
N ASN A 82 -6.91 13.77 -6.57
CA ASN A 82 -8.17 14.12 -7.21
C ASN A 82 -9.08 14.89 -6.24
N GLY A 83 -8.47 15.60 -5.31
CA GLY A 83 -9.23 16.37 -4.34
C GLY A 83 -9.73 15.51 -3.20
N ARG A 84 -9.08 14.38 -2.98
CA ARG A 84 -9.47 13.46 -1.91
C ARG A 84 -8.25 13.00 -1.11
N GLU A 85 -8.31 13.16 0.20
CA GLU A 85 -7.22 12.76 1.07
C GLU A 85 -6.88 11.29 0.89
N ALA A 86 -5.59 11.00 0.74
CA ALA A 86 -5.14 9.63 0.54
C ALA A 86 -4.24 9.18 1.69
N PHE A 87 -4.34 7.91 2.06
CA PHE A 87 -3.54 7.36 3.15
C PHE A 87 -2.66 6.22 2.65
N VAL A 88 -1.46 6.11 3.22
CA VAL A 88 -0.52 5.07 2.83
C VAL A 88 -0.08 4.24 4.04
N HIS A 89 0.25 2.98 3.81
CA HIS A 89 0.69 2.09 4.88
C HIS A 89 1.85 1.22 4.41
N VAL A 90 2.66 0.76 5.36
CA VAL A 90 3.80 -0.08 5.07
C VAL A 90 3.73 -1.41 5.82
N VAL A 91 3.64 -2.50 5.08
CA VAL A 91 3.56 -3.83 5.66
C VAL A 91 4.47 -4.81 4.94
N THR A 92 4.60 -6.02 5.49
CA THR A 92 5.43 -7.04 4.90
C THR A 92 4.85 -7.55 3.58
N LEU A 93 5.65 -8.28 2.82
CA LEU A 93 5.21 -8.81 1.53
C LEU A 93 3.99 -9.72 1.72
N GLU A 94 4.15 -10.77 2.49
CA GLU A 94 3.07 -11.71 2.76
C GLU A 94 1.75 -10.97 2.99
N ASP A 95 1.74 -10.11 4.00
CA ASP A 95 0.55 -9.33 4.34
C ASP A 95 -0.16 -8.86 3.07
N MET A 96 0.62 -8.50 2.06
CA MET A 96 0.05 -8.02 0.79
C MET A 96 -0.76 -9.13 0.12
N ARG A 97 -0.18 -10.32 0.04
CA ARG A 97 -0.84 -11.46 -0.59
C ARG A 97 -2.11 -11.83 0.19
N GLU A 98 -2.07 -11.66 1.50
CA GLU A 98 -3.22 -11.97 2.34
C GLU A 98 -4.36 -10.99 2.11
N ILE A 99 -4.05 -9.70 2.23
CA ILE A 99 -5.04 -8.65 2.04
C ILE A 99 -5.79 -8.84 0.73
N GLU A 100 -5.05 -9.25 -0.31
CA GLU A 100 -5.65 -9.47 -1.63
C GLU A 100 -6.74 -10.53 -1.56
N LYS A 101 -6.59 -11.47 -0.62
CA LYS A 101 -7.56 -12.54 -0.45
C LYS A 101 -8.82 -12.03 0.26
N ASN A 102 -8.61 -11.26 1.33
CA ASN A 102 -9.73 -10.72 2.09
C ASN A 102 -9.52 -9.24 2.37
N PRO A 103 -9.77 -8.39 1.36
CA PRO A 103 -9.62 -6.95 1.47
C PRO A 103 -10.22 -6.40 2.76
N PRO A 104 -9.62 -5.32 3.30
CA PRO A 104 -10.08 -4.68 4.52
C PRO A 104 -11.59 -4.44 4.52
N ALA A 105 -12.26 -4.86 5.59
CA ALA A 105 -13.70 -4.69 5.71
C ALA A 105 -14.07 -3.21 5.85
N GLN A 106 -14.34 -2.57 4.73
CA GLN A 106 -14.72 -1.16 4.73
C GLN A 106 -15.98 -0.93 5.55
N GLY A 107 -15.79 -0.64 6.84
CA GLY A 107 -16.93 -0.40 7.71
C GLY A 107 -16.63 0.64 8.78
N LYS A 108 -17.66 1.35 9.21
CA LYS A 108 -17.51 2.38 10.23
C LYS A 108 -17.80 1.82 11.62
N SER A 109 -18.90 1.08 11.72
CA SER A 109 -19.30 0.48 13.00
C SER A 109 -18.16 -0.33 13.60
N GLY A 110 -17.92 -0.14 14.90
CA GLY A 110 -16.86 -0.87 15.57
C GLY A 110 -16.87 -0.66 17.07
N PRO A 111 -17.51 -1.59 17.79
CA PRO A 111 -17.61 -1.52 19.26
C PRO A 111 -16.29 -1.14 19.92
N SER A 112 -16.36 -0.33 20.96
CA SER A 112 -15.17 0.10 21.67
C SER A 112 -14.82 -0.87 22.80
N SER A 113 -13.62 -1.46 22.72
CA SER A 113 -13.17 -2.40 23.73
C SER A 113 -14.31 -3.32 24.15
N GLY A 114 -15.05 -3.84 23.17
CA GLY A 114 -16.17 -4.71 23.48
C GLY A 114 -15.84 -6.16 23.19
N GLY A 1 25.40 -5.03 18.70
CA GLY A 1 26.72 -5.51 19.07
C GLY A 1 27.21 -6.62 18.15
N SER A 2 27.79 -7.66 18.75
CA SER A 2 28.30 -8.79 17.98
C SER A 2 27.21 -9.83 17.73
N SER A 3 26.46 -10.16 18.77
CA SER A 3 25.40 -11.14 18.67
C SER A 3 24.36 -10.70 17.65
N GLY A 4 23.88 -11.66 16.86
CA GLY A 4 22.88 -11.35 15.84
C GLY A 4 23.47 -10.61 14.66
N SER A 5 22.92 -9.43 14.37
CA SER A 5 23.39 -8.62 13.27
C SER A 5 23.59 -9.47 12.01
N SER A 6 22.59 -10.30 11.72
CA SER A 6 22.65 -11.17 10.54
C SER A 6 21.45 -10.96 9.64
N GLY A 7 21.72 -10.67 8.36
CA GLY A 7 20.66 -10.44 7.41
C GLY A 7 20.20 -8.99 7.38
N GLU A 8 21.15 -8.09 7.09
CA GLU A 8 20.85 -6.67 7.04
C GLU A 8 19.87 -6.36 5.90
N GLY A 9 19.44 -5.11 5.81
CA GLY A 9 18.52 -4.71 4.78
C GLY A 9 17.46 -5.76 4.52
N ASP A 10 17.52 -6.39 3.35
CA ASP A 10 16.56 -7.42 2.99
C ASP A 10 16.57 -8.56 3.99
N VAL A 11 15.58 -8.59 4.87
CA VAL A 11 15.48 -9.63 5.89
C VAL A 11 14.25 -10.52 5.65
N ASN A 12 14.24 -11.68 6.28
CA ASN A 12 13.13 -12.61 6.14
C ASN A 12 11.79 -11.87 6.14
N SER A 13 11.60 -11.00 7.12
CA SER A 13 10.37 -10.23 7.23
C SER A 13 10.65 -8.74 7.13
N ALA A 14 10.95 -8.27 5.92
CA ALA A 14 11.24 -6.86 5.70
C ALA A 14 10.02 -6.13 5.16
N LYS A 15 9.99 -4.81 5.34
CA LYS A 15 8.88 -3.99 4.88
C LYS A 15 9.13 -3.49 3.46
N VAL A 16 8.51 -4.17 2.48
CA VAL A 16 8.67 -3.78 1.09
C VAL A 16 7.32 -3.72 0.39
N CYS A 17 6.32 -3.23 1.09
CA CYS A 17 4.97 -3.11 0.53
C CYS A 17 4.22 -1.94 1.16
N ALA A 18 3.31 -1.35 0.39
CA ALA A 18 2.52 -0.22 0.87
C ALA A 18 1.08 -0.31 0.37
N HIS A 19 0.14 -0.17 1.31
CA HIS A 19 -1.28 -0.23 0.97
C HIS A 19 -1.88 1.17 0.88
N ILE A 20 -2.48 1.48 -0.27
CA ILE A 20 -3.09 2.79 -0.47
C ILE A 20 -4.60 2.72 -0.29
N THR A 21 -5.11 3.47 0.67
CA THR A 21 -6.54 3.50 0.95
C THR A 21 -7.09 4.92 0.87
N ASN A 22 -8.40 5.06 1.05
CA ASN A 22 -9.05 6.36 1.00
C ASN A 22 -8.94 6.97 -0.39
N ILE A 23 -8.88 6.11 -1.41
CA ILE A 23 -8.78 6.56 -2.79
C ILE A 23 -10.11 6.41 -3.52
N PRO A 24 -10.32 7.24 -4.55
CA PRO A 24 -11.54 7.22 -5.35
C PRO A 24 -11.57 6.03 -6.32
N PHE A 25 -12.74 5.41 -6.46
CA PHE A 25 -12.91 4.27 -7.35
C PHE A 25 -13.15 4.74 -8.78
N SER A 26 -12.49 5.82 -9.17
CA SER A 26 -12.63 6.37 -10.52
C SER A 26 -11.33 6.29 -11.28
N ILE A 27 -10.21 6.39 -10.56
CA ILE A 27 -8.89 6.33 -11.16
C ILE A 27 -8.54 4.91 -11.59
N THR A 28 -7.48 4.77 -12.37
CA THR A 28 -7.04 3.46 -12.84
C THR A 28 -5.58 3.21 -12.48
N LYS A 29 -5.11 2.00 -12.76
CA LYS A 29 -3.73 1.62 -12.47
C LYS A 29 -2.77 2.72 -12.92
N MET A 30 -2.98 3.23 -14.12
CA MET A 30 -2.13 4.29 -14.66
C MET A 30 -2.00 5.44 -13.67
N ASP A 31 -3.13 5.89 -13.14
CA ASP A 31 -3.15 6.98 -12.17
C ASP A 31 -2.24 6.67 -10.98
N VAL A 32 -2.48 5.54 -10.34
CA VAL A 32 -1.70 5.13 -9.18
C VAL A 32 -0.20 5.22 -9.49
N LEU A 33 0.20 4.63 -10.60
CA LEU A 33 1.60 4.63 -11.01
C LEU A 33 2.11 6.06 -11.20
N GLN A 34 1.21 6.95 -11.60
CA GLN A 34 1.57 8.35 -11.81
C GLN A 34 1.75 9.08 -10.48
N PHE A 35 0.80 8.88 -9.57
CA PHE A 35 0.86 9.52 -8.26
C PHE A 35 2.13 9.11 -7.51
N LEU A 36 2.64 7.93 -7.82
CA LEU A 36 3.85 7.42 -7.17
C LEU A 36 5.09 7.78 -8.00
N GLU A 37 4.96 8.83 -8.80
CA GLU A 37 6.08 9.28 -9.64
C GLU A 37 7.34 9.48 -8.81
N GLY A 38 8.49 9.26 -9.44
CA GLY A 38 9.75 9.41 -8.74
C GLY A 38 10.29 8.10 -8.19
N ILE A 39 9.37 7.24 -7.75
CA ILE A 39 9.76 5.94 -7.21
C ILE A 39 9.80 4.88 -8.29
N PRO A 40 10.94 4.18 -8.39
CA PRO A 40 11.14 3.13 -9.39
C PRO A 40 10.41 1.84 -9.03
N VAL A 41 9.36 1.52 -9.77
CA VAL A 41 8.57 0.31 -9.52
C VAL A 41 7.87 -0.15 -10.78
N ASP A 42 7.78 -1.46 -10.96
CA ASP A 42 7.12 -2.04 -12.13
C ASP A 42 5.63 -1.76 -12.10
N GLU A 43 4.98 -1.93 -13.24
CA GLU A 43 3.54 -1.69 -13.35
C GLU A 43 2.76 -2.80 -12.65
N ASN A 44 3.31 -4.02 -12.68
CA ASN A 44 2.67 -5.17 -12.07
C ASN A 44 2.73 -5.07 -10.54
N ALA A 45 3.81 -4.48 -10.04
CA ALA A 45 4.00 -4.33 -8.60
C ALA A 45 2.77 -3.72 -7.95
N VAL A 46 2.00 -2.98 -8.74
CA VAL A 46 0.78 -2.34 -8.23
C VAL A 46 -0.45 -3.16 -8.59
N HIS A 47 -1.17 -3.61 -7.56
CA HIS A 47 -2.39 -4.39 -7.76
C HIS A 47 -3.62 -3.63 -7.30
N VAL A 48 -4.43 -3.19 -8.26
CA VAL A 48 -5.64 -2.45 -7.95
C VAL A 48 -6.79 -3.38 -7.64
N LEU A 49 -7.48 -3.12 -6.53
CA LEU A 49 -8.62 -3.94 -6.12
C LEU A 49 -9.85 -3.63 -6.96
N VAL A 50 -10.75 -4.60 -7.07
CA VAL A 50 -11.98 -4.44 -7.84
C VAL A 50 -13.11 -5.27 -7.24
N ASP A 51 -14.33 -4.91 -7.59
CA ASP A 51 -15.52 -5.62 -7.10
C ASP A 51 -16.30 -6.25 -8.25
N ASN A 52 -17.34 -6.99 -7.91
CA ASN A 52 -18.17 -7.65 -8.92
C ASN A 52 -18.43 -6.71 -10.10
N ASN A 53 -18.78 -5.47 -9.80
CA ASN A 53 -19.06 -4.47 -10.83
C ASN A 53 -17.77 -4.00 -11.49
N GLY A 54 -16.66 -4.11 -10.76
CA GLY A 54 -15.38 -3.68 -11.28
C GLY A 54 -14.93 -2.35 -10.72
N GLN A 55 -15.87 -1.42 -10.59
CA GLN A 55 -15.58 -0.09 -10.07
C GLN A 55 -14.51 -0.17 -8.98
N GLY A 56 -14.72 -1.06 -8.01
CA GLY A 56 -13.77 -1.21 -6.93
C GLY A 56 -14.24 -0.55 -5.65
N LEU A 57 -13.47 -0.72 -4.58
CA LEU A 57 -13.83 -0.14 -3.29
C LEU A 57 -12.93 1.06 -2.97
N GLY A 58 -11.93 1.27 -3.81
CA GLY A 58 -11.01 2.39 -3.61
C GLY A 58 -9.80 2.00 -2.78
N GLN A 59 -9.12 0.93 -3.18
CA GLN A 59 -7.95 0.47 -2.46
C GLN A 59 -6.99 -0.27 -3.40
N ALA A 60 -5.69 -0.06 -3.20
CA ALA A 60 -4.69 -0.72 -4.03
C ALA A 60 -3.43 -1.02 -3.23
N LEU A 61 -2.73 -2.09 -3.61
CA LEU A 61 -1.50 -2.48 -2.92
C LEU A 61 -0.29 -2.30 -3.82
N VAL A 62 0.83 -1.91 -3.22
CA VAL A 62 2.07 -1.70 -3.95
C VAL A 62 3.22 -2.50 -3.36
N GLN A 63 3.88 -3.29 -4.19
CA GLN A 63 5.00 -4.11 -3.74
C GLN A 63 6.32 -3.61 -4.32
N PHE A 64 7.25 -3.24 -3.45
CA PHE A 64 8.55 -2.74 -3.87
C PHE A 64 9.63 -3.80 -3.70
N LYS A 65 10.77 -3.59 -4.35
CA LYS A 65 11.88 -4.53 -4.26
C LYS A 65 12.49 -4.51 -2.86
N ASN A 66 12.94 -3.34 -2.43
CA ASN A 66 13.55 -3.20 -1.11
C ASN A 66 13.00 -1.97 -0.40
N GLU A 67 13.51 -1.71 0.81
CA GLU A 67 13.07 -0.57 1.60
C GLU A 67 13.46 0.74 0.92
N ASP A 68 14.46 0.68 0.05
CA ASP A 68 14.92 1.85 -0.67
C ASP A 68 13.76 2.58 -1.33
N ASP A 69 12.80 1.83 -1.84
CA ASP A 69 11.64 2.40 -2.50
C ASP A 69 10.49 2.56 -1.52
N ALA A 70 10.44 1.70 -0.51
CA ALA A 70 9.41 1.75 0.50
C ALA A 70 9.49 3.03 1.33
N ARG A 71 10.67 3.26 1.92
CA ARG A 71 10.88 4.45 2.74
C ARG A 71 10.50 5.71 1.98
N LYS A 72 10.39 5.60 0.66
CA LYS A 72 10.04 6.73 -0.19
C LYS A 72 8.53 6.77 -0.44
N SER A 73 7.92 5.59 -0.49
CA SER A 73 6.48 5.48 -0.72
C SER A 73 5.69 6.01 0.46
N GLU A 74 6.23 5.80 1.66
CA GLU A 74 5.57 6.26 2.88
C GLU A 74 5.63 7.78 2.98
N ARG A 75 6.50 8.39 2.19
CA ARG A 75 6.66 9.84 2.19
C ARG A 75 5.45 10.52 1.57
N LEU A 76 4.62 9.74 0.86
CA LEU A 76 3.43 10.27 0.22
C LEU A 76 2.20 10.05 1.09
N HIS A 77 2.43 9.71 2.36
CA HIS A 77 1.34 9.48 3.30
C HIS A 77 0.49 10.72 3.46
N ARG A 78 -0.81 10.53 3.67
CA ARG A 78 -1.73 11.65 3.84
C ARG A 78 -1.66 12.59 2.64
N LYS A 79 -1.70 12.03 1.43
CA LYS A 79 -1.64 12.83 0.22
C LYS A 79 -3.03 13.06 -0.35
N LYS A 80 -3.18 14.12 -1.13
CA LYS A 80 -4.46 14.46 -1.74
C LYS A 80 -4.50 14.00 -3.20
N LEU A 81 -5.14 12.85 -3.44
CA LEU A 81 -5.25 12.31 -4.78
C LEU A 81 -6.60 12.65 -5.40
N ASN A 82 -6.59 13.59 -6.34
CA ASN A 82 -7.81 14.01 -7.01
C ASN A 82 -8.78 14.65 -6.02
N GLY A 83 -8.23 15.36 -5.04
CA GLY A 83 -9.06 16.02 -4.04
C GLY A 83 -9.50 15.07 -2.94
N ARG A 84 -8.94 13.87 -2.95
CA ARG A 84 -9.29 12.86 -1.94
C ARG A 84 -8.06 12.44 -1.15
N GLU A 85 -8.15 12.52 0.17
CA GLU A 85 -7.05 12.15 1.05
C GLU A 85 -6.69 10.67 0.87
N ALA A 86 -5.40 10.37 0.88
CA ALA A 86 -4.92 9.00 0.73
C ALA A 86 -4.09 8.57 1.93
N PHE A 87 -4.27 7.33 2.37
CA PHE A 87 -3.54 6.80 3.51
C PHE A 87 -2.69 5.60 3.09
N VAL A 88 -1.37 5.73 3.25
CA VAL A 88 -0.45 4.66 2.89
C VAL A 88 0.05 3.93 4.13
N HIS A 89 -0.01 2.61 4.09
CA HIS A 89 0.42 1.78 5.21
C HIS A 89 1.60 0.90 4.81
N VAL A 90 2.73 1.07 5.48
CA VAL A 90 3.93 0.29 5.20
C VAL A 90 3.91 -1.05 5.95
N VAL A 91 3.54 -2.11 5.24
CA VAL A 91 3.48 -3.44 5.84
C VAL A 91 4.43 -4.40 5.14
N THR A 92 4.54 -5.61 5.67
CA THR A 92 5.42 -6.62 5.09
C THR A 92 4.74 -7.34 3.93
N LEU A 93 5.52 -8.07 3.15
CA LEU A 93 4.99 -8.81 2.00
C LEU A 93 3.90 -9.78 2.44
N GLU A 94 4.20 -10.58 3.46
CA GLU A 94 3.24 -11.55 3.97
C GLU A 94 1.88 -10.90 4.19
N ASP A 95 1.88 -9.69 4.74
CA ASP A 95 0.65 -8.97 5.01
C ASP A 95 -0.04 -8.59 3.71
N MET A 96 0.71 -7.97 2.80
CA MET A 96 0.17 -7.56 1.51
C MET A 96 -0.54 -8.72 0.81
N ARG A 97 0.17 -9.84 0.67
CA ARG A 97 -0.37 -11.02 0.02
C ARG A 97 -1.73 -11.37 0.61
N GLU A 98 -1.81 -11.38 1.95
CA GLU A 98 -3.05 -11.71 2.63
C GLU A 98 -4.17 -10.77 2.22
N ILE A 99 -3.99 -9.48 2.53
CA ILE A 99 -4.98 -8.47 2.20
C ILE A 99 -5.34 -8.51 0.72
N GLU A 100 -4.35 -8.81 -0.11
CA GLU A 100 -4.56 -8.89 -1.55
C GLU A 100 -5.68 -9.88 -1.89
N LYS A 101 -5.51 -11.13 -1.46
CA LYS A 101 -6.50 -12.16 -1.71
C LYS A 101 -7.86 -11.76 -1.14
N ASN A 102 -7.87 -11.34 0.11
CA ASN A 102 -9.11 -10.93 0.78
C ASN A 102 -8.99 -9.51 1.31
N PRO A 103 -9.41 -8.52 0.51
CA PRO A 103 -9.36 -7.11 0.89
C PRO A 103 -10.45 -6.74 1.88
N PRO A 104 -10.15 -5.77 2.76
CA PRO A 104 -11.10 -5.30 3.78
C PRO A 104 -12.49 -5.05 3.21
N ALA A 105 -13.51 -5.48 3.94
CA ALA A 105 -14.89 -5.30 3.52
C ALA A 105 -15.39 -3.89 3.83
N GLN A 106 -16.63 -3.60 3.42
CA GLN A 106 -17.23 -2.29 3.66
C GLN A 106 -17.24 -1.96 5.16
N GLY A 107 -17.57 -0.72 5.48
CA GLY A 107 -17.61 -0.30 6.87
C GLY A 107 -16.25 0.06 7.41
N LYS A 108 -16.20 1.09 8.25
CA LYS A 108 -14.95 1.55 8.84
C LYS A 108 -14.21 0.39 9.51
N SER A 109 -13.03 0.07 8.99
CA SER A 109 -12.22 -1.02 9.54
C SER A 109 -11.30 -0.51 10.64
N GLY A 110 -11.18 -1.28 11.71
CA GLY A 110 -10.31 -0.89 12.82
C GLY A 110 -9.17 -1.86 13.02
N PRO A 111 -8.21 -1.86 12.09
CA PRO A 111 -7.04 -2.74 12.16
C PRO A 111 -5.98 -2.23 13.12
N SER A 112 -6.43 -1.65 14.24
CA SER A 112 -5.52 -1.11 15.23
C SER A 112 -4.31 -2.02 15.42
N SER A 113 -3.13 -1.50 15.12
CA SER A 113 -1.90 -2.26 15.25
C SER A 113 -1.00 -1.68 16.34
N GLY A 114 -1.28 -2.03 17.59
CA GLY A 114 -0.50 -1.53 18.69
C GLY A 114 -1.15 -1.78 20.04
N GLY A 1 8.52 4.85 13.07
CA GLY A 1 9.59 5.49 13.82
C GLY A 1 9.57 5.08 15.29
N SER A 2 9.52 3.77 15.55
CA SER A 2 9.50 3.26 16.90
C SER A 2 10.31 1.98 17.02
N SER A 3 11.46 2.07 17.67
CA SER A 3 12.35 0.92 17.85
C SER A 3 11.52 -0.36 18.05
N GLY A 4 11.51 -1.20 17.02
CA GLY A 4 10.77 -2.44 17.10
C GLY A 4 11.26 -3.47 16.10
N SER A 5 12.01 -4.45 16.59
CA SER A 5 12.55 -5.50 15.73
C SER A 5 12.43 -6.87 16.41
N SER A 6 11.96 -7.85 15.65
CA SER A 6 11.79 -9.21 16.17
C SER A 6 12.92 -10.11 15.70
N GLY A 7 14.14 -9.60 15.71
CA GLY A 7 15.28 -10.37 15.28
C GLY A 7 16.16 -9.61 14.29
N GLU A 8 16.95 -8.68 14.80
CA GLU A 8 17.84 -7.89 13.96
C GLU A 8 18.91 -8.77 13.32
N GLY A 9 18.74 -9.08 12.04
CA GLY A 9 19.70 -9.90 11.34
C GLY A 9 19.16 -10.42 10.01
N ASP A 10 18.73 -11.66 10.01
CA ASP A 10 18.20 -12.27 8.79
C ASP A 10 17.08 -11.41 8.20
N VAL A 11 16.63 -11.79 7.00
CA VAL A 11 15.57 -11.05 6.33
C VAL A 11 14.37 -11.94 6.06
N ASN A 12 13.50 -12.07 7.06
CA ASN A 12 12.30 -12.90 6.94
C ASN A 12 11.06 -12.02 6.83
N SER A 13 10.90 -11.10 7.76
CA SER A 13 9.75 -10.21 7.78
C SER A 13 10.17 -8.77 7.51
N ALA A 14 10.41 -8.47 6.24
CA ALA A 14 10.82 -7.13 5.83
C ALA A 14 9.65 -6.34 5.26
N LYS A 15 9.61 -5.04 5.54
CA LYS A 15 8.54 -4.18 5.05
C LYS A 15 8.89 -3.61 3.68
N VAL A 16 8.54 -4.36 2.63
CA VAL A 16 8.81 -3.92 1.26
C VAL A 16 7.52 -3.74 0.48
N CYS A 17 6.46 -3.34 1.16
CA CYS A 17 5.16 -3.14 0.52
C CYS A 17 4.39 -2.00 1.20
N ALA A 18 3.46 -1.41 0.47
CA ALA A 18 2.66 -0.31 1.00
C ALA A 18 1.24 -0.34 0.41
N HIS A 19 0.25 -0.40 1.28
CA HIS A 19 -1.15 -0.43 0.85
C HIS A 19 -1.73 0.99 0.82
N ILE A 20 -2.39 1.32 -0.29
CA ILE A 20 -3.00 2.64 -0.45
C ILE A 20 -4.51 2.56 -0.34
N THR A 21 -5.08 3.33 0.59
CA THR A 21 -6.52 3.34 0.78
C THR A 21 -7.05 4.77 0.87
N ASN A 22 -8.37 4.92 0.92
CA ASN A 22 -9.00 6.23 1.00
C ASN A 22 -8.75 7.03 -0.28
N ILE A 23 -8.97 6.39 -1.42
CA ILE A 23 -8.77 7.03 -2.71
C ILE A 23 -9.94 6.77 -3.65
N PRO A 24 -10.19 7.70 -4.57
CA PRO A 24 -11.27 7.58 -5.55
C PRO A 24 -11.33 6.20 -6.19
N PHE A 25 -12.52 5.60 -6.19
CA PHE A 25 -12.71 4.28 -6.77
C PHE A 25 -13.08 4.38 -8.25
N SER A 26 -12.61 5.44 -8.90
CA SER A 26 -12.90 5.66 -10.32
C SER A 26 -11.61 5.65 -11.13
N ILE A 27 -10.49 5.79 -10.45
CA ILE A 27 -9.19 5.79 -11.12
C ILE A 27 -8.71 4.38 -11.40
N THR A 28 -7.69 4.26 -12.26
CA THR A 28 -7.15 2.96 -12.62
C THR A 28 -5.64 2.92 -12.37
N LYS A 29 -5.06 1.73 -12.50
CA LYS A 29 -3.63 1.55 -12.28
C LYS A 29 -2.83 2.70 -12.88
N MET A 30 -3.14 3.03 -14.14
CA MET A 30 -2.46 4.12 -14.83
C MET A 30 -2.39 5.37 -13.94
N ASP A 31 -3.49 5.67 -13.27
CA ASP A 31 -3.55 6.83 -12.38
C ASP A 31 -2.59 6.68 -11.21
N VAL A 32 -2.63 5.51 -10.58
CA VAL A 32 -1.76 5.24 -9.43
C VAL A 32 -0.29 5.41 -9.81
N LEU A 33 0.08 4.90 -10.98
CA LEU A 33 1.46 5.01 -11.45
C LEU A 33 1.94 6.45 -11.43
N GLN A 34 1.02 7.37 -11.69
CA GLN A 34 1.36 8.79 -11.69
C GLN A 34 1.48 9.33 -10.27
N PHE A 35 0.51 8.98 -9.43
CA PHE A 35 0.51 9.43 -8.04
C PHE A 35 1.82 9.08 -7.35
N LEU A 36 2.46 8.01 -7.83
CA LEU A 36 3.73 7.56 -7.26
C LEU A 36 4.90 7.99 -8.13
N GLU A 37 4.72 9.11 -8.85
CA GLU A 37 5.77 9.62 -9.73
C GLU A 37 7.09 9.74 -8.98
N GLY A 38 8.20 9.50 -9.69
CA GLY A 38 9.51 9.60 -9.07
C GLY A 38 10.06 8.25 -8.67
N ILE A 39 9.18 7.35 -8.22
CA ILE A 39 9.59 6.02 -7.81
C ILE A 39 9.68 5.07 -9.00
N PRO A 40 10.89 4.58 -9.28
CA PRO A 40 11.13 3.65 -10.39
C PRO A 40 10.67 2.23 -10.08
N VAL A 41 9.38 1.98 -10.27
CA VAL A 41 8.82 0.66 -10.00
C VAL A 41 7.92 0.20 -11.15
N ASP A 42 8.03 -1.07 -11.50
CA ASP A 42 7.22 -1.63 -12.58
C ASP A 42 5.73 -1.49 -12.28
N GLU A 43 4.92 -1.48 -13.33
CA GLU A 43 3.47 -1.35 -13.17
C GLU A 43 2.86 -2.66 -12.67
N ASN A 44 3.66 -3.72 -12.67
CA ASN A 44 3.20 -5.02 -12.21
C ASN A 44 3.31 -5.14 -10.70
N ALA A 45 4.12 -4.27 -10.10
CA ALA A 45 4.30 -4.28 -8.64
C ALA A 45 3.07 -3.73 -7.93
N VAL A 46 2.20 -3.07 -8.69
CA VAL A 46 0.98 -2.49 -8.12
C VAL A 46 -0.24 -3.36 -8.45
N HIS A 47 -0.92 -3.84 -7.41
CA HIS A 47 -2.09 -4.68 -7.60
C HIS A 47 -3.36 -3.95 -7.12
N VAL A 48 -4.22 -3.60 -8.06
CA VAL A 48 -5.46 -2.90 -7.72
C VAL A 48 -6.55 -3.89 -7.33
N LEU A 49 -7.26 -3.57 -6.24
CA LEU A 49 -8.34 -4.42 -5.75
C LEU A 49 -9.57 -4.32 -6.64
N VAL A 50 -10.21 -5.46 -6.90
CA VAL A 50 -11.40 -5.49 -7.74
C VAL A 50 -12.34 -6.61 -7.31
N ASP A 51 -13.60 -6.51 -7.72
CA ASP A 51 -14.60 -7.52 -7.38
C ASP A 51 -15.14 -8.19 -8.63
N ASN A 52 -15.98 -9.20 -8.44
CA ASN A 52 -16.57 -9.92 -9.56
C ASN A 52 -17.08 -8.96 -10.63
N ASN A 53 -17.81 -7.94 -10.20
CA ASN A 53 -18.35 -6.95 -11.13
C ASN A 53 -17.47 -5.70 -11.17
N GLY A 54 -16.16 -5.91 -11.00
CA GLY A 54 -15.23 -4.80 -11.03
C GLY A 54 -15.78 -3.57 -10.33
N GLN A 55 -16.38 -3.76 -9.15
CA GLN A 55 -16.95 -2.66 -8.39
C GLN A 55 -15.90 -1.59 -8.12
N GLY A 56 -14.78 -1.99 -7.53
CA GLY A 56 -13.72 -1.06 -7.22
C GLY A 56 -13.75 -0.59 -5.78
N LEU A 57 -13.45 -1.51 -4.86
CA LEU A 57 -13.45 -1.18 -3.43
C LEU A 57 -12.85 0.20 -3.19
N GLY A 58 -11.80 0.52 -3.95
CA GLY A 58 -11.16 1.81 -3.80
C GLY A 58 -9.83 1.70 -3.06
N GLN A 59 -9.05 0.68 -3.40
CA GLN A 59 -7.75 0.48 -2.77
C GLN A 59 -6.78 -0.19 -3.73
N ALA A 60 -5.49 -0.02 -3.46
CA ALA A 60 -4.45 -0.60 -4.31
C ALA A 60 -3.19 -0.91 -3.50
N LEU A 61 -2.53 -2.01 -3.84
CA LEU A 61 -1.32 -2.42 -3.15
C LEU A 61 -0.07 -2.13 -4.00
N VAL A 62 1.04 -1.86 -3.33
CA VAL A 62 2.29 -1.57 -4.01
C VAL A 62 3.44 -2.38 -3.44
N GLN A 63 4.10 -3.15 -4.29
CA GLN A 63 5.22 -3.98 -3.86
C GLN A 63 6.55 -3.39 -4.35
N PHE A 64 7.51 -3.31 -3.43
CA PHE A 64 8.83 -2.77 -3.76
C PHE A 64 9.92 -3.81 -3.51
N LYS A 65 11.01 -3.70 -4.27
CA LYS A 65 12.12 -4.63 -4.14
C LYS A 65 12.66 -4.65 -2.72
N ASN A 66 12.99 -3.46 -2.20
CA ASN A 66 13.51 -3.35 -0.84
C ASN A 66 12.97 -2.09 -0.17
N GLU A 67 13.23 -1.97 1.14
CA GLU A 67 12.77 -0.81 1.90
C GLU A 67 13.15 0.49 1.20
N ASP A 68 14.32 0.48 0.56
CA ASP A 68 14.80 1.67 -0.15
C ASP A 68 13.67 2.36 -0.88
N ASP A 69 12.77 1.57 -1.47
CA ASP A 69 11.63 2.11 -2.21
C ASP A 69 10.39 2.16 -1.32
N ALA A 70 10.35 1.29 -0.32
CA ALA A 70 9.22 1.24 0.60
C ALA A 70 9.08 2.54 1.38
N ARG A 71 10.14 2.93 2.06
CA ARG A 71 10.15 4.15 2.86
C ARG A 71 9.73 5.35 2.01
N LYS A 72 9.82 5.19 0.69
CA LYS A 72 9.45 6.26 -0.23
C LYS A 72 7.94 6.32 -0.42
N SER A 73 7.30 5.16 -0.48
CA SER A 73 5.86 5.07 -0.64
C SER A 73 5.13 5.58 0.59
N GLU A 74 5.75 5.37 1.76
CA GLU A 74 5.16 5.80 3.01
C GLU A 74 5.33 7.31 3.21
N ARG A 75 6.37 7.87 2.59
CA ARG A 75 6.66 9.29 2.69
C ARG A 75 5.53 10.11 2.07
N LEU A 76 4.83 9.52 1.11
CA LEU A 76 3.72 10.19 0.44
C LEU A 76 2.44 10.11 1.27
N HIS A 77 2.57 9.64 2.51
CA HIS A 77 1.43 9.49 3.40
C HIS A 77 0.71 10.83 3.57
N ARG A 78 -0.61 10.76 3.73
CA ARG A 78 -1.42 11.96 3.89
C ARG A 78 -1.27 12.90 2.69
N LYS A 79 -1.46 12.34 1.49
CA LYS A 79 -1.34 13.10 0.27
C LYS A 79 -2.73 13.39 -0.32
N LYS A 80 -2.77 14.32 -1.27
CA LYS A 80 -4.02 14.69 -1.91
C LYS A 80 -4.10 14.12 -3.32
N LEU A 81 -5.00 13.17 -3.52
CA LEU A 81 -5.18 12.53 -4.82
C LEU A 81 -6.54 12.87 -5.41
N ASN A 82 -6.54 13.61 -6.52
CA ASN A 82 -7.78 13.99 -7.18
C ASN A 82 -8.64 14.85 -6.26
N GLY A 83 -8.01 15.54 -5.32
CA GLY A 83 -8.73 16.38 -4.40
C GLY A 83 -9.28 15.61 -3.22
N ARG A 84 -8.72 14.42 -2.98
CA ARG A 84 -9.16 13.59 -1.87
C ARG A 84 -7.97 13.04 -1.09
N GLU A 85 -7.95 13.32 0.21
CA GLU A 85 -6.86 12.86 1.07
C GLU A 85 -6.69 11.34 0.97
N ALA A 86 -5.44 10.90 0.95
CA ALA A 86 -5.14 9.48 0.85
C ALA A 86 -4.24 9.03 2.00
N PHE A 87 -4.35 7.77 2.39
CA PHE A 87 -3.54 7.22 3.46
C PHE A 87 -2.78 5.99 3.00
N VAL A 88 -1.54 5.84 3.48
CA VAL A 88 -0.71 4.71 3.11
C VAL A 88 -0.20 3.97 4.34
N HIS A 89 -0.26 2.65 4.31
CA HIS A 89 0.20 1.83 5.42
C HIS A 89 1.28 0.86 4.98
N VAL A 90 2.46 0.98 5.59
CA VAL A 90 3.59 0.11 5.27
C VAL A 90 3.40 -1.29 5.86
N VAL A 91 3.51 -2.29 5.02
CA VAL A 91 3.36 -3.68 5.46
C VAL A 91 4.41 -4.58 4.81
N THR A 92 4.34 -5.87 5.12
CA THR A 92 5.27 -6.84 4.57
C THR A 92 4.74 -7.45 3.28
N LEU A 93 5.56 -8.28 2.64
CA LEU A 93 5.17 -8.93 1.39
C LEU A 93 3.98 -9.86 1.61
N GLU A 94 4.17 -10.85 2.48
CA GLU A 94 3.11 -11.81 2.77
C GLU A 94 1.79 -11.10 3.07
N ASP A 95 1.85 -10.08 3.92
CA ASP A 95 0.66 -9.31 4.27
C ASP A 95 0.01 -8.72 3.03
N MET A 96 0.82 -8.35 2.05
CA MET A 96 0.32 -7.77 0.81
C MET A 96 -0.44 -8.82 -0.01
N ARG A 97 -0.14 -10.09 0.23
CA ARG A 97 -0.79 -11.18 -0.49
C ARG A 97 -2.11 -11.56 0.20
N GLU A 98 -2.03 -11.94 1.46
CA GLU A 98 -3.21 -12.34 2.22
C GLU A 98 -4.37 -11.37 1.95
N ILE A 99 -4.04 -10.10 1.73
CA ILE A 99 -5.06 -9.09 1.46
C ILE A 99 -5.56 -9.20 0.03
N GLU A 100 -4.63 -9.30 -0.92
CA GLU A 100 -4.99 -9.41 -2.34
C GLU A 100 -5.83 -10.65 -2.59
N LYS A 101 -5.50 -11.73 -1.89
CA LYS A 101 -6.24 -12.98 -2.04
C LYS A 101 -7.65 -12.87 -1.47
N ASN A 102 -7.75 -12.27 -0.28
CA ASN A 102 -9.04 -12.10 0.37
C ASN A 102 -9.21 -10.66 0.87
N PRO A 103 -9.62 -9.76 -0.05
CA PRO A 103 -9.82 -8.35 0.28
C PRO A 103 -10.61 -8.16 1.57
N PRO A 104 -10.30 -7.08 2.30
CA PRO A 104 -10.97 -6.77 3.57
C PRO A 104 -12.49 -6.88 3.47
N ALA A 105 -13.09 -7.46 4.51
CA ALA A 105 -14.54 -7.63 4.54
C ALA A 105 -15.26 -6.29 4.54
N GLN A 106 -14.87 -5.41 5.46
CA GLN A 106 -15.48 -4.10 5.57
C GLN A 106 -14.51 -3.10 6.21
N GLY A 107 -14.23 -2.01 5.51
CA GLY A 107 -13.32 -1.00 6.03
C GLY A 107 -12.05 -1.61 6.59
N LYS A 108 -11.70 -1.21 7.80
CA LYS A 108 -10.49 -1.71 8.46
C LYS A 108 -10.70 -1.83 9.97
N SER A 109 -10.08 -2.85 10.56
CA SER A 109 -10.20 -3.08 12.00
C SER A 109 -9.82 -1.82 12.78
N GLY A 110 -8.59 -1.36 12.59
CA GLY A 110 -8.12 -0.17 13.28
C GLY A 110 -6.62 -0.14 13.42
N PRO A 111 -6.08 1.05 13.74
CA PRO A 111 -4.63 1.23 13.91
C PRO A 111 -3.99 0.13 14.75
N SER A 112 -2.70 -0.10 14.53
CA SER A 112 -1.98 -1.14 15.26
C SER A 112 -0.53 -0.72 15.48
N SER A 113 0.02 -1.10 16.63
CA SER A 113 1.40 -0.77 16.96
C SER A 113 2.23 -2.04 17.18
N GLY A 114 1.81 -2.86 18.13
CA GLY A 114 2.51 -4.09 18.41
C GLY A 114 1.65 -5.31 18.19
N GLY A 1 28.60 -2.20 20.33
CA GLY A 1 27.57 -3.17 20.02
C GLY A 1 26.18 -2.56 20.04
N SER A 2 25.46 -2.68 18.93
CA SER A 2 24.11 -2.13 18.82
C SER A 2 23.35 -2.79 17.67
N SER A 3 22.04 -2.61 17.67
CA SER A 3 21.19 -3.19 16.64
C SER A 3 20.03 -2.26 16.30
N GLY A 4 19.40 -2.49 15.15
CA GLY A 4 18.28 -1.67 14.74
C GLY A 4 17.22 -2.47 14.01
N SER A 5 17.29 -2.47 12.68
CA SER A 5 16.32 -3.20 11.87
C SER A 5 16.94 -3.64 10.55
N SER A 6 16.26 -4.55 9.86
CA SER A 6 16.75 -5.07 8.58
C SER A 6 17.49 -3.99 7.81
N GLY A 7 18.68 -4.32 7.32
CA GLY A 7 19.47 -3.36 6.58
C GLY A 7 19.94 -3.92 5.25
N GLU A 8 21.12 -4.54 5.25
CA GLU A 8 21.68 -5.13 4.04
C GLU A 8 21.82 -6.63 4.16
N GLY A 9 22.61 -7.08 5.14
CA GLY A 9 22.81 -8.49 5.35
C GLY A 9 21.51 -9.23 5.63
N ASP A 10 21.23 -9.47 6.91
CA ASP A 10 20.02 -10.17 7.31
C ASP A 10 18.77 -9.38 6.89
N VAL A 11 17.84 -10.05 6.24
CA VAL A 11 16.61 -9.42 5.79
C VAL A 11 15.39 -10.19 6.26
N ASN A 12 14.77 -9.72 7.34
CA ASN A 12 13.58 -10.37 7.89
C ASN A 12 12.50 -9.35 8.20
N SER A 13 11.26 -9.67 7.84
CA SER A 13 10.13 -8.79 8.08
C SER A 13 10.44 -7.37 7.61
N ALA A 14 10.92 -7.25 6.38
CA ALA A 14 11.27 -5.95 5.82
C ALA A 14 10.08 -5.34 5.08
N LYS A 15 9.68 -4.15 5.50
CA LYS A 15 8.55 -3.46 4.88
C LYS A 15 8.89 -3.06 3.45
N VAL A 16 8.45 -3.87 2.50
CA VAL A 16 8.70 -3.60 1.08
C VAL A 16 7.39 -3.50 0.30
N CYS A 17 6.33 -3.08 0.98
CA CYS A 17 5.02 -2.95 0.35
C CYS A 17 4.23 -1.81 0.99
N ALA A 18 3.54 -1.04 0.15
CA ALA A 18 2.74 0.09 0.63
C ALA A 18 1.30 -0.02 0.14
N HIS A 19 0.36 0.06 1.08
CA HIS A 19 -1.07 -0.02 0.75
C HIS A 19 -1.70 1.37 0.70
N ILE A 20 -2.47 1.62 -0.34
CA ILE A 20 -3.14 2.91 -0.50
C ILE A 20 -4.65 2.76 -0.39
N THR A 21 -5.24 3.40 0.62
CA THR A 21 -6.67 3.33 0.83
C THR A 21 -7.28 4.73 0.89
N ASN A 22 -8.62 4.79 0.82
CA ASN A 22 -9.32 6.07 0.86
C ASN A 22 -9.08 6.86 -0.42
N ILE A 23 -9.21 6.19 -1.56
CA ILE A 23 -9.01 6.83 -2.85
C ILE A 23 -10.22 6.62 -3.77
N PRO A 24 -10.55 7.64 -4.56
CA PRO A 24 -11.67 7.59 -5.49
C PRO A 24 -11.70 6.30 -6.31
N PHE A 25 -12.86 5.67 -6.36
CA PHE A 25 -13.02 4.42 -7.10
C PHE A 25 -13.36 4.70 -8.56
N SER A 26 -12.85 5.81 -9.09
CA SER A 26 -13.10 6.19 -10.47
C SER A 26 -11.82 6.09 -11.30
N ILE A 27 -10.68 6.34 -10.66
CA ILE A 27 -9.39 6.29 -11.33
C ILE A 27 -9.00 4.85 -11.66
N THR A 28 -7.94 4.69 -12.44
CA THR A 28 -7.47 3.37 -12.83
C THR A 28 -5.99 3.20 -12.48
N LYS A 29 -5.53 1.96 -12.50
CA LYS A 29 -4.14 1.65 -12.19
C LYS A 29 -3.21 2.74 -12.73
N MET A 30 -3.42 3.12 -13.99
CA MET A 30 -2.60 4.15 -14.62
C MET A 30 -2.49 5.38 -13.73
N ASP A 31 -3.63 5.82 -13.19
CA ASP A 31 -3.65 6.99 -12.31
C ASP A 31 -2.72 6.78 -11.12
N VAL A 32 -2.84 5.64 -10.47
CA VAL A 32 -2.01 5.33 -9.31
C VAL A 32 -0.53 5.42 -9.65
N LEU A 33 -0.12 4.69 -10.68
CA LEU A 33 1.28 4.69 -11.12
C LEU A 33 1.79 6.13 -11.28
N GLN A 34 0.90 7.03 -11.69
CA GLN A 34 1.26 8.42 -11.90
C GLN A 34 1.44 9.14 -10.56
N PHE A 35 0.72 8.66 -9.54
CA PHE A 35 0.79 9.26 -8.22
C PHE A 35 2.09 8.86 -7.51
N LEU A 36 2.62 7.70 -7.88
CA LEU A 36 3.86 7.20 -7.29
C LEU A 36 5.07 7.61 -8.13
N GLU A 37 4.89 8.62 -8.97
CA GLU A 37 5.96 9.11 -9.82
C GLU A 37 7.18 9.50 -8.99
N GLY A 38 8.36 9.09 -9.45
CA GLY A 38 9.58 9.42 -8.74
C GLY A 38 10.14 8.23 -7.98
N ILE A 39 9.28 7.26 -7.70
CA ILE A 39 9.71 6.06 -6.98
C ILE A 39 9.81 4.86 -7.91
N PRO A 40 11.05 4.49 -8.26
CA PRO A 40 11.32 3.35 -9.16
C PRO A 40 10.51 2.12 -8.77
N VAL A 41 9.53 1.78 -9.61
CA VAL A 41 8.69 0.61 -9.36
C VAL A 41 7.96 0.18 -10.62
N ASP A 42 7.94 -1.12 -10.87
CA ASP A 42 7.28 -1.67 -12.04
C ASP A 42 5.77 -1.47 -11.96
N GLU A 43 5.10 -1.48 -13.11
CA GLU A 43 3.65 -1.30 -13.16
C GLU A 43 2.93 -2.43 -12.43
N ASN A 44 3.38 -3.66 -12.66
CA ASN A 44 2.78 -4.82 -12.02
C ASN A 44 2.91 -4.74 -10.51
N ALA A 45 4.03 -4.18 -10.05
CA ALA A 45 4.28 -4.05 -8.62
C ALA A 45 3.05 -3.51 -7.90
N VAL A 46 2.16 -2.87 -8.64
CA VAL A 46 0.94 -2.31 -8.07
C VAL A 46 -0.25 -3.21 -8.36
N HIS A 47 -0.89 -3.71 -7.30
CA HIS A 47 -2.05 -4.58 -7.45
C HIS A 47 -3.32 -3.86 -7.00
N VAL A 48 -4.13 -3.42 -7.96
CA VAL A 48 -5.37 -2.72 -7.66
C VAL A 48 -6.47 -3.70 -7.29
N LEU A 49 -7.21 -3.38 -6.24
CA LEU A 49 -8.30 -4.24 -5.78
C LEU A 49 -9.51 -4.12 -6.70
N VAL A 50 -10.37 -5.13 -6.66
CA VAL A 50 -11.57 -5.15 -7.49
C VAL A 50 -12.71 -5.88 -6.80
N ASP A 51 -13.94 -5.51 -7.15
CA ASP A 51 -15.12 -6.13 -6.57
C ASP A 51 -15.93 -6.86 -7.63
N ASN A 52 -17.07 -7.42 -7.21
CA ASN A 52 -17.93 -8.16 -8.13
C ASN A 52 -18.12 -7.39 -9.44
N ASN A 53 -18.33 -6.08 -9.32
CA ASN A 53 -18.52 -5.23 -10.49
C ASN A 53 -17.18 -4.85 -11.12
N GLY A 54 -16.11 -4.99 -10.35
CA GLY A 54 -14.79 -4.67 -10.86
C GLY A 54 -14.31 -3.30 -10.41
N GLN A 55 -15.24 -2.38 -10.21
CA GLN A 55 -14.91 -1.03 -9.78
C GLN A 55 -13.89 -1.05 -8.65
N GLY A 56 -14.08 -1.97 -7.71
CA GLY A 56 -13.16 -2.08 -6.59
C GLY A 56 -13.67 -1.37 -5.35
N LEU A 57 -12.91 -1.45 -4.27
CA LEU A 57 -13.28 -0.81 -3.01
C LEU A 57 -12.44 0.43 -2.77
N GLY A 58 -11.91 1.01 -3.85
CA GLY A 58 -11.10 2.21 -3.73
C GLY A 58 -9.82 1.96 -2.95
N GLN A 59 -9.08 0.94 -3.35
CA GLN A 59 -7.82 0.60 -2.68
C GLN A 59 -6.85 -0.06 -3.65
N ALA A 60 -5.55 0.12 -3.40
CA ALA A 60 -4.52 -0.45 -4.25
C ALA A 60 -3.27 -0.79 -3.45
N LEU A 61 -2.62 -1.89 -3.79
CA LEU A 61 -1.41 -2.31 -3.11
C LEU A 61 -0.18 -2.11 -4.00
N VAL A 62 0.97 -1.88 -3.36
CA VAL A 62 2.21 -1.67 -4.09
C VAL A 62 3.36 -2.47 -3.47
N GLN A 63 4.13 -3.15 -4.32
CA GLN A 63 5.25 -3.96 -3.85
C GLN A 63 6.57 -3.43 -4.41
N PHE A 64 7.62 -3.51 -3.60
CA PHE A 64 8.93 -3.03 -4.02
C PHE A 64 9.98 -4.14 -3.86
N LYS A 65 11.17 -3.89 -4.41
CA LYS A 65 12.26 -4.86 -4.34
C LYS A 65 12.96 -4.80 -2.99
N ASN A 66 13.15 -3.58 -2.48
CA ASN A 66 13.82 -3.39 -1.20
C ASN A 66 13.21 -2.20 -0.45
N GLU A 67 13.42 -2.17 0.86
CA GLU A 67 12.90 -1.09 1.69
C GLU A 67 13.34 0.27 1.15
N ASP A 68 14.53 0.30 0.57
CA ASP A 68 15.07 1.55 0.01
C ASP A 68 13.99 2.30 -0.77
N ASP A 69 13.15 1.57 -1.47
CA ASP A 69 12.08 2.17 -2.26
C ASP A 69 10.77 2.17 -1.47
N ALA A 70 10.68 1.30 -0.47
CA ALA A 70 9.48 1.21 0.35
C ALA A 70 9.32 2.43 1.24
N ARG A 71 10.35 2.70 2.05
CA ARG A 71 10.34 3.83 2.96
C ARG A 71 10.00 5.12 2.21
N LYS A 72 10.17 5.10 0.89
CA LYS A 72 9.88 6.26 0.06
C LYS A 72 8.37 6.43 -0.13
N SER A 73 7.69 5.33 -0.42
CA SER A 73 6.25 5.36 -0.63
C SER A 73 5.53 5.95 0.57
N GLU A 74 6.13 5.79 1.75
CA GLU A 74 5.55 6.31 2.98
C GLU A 74 5.57 7.83 2.99
N ARG A 75 6.57 8.41 2.33
CA ARG A 75 6.70 9.86 2.26
C ARG A 75 5.49 10.49 1.57
N LEU A 76 4.66 9.65 0.96
CA LEU A 76 3.48 10.12 0.26
C LEU A 76 2.22 9.92 1.12
N HIS A 77 2.43 9.73 2.42
CA HIS A 77 1.32 9.52 3.34
C HIS A 77 0.45 10.78 3.44
N ARG A 78 -0.83 10.59 3.73
CA ARG A 78 -1.76 11.71 3.84
C ARG A 78 -1.69 12.61 2.62
N LYS A 79 -1.52 12.00 1.45
CA LYS A 79 -1.43 12.74 0.21
C LYS A 79 -2.82 13.09 -0.33
N LYS A 80 -2.87 13.92 -1.35
CA LYS A 80 -4.13 14.33 -1.96
C LYS A 80 -4.25 13.82 -3.39
N LEU A 81 -4.99 12.73 -3.57
CA LEU A 81 -5.18 12.14 -4.89
C LEU A 81 -6.55 12.51 -5.45
N ASN A 82 -6.55 13.32 -6.51
CA ASN A 82 -7.79 13.74 -7.14
C ASN A 82 -8.65 14.55 -6.17
N GLY A 83 -8.00 15.21 -5.22
CA GLY A 83 -8.72 16.01 -4.25
C GLY A 83 -9.20 15.18 -3.07
N ARG A 84 -8.66 13.98 -2.93
CA ARG A 84 -9.04 13.09 -1.84
C ARG A 84 -7.83 12.69 -1.01
N GLU A 85 -7.96 12.78 0.31
CA GLU A 85 -6.87 12.42 1.21
C GLU A 85 -6.66 10.92 1.25
N ALA A 86 -5.51 10.47 0.75
CA ALA A 86 -5.18 9.05 0.73
C ALA A 86 -4.32 8.66 1.92
N PHE A 87 -4.34 7.39 2.28
CA PHE A 87 -3.56 6.89 3.40
C PHE A 87 -2.64 5.75 2.96
N VAL A 88 -1.33 5.97 3.08
CA VAL A 88 -0.36 4.96 2.69
C VAL A 88 0.17 4.22 3.91
N HIS A 89 -0.06 2.91 3.94
CA HIS A 89 0.39 2.08 5.05
C HIS A 89 1.57 1.20 4.62
N VAL A 90 2.73 1.45 5.22
CA VAL A 90 3.93 0.69 4.91
C VAL A 90 3.94 -0.64 5.64
N VAL A 91 3.67 -1.72 4.91
CA VAL A 91 3.64 -3.05 5.49
C VAL A 91 4.63 -3.98 4.77
N THR A 92 4.77 -5.19 5.31
CA THR A 92 5.69 -6.16 4.72
C THR A 92 4.98 -7.03 3.69
N LEU A 93 5.74 -7.51 2.70
CA LEU A 93 5.18 -8.34 1.65
C LEU A 93 4.20 -9.36 2.22
N GLU A 94 4.61 -10.03 3.29
CA GLU A 94 3.76 -11.03 3.94
C GLU A 94 2.41 -10.43 4.33
N ASP A 95 2.46 -9.27 4.98
CA ASP A 95 1.24 -8.59 5.41
C ASP A 95 0.42 -8.12 4.20
N MET A 96 1.09 -7.97 3.07
CA MET A 96 0.43 -7.53 1.84
C MET A 96 -0.28 -8.69 1.17
N ARG A 97 0.42 -9.82 1.03
CA ARG A 97 -0.15 -11.00 0.40
C ARG A 97 -1.52 -11.34 1.00
N GLU A 98 -1.64 -11.12 2.31
CA GLU A 98 -2.88 -11.41 3.01
C GLU A 98 -3.99 -10.46 2.56
N ILE A 99 -3.67 -9.18 2.46
CA ILE A 99 -4.63 -8.18 2.04
C ILE A 99 -5.17 -8.48 0.64
N GLU A 100 -4.31 -9.02 -0.22
CA GLU A 100 -4.70 -9.35 -1.59
C GLU A 100 -5.70 -10.50 -1.60
N LYS A 101 -5.29 -11.63 -1.03
CA LYS A 101 -6.15 -12.81 -0.98
C LYS A 101 -7.45 -12.50 -0.27
N ASN A 102 -7.36 -11.73 0.81
CA ASN A 102 -8.53 -11.35 1.59
C ASN A 102 -8.42 -9.92 2.09
N PRO A 103 -9.18 -9.01 1.45
CA PRO A 103 -9.18 -7.59 1.82
C PRO A 103 -9.95 -7.32 3.11
N PRO A 104 -9.50 -6.30 3.86
CA PRO A 104 -10.13 -5.92 5.13
C PRO A 104 -11.65 -5.82 5.02
N ALA A 105 -12.35 -6.52 5.90
CA ALA A 105 -13.81 -6.51 5.90
C ALA A 105 -14.35 -6.35 7.32
N GLN A 106 -14.89 -5.17 7.61
CA GLN A 106 -15.45 -4.89 8.93
C GLN A 106 -14.51 -5.36 10.03
N GLY A 107 -13.22 -5.06 9.88
CA GLY A 107 -12.24 -5.45 10.87
C GLY A 107 -11.23 -4.37 11.16
N LYS A 108 -9.95 -4.64 10.91
CA LYS A 108 -8.90 -3.68 11.15
C LYS A 108 -7.83 -3.75 10.06
N SER A 109 -6.83 -2.87 10.14
CA SER A 109 -5.76 -2.84 9.17
C SER A 109 -4.78 -3.98 9.39
N GLY A 110 -4.25 -4.06 10.61
CA GLY A 110 -3.30 -5.11 10.95
C GLY A 110 -2.55 -4.83 12.23
N PRO A 111 -1.28 -5.26 12.28
CA PRO A 111 -0.43 -5.06 13.45
C PRO A 111 0.08 -3.62 13.57
N SER A 112 -0.01 -3.07 14.77
CA SER A 112 0.43 -1.70 15.01
C SER A 112 1.95 -1.64 15.16
N SER A 113 2.63 -1.33 14.05
CA SER A 113 4.09 -1.24 14.05
C SER A 113 4.58 -0.35 12.92
N GLY A 114 5.76 0.23 13.10
CA GLY A 114 6.32 1.11 12.08
C GLY A 114 5.58 2.43 11.98
N GLY A 1 16.07 -7.07 31.45
CA GLY A 1 15.21 -6.75 30.33
C GLY A 1 15.80 -7.20 29.00
N SER A 2 14.95 -7.35 28.00
CA SER A 2 15.39 -7.79 26.68
C SER A 2 15.36 -6.62 25.69
N SER A 3 16.53 -6.08 25.38
CA SER A 3 16.63 -4.97 24.45
C SER A 3 17.08 -5.45 23.07
N GLY A 4 16.97 -4.56 22.08
CA GLY A 4 17.37 -4.92 20.73
C GLY A 4 16.61 -4.12 19.68
N SER A 5 17.03 -4.26 18.43
CA SER A 5 16.39 -3.55 17.33
C SER A 5 15.07 -4.21 16.95
N SER A 6 14.08 -3.40 16.59
CA SER A 6 12.77 -3.90 16.21
C SER A 6 12.90 -5.18 15.39
N GLY A 7 13.77 -5.14 14.38
CA GLY A 7 13.97 -6.31 13.54
C GLY A 7 15.39 -6.84 13.61
N GLU A 8 15.54 -8.04 14.15
CA GLU A 8 16.86 -8.66 14.28
C GLU A 8 17.57 -8.70 12.94
N GLY A 9 16.91 -9.27 11.93
CA GLY A 9 17.50 -9.36 10.61
C GLY A 9 16.76 -8.52 9.59
N ASP A 10 17.50 -7.90 8.68
CA ASP A 10 16.90 -7.07 7.64
C ASP A 10 16.10 -7.93 6.66
N VAL A 11 16.72 -9.02 6.20
CA VAL A 11 16.06 -9.92 5.26
C VAL A 11 14.88 -10.63 5.91
N ASN A 12 15.11 -11.19 7.09
CA ASN A 12 14.07 -11.89 7.81
C ASN A 12 12.73 -11.18 7.68
N SER A 13 12.74 -9.88 7.93
CA SER A 13 11.53 -9.07 7.86
C SER A 13 11.84 -7.67 7.34
N ALA A 14 11.30 -7.34 6.17
CA ALA A 14 11.51 -6.03 5.57
C ALA A 14 10.24 -5.52 4.90
N LYS A 15 9.80 -4.33 5.32
CA LYS A 15 8.59 -3.73 4.77
C LYS A 15 8.85 -3.20 3.36
N VAL A 16 8.52 -4.01 2.36
CA VAL A 16 8.72 -3.63 0.97
C VAL A 16 7.38 -3.49 0.24
N CYS A 17 6.31 -3.34 1.03
CA CYS A 17 4.97 -3.20 0.45
C CYS A 17 4.21 -2.07 1.14
N ALA A 18 3.30 -1.44 0.41
CA ALA A 18 2.50 -0.35 0.94
C ALA A 18 1.06 -0.42 0.44
N HIS A 19 0.11 -0.39 1.36
CA HIS A 19 -1.30 -0.45 1.01
C HIS A 19 -1.90 0.95 0.93
N ILE A 20 -2.35 1.32 -0.26
CA ILE A 20 -2.94 2.64 -0.47
C ILE A 20 -4.46 2.58 -0.30
N THR A 21 -4.97 3.33 0.68
CA THR A 21 -6.40 3.37 0.94
C THR A 21 -6.94 4.79 0.85
N ASN A 22 -8.25 4.94 0.96
CA ASN A 22 -8.88 6.24 0.89
C ASN A 22 -8.76 6.83 -0.51
N ILE A 23 -8.74 5.96 -1.51
CA ILE A 23 -8.63 6.40 -2.90
C ILE A 23 -9.96 6.27 -3.63
N PRO A 24 -10.15 7.09 -4.67
CA PRO A 24 -11.39 7.09 -5.47
C PRO A 24 -11.44 5.91 -6.43
N PHE A 25 -12.62 5.31 -6.57
CA PHE A 25 -12.80 4.18 -7.46
C PHE A 25 -13.13 4.64 -8.87
N SER A 26 -12.66 5.84 -9.22
CA SER A 26 -12.90 6.40 -10.55
C SER A 26 -11.64 6.35 -11.39
N ILE A 27 -10.49 6.33 -10.73
CA ILE A 27 -9.21 6.27 -11.43
C ILE A 27 -8.87 4.85 -11.85
N THR A 28 -7.72 4.70 -12.50
CA THR A 28 -7.28 3.38 -12.96
C THR A 28 -5.85 3.10 -12.52
N LYS A 29 -5.37 1.89 -12.81
CA LYS A 29 -4.02 1.49 -12.45
C LYS A 29 -3.00 2.53 -12.91
N MET A 30 -3.17 3.02 -14.13
CA MET A 30 -2.27 4.02 -14.69
C MET A 30 -2.15 5.23 -13.76
N ASP A 31 -3.29 5.82 -13.43
CA ASP A 31 -3.31 6.98 -12.55
C ASP A 31 -2.40 6.78 -11.34
N VAL A 32 -2.56 5.64 -10.68
CA VAL A 32 -1.74 5.32 -9.52
C VAL A 32 -0.26 5.50 -9.82
N LEU A 33 0.23 4.74 -10.79
CA LEU A 33 1.64 4.82 -11.18
C LEU A 33 2.13 6.28 -11.17
N GLN A 34 1.22 7.20 -11.41
CA GLN A 34 1.55 8.62 -11.42
C GLN A 34 1.69 9.17 -10.01
N PHE A 35 0.75 8.79 -9.14
CA PHE A 35 0.78 9.24 -7.75
C PHE A 35 2.11 8.91 -7.09
N LEU A 36 2.74 7.83 -7.55
CA LEU A 36 4.02 7.42 -7.00
C LEU A 36 5.18 8.08 -7.74
N GLU A 37 4.88 9.18 -8.41
CA GLU A 37 5.89 9.92 -9.16
C GLU A 37 7.20 10.00 -8.38
N GLY A 38 8.27 9.46 -8.96
CA GLY A 38 9.56 9.49 -8.30
C GLY A 38 10.07 8.09 -7.97
N ILE A 39 9.16 7.22 -7.55
CA ILE A 39 9.53 5.86 -7.20
C ILE A 39 9.51 4.95 -8.43
N PRO A 40 10.70 4.51 -8.85
CA PRO A 40 10.85 3.63 -10.02
C PRO A 40 10.40 2.20 -9.73
N VAL A 41 9.21 1.85 -10.19
CA VAL A 41 8.67 0.51 -9.98
C VAL A 41 7.84 0.07 -11.17
N ASP A 42 7.84 -1.24 -11.43
CA ASP A 42 7.08 -1.80 -12.54
C ASP A 42 5.58 -1.59 -12.34
N GLU A 43 4.80 -1.86 -13.39
CA GLU A 43 3.35 -1.70 -13.32
C GLU A 43 2.72 -2.81 -12.50
N ASN A 44 3.04 -4.06 -12.85
CA ASN A 44 2.50 -5.22 -12.15
C ASN A 44 2.59 -5.03 -10.64
N ALA A 45 3.71 -4.47 -10.19
CA ALA A 45 3.92 -4.23 -8.76
C ALA A 45 2.66 -3.71 -8.10
N VAL A 46 1.90 -2.90 -8.84
CA VAL A 46 0.66 -2.32 -8.32
C VAL A 46 -0.52 -3.26 -8.54
N HIS A 47 -1.20 -3.61 -7.45
CA HIS A 47 -2.35 -4.51 -7.53
C HIS A 47 -3.62 -3.80 -7.08
N VAL A 48 -4.56 -3.63 -8.00
CA VAL A 48 -5.82 -2.97 -7.70
C VAL A 48 -6.88 -3.97 -7.25
N LEU A 49 -7.56 -3.66 -6.15
CA LEU A 49 -8.59 -4.55 -5.62
C LEU A 49 -9.85 -4.48 -6.47
N VAL A 50 -10.63 -5.55 -6.45
CA VAL A 50 -11.87 -5.61 -7.22
C VAL A 50 -12.93 -6.43 -6.50
N ASP A 51 -14.19 -6.17 -6.81
CA ASP A 51 -15.30 -6.90 -6.19
C ASP A 51 -16.07 -7.71 -7.23
N ASN A 52 -17.09 -8.42 -6.77
CA ASN A 52 -17.91 -9.24 -7.66
C ASN A 52 -18.31 -8.46 -8.92
N ASN A 53 -18.75 -7.22 -8.71
CA ASN A 53 -19.15 -6.37 -9.83
C ASN A 53 -17.98 -5.54 -10.33
N GLY A 54 -16.77 -6.07 -10.18
CA GLY A 54 -15.59 -5.36 -10.64
C GLY A 54 -15.67 -3.87 -10.37
N GLN A 55 -16.11 -3.50 -9.17
CA GLN A 55 -16.24 -2.10 -8.81
C GLN A 55 -14.94 -1.58 -8.18
N GLY A 56 -14.42 -2.32 -7.21
CA GLY A 56 -13.19 -1.91 -6.55
C GLY A 56 -13.45 -1.14 -5.27
N LEU A 57 -12.91 -1.64 -4.17
CA LEU A 57 -13.09 -0.98 -2.88
C LEU A 57 -12.09 0.16 -2.71
N GLY A 58 -11.90 0.94 -3.77
CA GLY A 58 -10.98 2.06 -3.72
C GLY A 58 -9.74 1.75 -2.89
N GLN A 59 -9.05 0.68 -3.26
CA GLN A 59 -7.85 0.28 -2.54
C GLN A 59 -6.89 -0.49 -3.47
N ALA A 60 -5.59 -0.35 -3.22
CA ALA A 60 -4.58 -1.01 -4.03
C ALA A 60 -3.32 -1.28 -3.21
N LEU A 61 -2.62 -2.36 -3.56
CA LEU A 61 -1.40 -2.73 -2.85
C LEU A 61 -0.19 -2.57 -3.77
N VAL A 62 0.83 -1.88 -3.28
CA VAL A 62 2.06 -1.66 -4.05
C VAL A 62 3.20 -2.52 -3.51
N GLN A 63 3.82 -3.29 -4.40
CA GLN A 63 4.94 -4.15 -4.02
C GLN A 63 6.25 -3.63 -4.60
N PHE A 64 7.20 -3.35 -3.72
CA PHE A 64 8.51 -2.86 -4.14
C PHE A 64 9.58 -3.93 -4.03
N LYS A 65 10.81 -3.58 -4.35
CA LYS A 65 11.92 -4.52 -4.28
C LYS A 65 12.61 -4.45 -2.92
N ASN A 66 13.18 -3.30 -2.61
CA ASN A 66 13.86 -3.11 -1.33
C ASN A 66 13.28 -1.92 -0.58
N GLU A 67 13.50 -1.89 0.73
CA GLU A 67 13.00 -0.80 1.57
C GLU A 67 13.37 0.56 0.97
N ASP A 68 14.59 0.65 0.46
CA ASP A 68 15.07 1.89 -0.13
C ASP A 68 13.99 2.54 -0.99
N ASP A 69 13.10 1.71 -1.55
CA ASP A 69 12.02 2.21 -2.39
C ASP A 69 10.73 2.35 -1.59
N ALA A 70 10.59 1.53 -0.56
CA ALA A 70 9.40 1.56 0.29
C ALA A 70 9.41 2.80 1.19
N ARG A 71 10.50 2.99 1.92
CA ARG A 71 10.63 4.12 2.82
C ARG A 71 10.10 5.40 2.16
N LYS A 72 10.20 5.46 0.84
CA LYS A 72 9.74 6.61 0.08
C LYS A 72 8.22 6.74 0.15
N SER A 73 7.53 5.62 0.04
CA SER A 73 6.08 5.61 0.11
C SER A 73 5.57 6.27 1.38
N GLU A 74 6.28 6.04 2.48
CA GLU A 74 5.91 6.62 3.77
C GLU A 74 5.94 8.15 3.71
N ARG A 75 6.57 8.68 2.67
CA ARG A 75 6.67 10.12 2.49
C ARG A 75 5.44 10.66 1.77
N LEU A 76 4.76 9.80 1.02
CA LEU A 76 3.57 10.20 0.29
C LEU A 76 2.32 9.99 1.13
N HIS A 77 2.52 9.76 2.43
CA HIS A 77 1.40 9.55 3.33
C HIS A 77 0.58 10.83 3.50
N ARG A 78 -0.73 10.66 3.70
CA ARG A 78 -1.63 11.80 3.87
C ARG A 78 -1.54 12.75 2.67
N LYS A 79 -1.42 12.17 1.48
CA LYS A 79 -1.33 12.96 0.25
C LYS A 79 -2.72 13.32 -0.27
N LYS A 80 -2.75 14.00 -1.40
CA LYS A 80 -4.02 14.41 -2.01
C LYS A 80 -4.13 13.88 -3.44
N LEU A 81 -4.83 12.76 -3.59
CA LEU A 81 -5.02 12.15 -4.91
C LEU A 81 -6.40 12.50 -5.48
N ASN A 82 -6.40 13.29 -6.54
CA ASN A 82 -7.66 13.69 -7.19
C ASN A 82 -8.53 14.47 -6.22
N GLY A 83 -7.90 15.23 -5.33
CA GLY A 83 -8.64 16.02 -4.37
C GLY A 83 -9.20 15.19 -3.23
N ARG A 84 -8.64 13.99 -3.05
CA ARG A 84 -9.08 13.08 -2.01
C ARG A 84 -7.91 12.60 -1.16
N GLU A 85 -7.90 12.99 0.10
CA GLU A 85 -6.82 12.60 1.01
C GLU A 85 -6.58 11.09 0.96
N ALA A 86 -5.33 10.70 0.74
CA ALA A 86 -4.97 9.30 0.67
C ALA A 86 -4.06 8.89 1.82
N PHE A 87 -4.21 7.66 2.29
CA PHE A 87 -3.41 7.15 3.40
C PHE A 87 -2.54 5.97 2.95
N VAL A 88 -1.24 6.08 3.19
CA VAL A 88 -0.31 5.02 2.81
C VAL A 88 0.19 4.27 4.04
N HIS A 89 -0.26 3.02 4.18
CA HIS A 89 0.13 2.19 5.31
C HIS A 89 1.12 1.11 4.87
N VAL A 90 2.38 1.28 5.27
CA VAL A 90 3.42 0.32 4.90
C VAL A 90 3.27 -0.97 5.71
N VAL A 91 3.50 -2.10 5.05
CA VAL A 91 3.40 -3.41 5.71
C VAL A 91 4.28 -4.43 5.02
N THR A 92 4.57 -5.52 5.73
CA THR A 92 5.41 -6.58 5.20
C THR A 92 4.71 -7.30 4.04
N LEU A 93 5.50 -7.97 3.21
CA LEU A 93 4.95 -8.71 2.07
C LEU A 93 3.79 -9.60 2.51
N GLU A 94 4.08 -10.52 3.43
CA GLU A 94 3.06 -11.44 3.94
C GLU A 94 1.71 -10.73 4.06
N ASP A 95 1.65 -9.73 4.92
CA ASP A 95 0.42 -8.97 5.13
C ASP A 95 -0.24 -8.63 3.80
N MET A 96 0.55 -8.13 2.86
CA MET A 96 0.04 -7.76 1.54
C MET A 96 -0.59 -8.95 0.85
N ARG A 97 0.20 -9.98 0.60
CA ARG A 97 -0.29 -11.18 -0.06
C ARG A 97 -1.61 -11.63 0.55
N GLU A 98 -1.67 -11.67 1.88
CA GLU A 98 -2.88 -12.09 2.59
C GLU A 98 -4.08 -11.24 2.15
N ILE A 99 -3.99 -9.94 2.37
CA ILE A 99 -5.07 -9.03 2.00
C ILE A 99 -5.53 -9.28 0.58
N GLU A 100 -4.62 -9.06 -0.38
CA GLU A 100 -4.93 -9.27 -1.79
C GLU A 100 -5.79 -10.51 -1.98
N LYS A 101 -5.36 -11.62 -1.37
CA LYS A 101 -6.09 -12.87 -1.47
C LYS A 101 -7.47 -12.76 -0.85
N ASN A 102 -7.52 -12.36 0.42
CA ASN A 102 -8.78 -12.20 1.13
C ASN A 102 -8.92 -10.79 1.68
N PRO A 103 -9.15 -9.82 0.78
CA PRO A 103 -9.31 -8.41 1.15
C PRO A 103 -10.26 -8.23 2.33
N PRO A 104 -10.07 -7.14 3.08
CA PRO A 104 -10.90 -6.83 4.25
C PRO A 104 -12.26 -6.26 3.87
N ALA A 105 -13.26 -6.46 4.73
CA ALA A 105 -14.61 -5.97 4.47
C ALA A 105 -14.86 -4.68 5.22
N GLN A 106 -14.37 -4.60 6.45
CA GLN A 106 -14.55 -3.41 7.28
C GLN A 106 -13.67 -3.47 8.52
N GLY A 107 -12.61 -2.66 8.52
CA GLY A 107 -11.71 -2.63 9.66
C GLY A 107 -10.90 -1.35 9.73
N LYS A 108 -9.74 -1.42 10.37
CA LYS A 108 -8.86 -0.25 10.50
C LYS A 108 -9.65 0.96 10.98
N SER A 109 -10.59 0.73 11.89
CA SER A 109 -11.41 1.81 12.42
C SER A 109 -10.96 2.19 13.83
N GLY A 110 -9.64 2.30 14.00
CA GLY A 110 -9.09 2.67 15.30
C GLY A 110 -7.67 2.19 15.48
N PRO A 111 -6.71 3.08 15.18
CA PRO A 111 -5.28 2.77 15.29
C PRO A 111 -4.80 2.80 16.74
N SER A 112 -5.74 2.91 17.67
CA SER A 112 -5.41 2.95 19.09
C SER A 112 -6.50 2.27 19.92
N SER A 113 -6.12 1.79 21.10
CA SER A 113 -7.06 1.12 21.99
C SER A 113 -7.12 1.81 23.35
N GLY A 114 -5.96 1.96 23.99
CA GLY A 114 -5.91 2.61 25.29
C GLY A 114 -6.82 3.82 25.36
N GLY A 1 -7.29 -16.96 10.78
CA GLY A 1 -6.26 -16.00 11.10
C GLY A 1 -4.96 -16.28 10.35
N SER A 2 -4.10 -17.09 10.97
CA SER A 2 -2.82 -17.44 10.37
C SER A 2 -2.89 -18.80 9.70
N SER A 3 -2.96 -18.80 8.37
CA SER A 3 -3.04 -20.04 7.61
C SER A 3 -1.78 -20.88 7.81
N GLY A 4 -0.63 -20.27 7.55
CA GLY A 4 0.64 -20.96 7.70
C GLY A 4 1.81 -20.16 7.18
N SER A 5 2.72 -19.79 8.09
CA SER A 5 3.89 -19.01 7.73
C SER A 5 4.92 -19.03 8.84
N SER A 6 6.20 -19.01 8.46
CA SER A 6 7.29 -19.04 9.43
C SER A 6 8.55 -18.42 8.84
N GLY A 7 9.32 -17.73 9.68
CA GLY A 7 10.55 -17.10 9.23
C GLY A 7 11.18 -16.23 10.29
N GLU A 8 12.24 -16.74 10.91
CA GLU A 8 12.94 -16.01 11.96
C GLU A 8 14.28 -15.48 11.45
N GLY A 9 14.24 -14.36 10.75
CA GLY A 9 15.46 -13.78 10.21
C GLY A 9 15.41 -12.26 10.16
N ASP A 10 16.17 -11.67 9.25
CA ASP A 10 16.21 -10.23 9.11
C ASP A 10 15.86 -9.82 7.68
N VAL A 11 16.29 -10.62 6.71
CA VAL A 11 16.03 -10.35 5.30
C VAL A 11 14.78 -11.08 4.83
N ASN A 12 13.81 -11.24 5.71
CA ASN A 12 12.57 -11.93 5.38
C ASN A 12 11.35 -11.08 5.72
N SER A 13 11.42 -10.43 6.88
CA SER A 13 10.32 -9.58 7.33
C SER A 13 10.60 -8.11 7.05
N ALA A 14 11.12 -7.84 5.85
CA ALA A 14 11.44 -6.48 5.44
C ALA A 14 10.21 -5.77 4.89
N LYS A 15 10.01 -4.54 5.32
CA LYS A 15 8.87 -3.73 4.87
C LYS A 15 9.06 -3.29 3.42
N VAL A 16 8.86 -4.20 2.48
CA VAL A 16 9.01 -3.89 1.07
C VAL A 16 7.65 -3.81 0.38
N CYS A 17 6.62 -3.49 1.14
CA CYS A 17 5.27 -3.37 0.61
C CYS A 17 4.52 -2.20 1.25
N ALA A 18 3.60 -1.62 0.49
CA ALA A 18 2.82 -0.49 0.99
C ALA A 18 1.39 -0.53 0.44
N HIS A 19 0.42 -0.24 1.30
CA HIS A 19 -0.98 -0.24 0.89
C HIS A 19 -1.51 1.18 0.76
N ILE A 20 -2.42 1.38 -0.18
CA ILE A 20 -3.00 2.70 -0.41
C ILE A 20 -4.53 2.65 -0.38
N THR A 21 -5.12 3.34 0.57
CA THR A 21 -6.57 3.37 0.70
C THR A 21 -7.10 4.80 0.65
N ASN A 22 -8.42 4.94 0.74
CA ASN A 22 -9.05 6.26 0.70
C ASN A 22 -8.81 6.94 -0.63
N ILE A 23 -8.99 6.20 -1.71
CA ILE A 23 -8.79 6.73 -3.05
C ILE A 23 -10.06 6.63 -3.89
N PRO A 24 -10.18 7.50 -4.91
CA PRO A 24 -11.34 7.52 -5.79
C PRO A 24 -11.33 6.36 -6.79
N PHE A 25 -12.39 5.56 -6.76
CA PHE A 25 -12.51 4.42 -7.66
C PHE A 25 -12.61 4.89 -9.11
N SER A 26 -12.70 6.19 -9.31
CA SER A 26 -12.81 6.76 -10.66
C SER A 26 -11.51 6.56 -11.43
N ILE A 27 -10.39 6.72 -10.74
CA ILE A 27 -9.07 6.56 -11.37
C ILE A 27 -8.72 5.08 -11.54
N THR A 28 -7.75 4.80 -12.39
CA THR A 28 -7.32 3.44 -12.65
C THR A 28 -5.81 3.29 -12.47
N LYS A 29 -5.31 2.09 -12.71
CA LYS A 29 -3.88 1.82 -12.57
C LYS A 29 -3.05 3.00 -13.07
N MET A 30 -3.16 3.29 -14.36
CA MET A 30 -2.43 4.40 -14.97
C MET A 30 -2.29 5.55 -13.98
N ASP A 31 -3.43 6.12 -13.59
CA ASP A 31 -3.45 7.23 -12.66
C ASP A 31 -2.57 6.95 -11.45
N VAL A 32 -2.85 5.84 -10.76
CA VAL A 32 -2.08 5.45 -9.59
C VAL A 32 -0.58 5.54 -9.86
N LEU A 33 -0.17 5.03 -11.01
CA LEU A 33 1.24 5.04 -11.39
C LEU A 33 1.78 6.48 -11.41
N GLN A 34 0.93 7.42 -11.80
CA GLN A 34 1.33 8.83 -11.87
C GLN A 34 1.59 9.37 -10.47
N PHE A 35 0.71 9.04 -9.53
CA PHE A 35 0.86 9.51 -8.16
C PHE A 35 2.15 8.99 -7.54
N LEU A 36 2.49 7.75 -7.85
CA LEU A 36 3.71 7.12 -7.33
C LEU A 36 4.88 7.36 -8.26
N GLU A 37 4.80 8.44 -9.05
CA GLU A 37 5.86 8.77 -9.98
C GLU A 37 7.13 9.19 -9.25
N GLY A 38 8.24 8.52 -9.55
CA GLY A 38 9.49 8.83 -8.90
C GLY A 38 10.06 7.66 -8.13
N ILE A 39 9.19 6.81 -7.60
CA ILE A 39 9.60 5.65 -6.84
C ILE A 39 9.77 4.43 -7.75
N PRO A 40 11.03 3.99 -7.92
CA PRO A 40 11.35 2.84 -8.76
C PRO A 40 10.42 1.66 -8.51
N VAL A 41 9.50 1.43 -9.44
CA VAL A 41 8.54 0.34 -9.33
C VAL A 41 7.87 0.05 -10.66
N ASP A 42 7.56 -1.22 -10.90
CA ASP A 42 6.91 -1.63 -12.13
C ASP A 42 5.39 -1.70 -11.96
N GLU A 43 4.68 -1.74 -13.08
CA GLU A 43 3.22 -1.80 -13.05
C GLU A 43 2.74 -3.02 -12.26
N ASN A 44 3.21 -4.20 -12.66
CA ASN A 44 2.83 -5.43 -11.99
C ASN A 44 2.96 -5.29 -10.48
N ALA A 45 4.05 -4.69 -10.03
CA ALA A 45 4.28 -4.48 -8.61
C ALA A 45 3.02 -4.01 -7.90
N VAL A 46 2.23 -3.21 -8.59
CA VAL A 46 0.99 -2.68 -8.03
C VAL A 46 -0.19 -3.59 -8.35
N HIS A 47 -1.07 -3.79 -7.38
CA HIS A 47 -2.23 -4.65 -7.55
C HIS A 47 -3.51 -3.91 -7.14
N VAL A 48 -4.36 -3.61 -8.11
CA VAL A 48 -5.61 -2.91 -7.85
C VAL A 48 -6.67 -3.87 -7.31
N LEU A 49 -7.40 -3.41 -6.30
CA LEU A 49 -8.45 -4.22 -5.69
C LEU A 49 -9.76 -4.10 -6.46
N VAL A 50 -10.71 -4.98 -6.16
CA VAL A 50 -12.00 -4.96 -6.82
C VAL A 50 -13.10 -5.46 -5.89
N ASP A 51 -14.35 -5.09 -6.19
CA ASP A 51 -15.49 -5.50 -5.38
C ASP A 51 -16.45 -6.37 -6.19
N ASN A 52 -17.56 -6.74 -5.58
CA ASN A 52 -18.57 -7.57 -6.24
C ASN A 52 -18.79 -7.10 -7.67
N ASN A 53 -18.97 -5.80 -7.84
CA ASN A 53 -19.20 -5.22 -9.17
C ASN A 53 -17.90 -5.14 -9.96
N GLY A 54 -16.78 -5.08 -9.25
CA GLY A 54 -15.48 -5.00 -9.90
C GLY A 54 -14.94 -3.59 -9.97
N GLN A 55 -15.86 -2.63 -10.08
CA GLN A 55 -15.47 -1.22 -10.17
C GLN A 55 -14.31 -0.92 -9.22
N GLY A 56 -14.44 -1.36 -7.97
CA GLY A 56 -13.41 -1.11 -6.98
C GLY A 56 -13.86 -0.19 -5.87
N LEU A 57 -13.55 -0.56 -4.63
CA LEU A 57 -13.92 0.25 -3.48
C LEU A 57 -12.98 1.43 -3.31
N GLY A 58 -11.80 1.33 -3.93
CA GLY A 58 -10.83 2.42 -3.83
C GLY A 58 -9.63 2.03 -3.00
N GLN A 59 -8.91 0.99 -3.44
CA GLN A 59 -7.73 0.53 -2.73
C GLN A 59 -6.75 -0.16 -3.67
N ALA A 60 -5.47 -0.10 -3.35
CA ALA A 60 -4.44 -0.71 -4.18
C ALA A 60 -3.18 -1.00 -3.37
N LEU A 61 -2.52 -2.11 -3.68
CA LEU A 61 -1.31 -2.50 -2.97
C LEU A 61 -0.08 -2.28 -3.85
N VAL A 62 1.09 -2.22 -3.22
CA VAL A 62 2.34 -2.02 -3.95
C VAL A 62 3.47 -2.84 -3.34
N GLN A 63 4.11 -3.65 -4.17
CA GLN A 63 5.22 -4.49 -3.71
C GLN A 63 6.54 -4.01 -4.29
N PHE A 64 7.39 -3.46 -3.41
CA PHE A 64 8.69 -2.96 -3.84
C PHE A 64 9.77 -4.01 -3.63
N LYS A 65 10.92 -3.81 -4.26
CA LYS A 65 12.04 -4.73 -4.16
C LYS A 65 12.81 -4.52 -2.86
N ASN A 66 13.18 -3.26 -2.60
CA ASN A 66 13.91 -2.92 -1.40
C ASN A 66 13.27 -1.75 -0.67
N GLU A 67 13.54 -1.63 0.62
CA GLU A 67 12.98 -0.54 1.42
C GLU A 67 13.33 0.81 0.82
N ASP A 68 14.45 0.88 0.12
CA ASP A 68 14.90 2.11 -0.51
C ASP A 68 13.76 2.75 -1.30
N ASP A 69 12.79 1.94 -1.71
CA ASP A 69 11.65 2.42 -2.48
C ASP A 69 10.47 2.70 -1.57
N ALA A 70 10.18 1.75 -0.67
CA ALA A 70 9.08 1.89 0.26
C ALA A 70 9.23 3.14 1.12
N ARG A 71 10.38 3.28 1.75
CA ARG A 71 10.65 4.42 2.61
C ARG A 71 10.26 5.72 1.92
N LYS A 72 10.22 5.69 0.59
CA LYS A 72 9.86 6.86 -0.19
C LYS A 72 8.36 6.93 -0.42
N SER A 73 7.73 5.76 -0.53
CA SER A 73 6.28 5.69 -0.75
C SER A 73 5.53 6.15 0.49
N GLU A 74 6.07 5.84 1.66
CA GLU A 74 5.45 6.21 2.92
C GLU A 74 5.47 7.73 3.11
N ARG A 75 6.40 8.39 2.42
CA ARG A 75 6.53 9.84 2.52
C ARG A 75 5.32 10.53 1.89
N LEU A 76 4.59 9.80 1.05
CA LEU A 76 3.42 10.34 0.39
C LEU A 76 2.16 10.08 1.21
N HIS A 77 2.35 9.70 2.48
CA HIS A 77 1.23 9.43 3.37
C HIS A 77 0.37 10.67 3.56
N ARG A 78 -0.93 10.46 3.77
CA ARG A 78 -1.87 11.56 3.97
C ARG A 78 -1.74 12.58 2.83
N LYS A 79 -1.65 12.09 1.61
CA LYS A 79 -1.53 12.96 0.44
C LYS A 79 -2.89 13.20 -0.20
N LYS A 80 -3.02 14.34 -0.86
CA LYS A 80 -4.28 14.70 -1.52
C LYS A 80 -4.28 14.23 -2.97
N LEU A 81 -4.95 13.11 -3.22
CA LEU A 81 -5.03 12.55 -4.57
C LEU A 81 -6.39 12.84 -5.19
N ASN A 82 -6.39 13.71 -6.20
CA ASN A 82 -7.63 14.07 -6.89
C ASN A 82 -8.64 14.68 -5.92
N GLY A 83 -8.11 15.34 -4.89
CA GLY A 83 -8.98 15.97 -3.90
C GLY A 83 -9.48 14.98 -2.86
N ARG A 84 -8.76 13.89 -2.70
CA ARG A 84 -9.15 12.86 -1.73
C ARG A 84 -7.97 12.47 -0.85
N GLU A 85 -8.11 12.71 0.46
CA GLU A 85 -7.05 12.40 1.41
C GLU A 85 -6.76 10.90 1.43
N ALA A 86 -5.62 10.52 0.87
CA ALA A 86 -5.24 9.11 0.82
C ALA A 86 -4.40 8.74 2.04
N PHE A 87 -4.44 7.46 2.40
CA PHE A 87 -3.69 6.97 3.55
C PHE A 87 -2.83 5.77 3.17
N VAL A 88 -1.51 5.93 3.27
CA VAL A 88 -0.58 4.87 2.93
C VAL A 88 -0.05 4.18 4.18
N HIS A 89 0.01 2.86 4.15
CA HIS A 89 0.50 2.08 5.28
C HIS A 89 1.54 1.05 4.83
N VAL A 90 2.76 1.19 5.34
CA VAL A 90 3.83 0.28 4.99
C VAL A 90 3.72 -1.03 5.76
N VAL A 91 3.70 -2.14 5.02
CA VAL A 91 3.59 -3.46 5.65
C VAL A 91 4.55 -4.45 5.01
N THR A 92 4.48 -5.70 5.43
CA THR A 92 5.35 -6.75 4.91
C THR A 92 4.71 -7.45 3.71
N LEU A 93 5.45 -8.35 3.08
CA LEU A 93 4.95 -9.09 1.92
C LEU A 93 3.83 -10.03 2.34
N GLU A 94 3.99 -10.67 3.50
CA GLU A 94 2.99 -11.61 4.01
C GLU A 94 1.64 -10.91 4.19
N ASP A 95 1.66 -9.71 4.75
CA ASP A 95 0.45 -8.94 4.97
C ASP A 95 -0.22 -8.59 3.64
N MET A 96 0.59 -8.27 2.64
CA MET A 96 0.08 -7.91 1.33
C MET A 96 -0.64 -9.09 0.68
N ARG A 97 0.01 -10.25 0.69
CA ARG A 97 -0.56 -11.45 0.11
C ARG A 97 -1.86 -11.83 0.80
N GLU A 98 -1.96 -11.50 2.08
CA GLU A 98 -3.16 -11.80 2.86
C GLU A 98 -4.32 -10.90 2.45
N ILE A 99 -4.10 -9.59 2.53
CA ILE A 99 -5.13 -8.62 2.17
C ILE A 99 -5.58 -8.82 0.72
N GLU A 100 -4.62 -8.96 -0.18
CA GLU A 100 -4.92 -9.17 -1.59
C GLU A 100 -6.04 -10.19 -1.77
N LYS A 101 -5.88 -11.34 -1.14
CA LYS A 101 -6.88 -12.41 -1.22
C LYS A 101 -8.18 -11.98 -0.56
N ASN A 102 -8.09 -11.51 0.67
CA ASN A 102 -9.27 -11.06 1.41
C ASN A 102 -9.12 -9.62 1.86
N PRO A 103 -9.62 -8.68 1.05
CA PRO A 103 -9.56 -7.25 1.34
C PRO A 103 -10.56 -6.83 2.41
N PRO A 104 -10.27 -5.71 3.09
CA PRO A 104 -11.15 -5.19 4.14
C PRO A 104 -12.36 -4.46 3.59
N ALA A 105 -13.32 -4.15 4.45
CA ALA A 105 -14.53 -3.46 4.04
C ALA A 105 -14.46 -1.98 4.40
N GLN A 106 -14.13 -1.69 5.66
CA GLN A 106 -14.04 -0.31 6.12
C GLN A 106 -12.59 0.18 6.09
N GLY A 107 -11.68 -0.66 6.54
CA GLY A 107 -10.26 -0.30 6.55
C GLY A 107 -9.72 -0.11 7.94
N LYS A 108 -8.76 -0.94 8.33
CA LYS A 108 -8.16 -0.86 9.65
C LYS A 108 -7.19 0.31 9.74
N SER A 109 -7.16 0.97 10.89
CA SER A 109 -6.27 2.11 11.09
C SER A 109 -4.81 1.68 11.08
N GLY A 110 -4.50 0.63 11.84
CA GLY A 110 -3.14 0.13 11.91
C GLY A 110 -2.77 -0.34 13.30
N PRO A 111 -1.46 -0.47 13.55
CA PRO A 111 -0.94 -0.92 14.84
C PRO A 111 -0.98 0.19 15.90
N SER A 112 -1.99 0.15 16.75
CA SER A 112 -2.14 1.16 17.80
C SER A 112 -0.78 1.52 18.40
N SER A 113 -0.60 2.80 18.69
CA SER A 113 0.65 3.28 19.26
C SER A 113 0.53 3.44 20.77
N GLY A 114 1.65 3.28 21.47
CA GLY A 114 1.65 3.40 22.92
C GLY A 114 2.31 2.22 23.61
N GLY A 1 4.71 13.17 20.90
CA GLY A 1 5.22 12.43 19.76
C GLY A 1 6.70 12.65 19.55
N SER A 2 7.52 11.92 20.29
CA SER A 2 8.97 12.04 20.17
C SER A 2 9.58 10.79 19.55
N SER A 3 10.77 10.95 18.98
CA SER A 3 11.45 9.83 18.33
C SER A 3 12.26 9.02 19.35
N GLY A 4 12.38 7.72 19.11
CA GLY A 4 13.12 6.86 20.02
C GLY A 4 13.40 5.49 19.42
N SER A 5 13.95 5.49 18.21
CA SER A 5 14.26 4.24 17.53
C SER A 5 15.74 3.87 17.69
N SER A 6 16.01 2.59 17.87
CA SER A 6 17.38 2.12 18.05
C SER A 6 17.84 1.30 16.84
N GLY A 7 17.02 0.34 16.45
CA GLY A 7 17.35 -0.50 15.31
C GLY A 7 16.84 -1.92 15.46
N GLU A 8 15.52 -2.06 15.64
CA GLU A 8 14.91 -3.37 15.80
C GLU A 8 14.35 -3.88 14.47
N GLY A 9 14.31 -5.19 14.33
CA GLY A 9 13.81 -5.78 13.10
C GLY A 9 14.56 -7.04 12.71
N ASP A 10 14.08 -7.70 11.66
CA ASP A 10 14.72 -8.94 11.19
C ASP A 10 14.60 -9.06 9.67
N VAL A 11 15.70 -9.36 9.01
CA VAL A 11 15.73 -9.52 7.56
C VAL A 11 14.56 -10.38 7.08
N ASN A 12 14.35 -11.50 7.75
CA ASN A 12 13.27 -12.41 7.39
C ASN A 12 11.98 -11.66 7.11
N SER A 13 11.55 -10.86 8.08
CA SER A 13 10.33 -10.08 7.95
C SER A 13 10.66 -8.59 7.78
N ALA A 14 10.81 -8.17 6.53
CA ALA A 14 11.12 -6.77 6.23
C ALA A 14 9.95 -6.08 5.56
N LYS A 15 9.86 -4.77 5.74
CA LYS A 15 8.76 -3.99 5.16
C LYS A 15 9.12 -3.56 3.73
N VAL A 16 8.51 -4.23 2.76
CA VAL A 16 8.76 -3.91 1.35
C VAL A 16 7.44 -3.79 0.58
N CYS A 17 6.39 -3.39 1.28
CA CYS A 17 5.08 -3.23 0.65
C CYS A 17 4.35 -2.02 1.23
N ALA A 18 3.44 -1.46 0.44
CA ALA A 18 2.67 -0.30 0.86
C ALA A 18 1.23 -0.38 0.36
N HIS A 19 0.29 -0.18 1.27
CA HIS A 19 -1.13 -0.23 0.92
C HIS A 19 -1.72 1.17 0.84
N ILE A 20 -2.41 1.45 -0.26
CA ILE A 20 -3.02 2.76 -0.46
C ILE A 20 -4.54 2.68 -0.31
N THR A 21 -5.07 3.41 0.67
CA THR A 21 -6.51 3.43 0.91
C THR A 21 -7.05 4.84 0.85
N ASN A 22 -8.37 4.98 1.03
CA ASN A 22 -9.02 6.29 1.00
C ASN A 22 -8.90 6.92 -0.38
N ILE A 23 -9.00 6.09 -1.42
CA ILE A 23 -8.91 6.57 -2.79
C ILE A 23 -10.23 6.41 -3.52
N PRO A 24 -10.48 7.28 -4.51
CA PRO A 24 -11.71 7.26 -5.31
C PRO A 24 -11.72 6.12 -6.32
N PHE A 25 -12.86 5.46 -6.44
CA PHE A 25 -13.02 4.35 -7.37
C PHE A 25 -13.35 4.85 -8.77
N SER A 26 -12.82 6.02 -9.12
CA SER A 26 -13.06 6.62 -10.43
C SER A 26 -11.81 6.56 -11.29
N ILE A 27 -10.65 6.72 -10.65
CA ILE A 27 -9.38 6.70 -11.36
C ILE A 27 -9.06 5.30 -11.87
N THR A 28 -8.05 5.20 -12.73
CA THR A 28 -7.64 3.92 -13.29
C THR A 28 -6.24 3.54 -12.84
N LYS A 29 -5.95 2.25 -12.85
CA LYS A 29 -4.65 1.74 -12.44
C LYS A 29 -3.54 2.71 -12.85
N MET A 30 -3.63 3.22 -14.08
CA MET A 30 -2.64 4.15 -14.59
C MET A 30 -2.53 5.38 -13.70
N ASP A 31 -3.67 5.92 -13.30
CA ASP A 31 -3.70 7.09 -12.43
C ASP A 31 -2.86 6.86 -11.18
N VAL A 32 -2.96 5.67 -10.62
CA VAL A 32 -2.20 5.32 -9.42
C VAL A 32 -0.70 5.38 -9.67
N LEU A 33 -0.24 4.57 -10.63
CA LEU A 33 1.17 4.53 -10.99
C LEU A 33 1.77 5.94 -11.05
N GLN A 34 0.93 6.91 -11.44
CA GLN A 34 1.38 8.29 -11.54
C GLN A 34 1.59 8.90 -10.16
N PHE A 35 0.63 8.69 -9.27
CA PHE A 35 0.72 9.22 -7.91
C PHE A 35 2.04 8.84 -7.27
N LEU A 36 2.62 7.74 -7.72
CA LEU A 36 3.89 7.26 -7.19
C LEU A 36 5.07 7.90 -7.93
N GLU A 37 4.80 9.04 -8.56
CA GLU A 37 5.84 9.74 -9.31
C GLU A 37 7.08 9.95 -8.45
N GLY A 38 8.24 9.57 -8.97
CA GLY A 38 9.48 9.73 -8.24
C GLY A 38 10.08 8.40 -7.82
N ILE A 39 9.23 7.47 -7.40
CA ILE A 39 9.69 6.15 -6.98
C ILE A 39 9.73 5.18 -8.16
N PRO A 40 10.90 4.55 -8.37
CA PRO A 40 11.09 3.59 -9.44
C PRO A 40 10.49 2.23 -9.12
N VAL A 41 9.31 1.97 -9.66
CA VAL A 41 8.62 0.69 -9.42
C VAL A 41 7.90 0.22 -10.68
N ASP A 42 7.95 -1.08 -10.92
CA ASP A 42 7.30 -1.67 -12.10
C ASP A 42 5.79 -1.55 -11.99
N GLU A 43 5.12 -1.64 -13.14
CA GLU A 43 3.66 -1.54 -13.17
C GLU A 43 3.01 -2.73 -12.47
N ASN A 44 3.55 -3.92 -12.73
CA ASN A 44 3.02 -5.14 -12.11
C ASN A 44 3.12 -5.07 -10.60
N ALA A 45 4.17 -4.43 -10.11
CA ALA A 45 4.38 -4.29 -8.67
C ALA A 45 3.14 -3.72 -7.99
N VAL A 46 2.36 -2.96 -8.74
CA VAL A 46 1.14 -2.35 -8.21
C VAL A 46 -0.08 -3.23 -8.46
N HIS A 47 -0.70 -3.70 -7.39
CA HIS A 47 -1.88 -4.56 -7.50
C HIS A 47 -3.13 -3.81 -7.06
N VAL A 48 -4.00 -3.48 -8.01
CA VAL A 48 -5.23 -2.77 -7.72
C VAL A 48 -6.38 -3.74 -7.46
N LEU A 49 -7.21 -3.42 -6.48
CA LEU A 49 -8.35 -4.28 -6.14
C LEU A 49 -9.51 -4.03 -7.09
N VAL A 50 -10.50 -4.93 -7.07
CA VAL A 50 -11.66 -4.81 -7.93
C VAL A 50 -12.89 -5.40 -7.26
N ASP A 51 -14.07 -4.98 -7.72
CA ASP A 51 -15.33 -5.46 -7.16
C ASP A 51 -16.15 -6.19 -8.22
N ASN A 52 -17.35 -6.61 -7.85
CA ASN A 52 -18.23 -7.32 -8.77
C ASN A 52 -18.27 -6.63 -10.13
N ASN A 53 -18.40 -5.30 -10.11
CA ASN A 53 -18.46 -4.53 -11.34
C ASN A 53 -17.07 -4.41 -11.97
N GLY A 54 -16.04 -4.54 -11.15
CA GLY A 54 -14.68 -4.46 -11.65
C GLY A 54 -14.12 -3.05 -11.58
N GLN A 55 -15.01 -2.06 -11.61
CA GLN A 55 -14.61 -0.67 -11.55
C GLN A 55 -13.62 -0.43 -10.40
N GLY A 56 -13.91 -1.04 -9.25
CA GLY A 56 -13.04 -0.89 -8.10
C GLY A 56 -13.76 -0.31 -6.90
N LEU A 57 -13.18 -0.49 -5.72
CA LEU A 57 -13.79 0.00 -4.49
C LEU A 57 -13.00 1.21 -3.95
N GLY A 58 -11.72 1.25 -4.25
CA GLY A 58 -10.88 2.35 -3.80
C GLY A 58 -9.74 1.88 -2.92
N GLN A 59 -8.97 0.92 -3.41
CA GLN A 59 -7.84 0.39 -2.66
C GLN A 59 -6.85 -0.30 -3.58
N ALA A 60 -5.56 -0.04 -3.36
CA ALA A 60 -4.50 -0.64 -4.17
C ALA A 60 -3.27 -0.94 -3.33
N LEU A 61 -2.62 -2.06 -3.64
CA LEU A 61 -1.42 -2.46 -2.91
C LEU A 61 -0.16 -2.27 -3.77
N VAL A 62 0.99 -2.19 -3.12
CA VAL A 62 2.25 -2.00 -3.82
C VAL A 62 3.33 -2.92 -3.25
N GLN A 63 4.05 -3.59 -4.14
CA GLN A 63 5.13 -4.50 -3.72
C GLN A 63 6.48 -4.02 -4.23
N PHE A 64 7.34 -3.61 -3.30
CA PHE A 64 8.67 -3.13 -3.66
C PHE A 64 9.71 -4.23 -3.52
N LYS A 65 10.86 -4.05 -4.16
CA LYS A 65 11.94 -5.03 -4.10
C LYS A 65 12.83 -4.78 -2.89
N ASN A 66 13.02 -3.52 -2.54
CA ASN A 66 13.85 -3.16 -1.40
C ASN A 66 13.31 -1.92 -0.70
N GLU A 67 13.47 -1.87 0.62
CA GLU A 67 12.98 -0.75 1.41
C GLU A 67 13.34 0.58 0.74
N ASP A 68 14.47 0.59 0.05
CA ASP A 68 14.94 1.80 -0.64
C ASP A 68 13.77 2.52 -1.31
N ASP A 69 12.80 1.74 -1.79
CA ASP A 69 11.62 2.30 -2.46
C ASP A 69 10.47 2.48 -1.47
N ALA A 70 10.30 1.50 -0.59
CA ALA A 70 9.24 1.56 0.41
C ALA A 70 9.37 2.80 1.30
N ARG A 71 10.53 2.94 1.93
CA ARG A 71 10.79 4.08 2.80
C ARG A 71 10.34 5.39 2.14
N LYS A 72 10.26 5.36 0.82
CA LYS A 72 9.85 6.54 0.06
C LYS A 72 8.34 6.53 -0.20
N SER A 73 7.81 5.33 -0.45
CA SER A 73 6.38 5.17 -0.72
C SER A 73 5.56 5.61 0.49
N GLU A 74 6.19 5.64 1.65
CA GLU A 74 5.51 6.04 2.88
C GLU A 74 5.60 7.55 3.09
N ARG A 75 6.37 8.21 2.24
CA ARG A 75 6.55 9.65 2.34
C ARG A 75 5.38 10.39 1.68
N LEU A 76 4.60 9.65 0.89
CA LEU A 76 3.46 10.23 0.20
C LEU A 76 2.19 10.11 1.05
N HIS A 77 2.38 9.74 2.31
CA HIS A 77 1.25 9.60 3.24
C HIS A 77 0.54 10.94 3.43
N ARG A 78 -0.77 10.88 3.62
CA ARG A 78 -1.57 12.08 3.82
C ARG A 78 -1.49 12.99 2.60
N LYS A 79 -1.37 12.40 1.42
CA LYS A 79 -1.29 13.15 0.18
C LYS A 79 -2.67 13.39 -0.41
N LYS A 80 -2.73 14.20 -1.46
CA LYS A 80 -3.99 14.51 -2.12
C LYS A 80 -4.05 13.88 -3.50
N LEU A 81 -4.88 12.85 -3.65
CA LEU A 81 -5.03 12.16 -4.93
C LEU A 81 -6.41 12.43 -5.53
N ASN A 82 -6.43 13.18 -6.64
CA ASN A 82 -7.67 13.50 -7.31
C ASN A 82 -8.59 14.31 -6.39
N GLY A 83 -8.00 15.08 -5.49
CA GLY A 83 -8.78 15.88 -4.57
C GLY A 83 -9.29 15.08 -3.39
N ARG A 84 -8.65 13.94 -3.13
CA ARG A 84 -9.06 13.08 -2.02
C ARG A 84 -7.83 12.62 -1.23
N GLU A 85 -7.85 12.87 0.07
CA GLU A 85 -6.75 12.49 0.94
C GLU A 85 -6.58 10.97 0.97
N ALA A 86 -5.37 10.51 0.67
CA ALA A 86 -5.08 9.08 0.66
C ALA A 86 -4.12 8.71 1.78
N PHE A 87 -4.26 7.49 2.29
CA PHE A 87 -3.41 7.01 3.37
C PHE A 87 -2.54 5.85 2.90
N VAL A 88 -1.25 5.89 3.27
CA VAL A 88 -0.32 4.85 2.88
C VAL A 88 0.20 4.10 4.11
N HIS A 89 -0.04 2.80 4.15
CA HIS A 89 0.41 1.97 5.27
C HIS A 89 1.55 1.06 4.85
N VAL A 90 2.67 1.15 5.55
CA VAL A 90 3.84 0.34 5.25
C VAL A 90 3.77 -1.00 5.97
N VAL A 91 3.61 -2.08 5.20
CA VAL A 91 3.54 -3.42 5.77
C VAL A 91 4.53 -4.36 5.09
N THR A 92 4.65 -5.57 5.63
CA THR A 92 5.56 -6.56 5.08
C THR A 92 5.01 -7.17 3.80
N LEU A 93 5.76 -8.12 3.24
CA LEU A 93 5.35 -8.79 2.00
C LEU A 93 4.10 -9.64 2.24
N GLU A 94 4.23 -10.62 3.13
CA GLU A 94 3.11 -11.51 3.44
C GLU A 94 1.83 -10.71 3.69
N ASP A 95 1.91 -9.76 4.61
CA ASP A 95 0.77 -8.92 4.94
C ASP A 95 0.04 -8.47 3.68
N MET A 96 0.77 -8.42 2.57
CA MET A 96 0.19 -8.00 1.30
C MET A 96 -0.59 -9.14 0.65
N ARG A 97 -0.04 -10.35 0.73
CA ARG A 97 -0.69 -11.52 0.15
C ARG A 97 -2.00 -11.83 0.87
N GLU A 98 -1.94 -11.86 2.20
CA GLU A 98 -3.13 -12.14 3.00
C GLU A 98 -4.27 -11.21 2.63
N ILE A 99 -3.96 -9.93 2.46
CA ILE A 99 -4.96 -8.94 2.10
C ILE A 99 -5.46 -9.15 0.67
N GLU A 100 -4.55 -9.07 -0.29
CA GLU A 100 -4.89 -9.26 -1.68
C GLU A 100 -5.99 -10.30 -1.84
N LYS A 101 -5.82 -11.43 -1.14
CA LYS A 101 -6.79 -12.51 -1.20
C LYS A 101 -8.12 -12.08 -0.60
N ASN A 102 -8.07 -11.59 0.63
CA ASN A 102 -9.28 -11.15 1.33
C ASN A 102 -9.14 -9.70 1.77
N PRO A 103 -9.45 -8.76 0.85
CA PRO A 103 -9.36 -7.33 1.13
C PRO A 103 -10.00 -6.96 2.47
N PRO A 104 -9.57 -5.82 3.03
CA PRO A 104 -10.08 -5.34 4.31
C PRO A 104 -11.45 -4.68 4.18
N ALA A 105 -12.10 -4.41 5.32
CA ALA A 105 -13.41 -3.80 5.32
C ALA A 105 -13.32 -2.32 5.70
N GLN A 106 -12.83 -2.05 6.90
CA GLN A 106 -12.70 -0.68 7.38
C GLN A 106 -11.33 -0.45 8.00
N GLY A 107 -10.57 0.48 7.43
CA GLY A 107 -9.24 0.77 7.94
C GLY A 107 -8.44 -0.48 8.20
N LYS A 108 -7.27 -0.31 8.84
CA LYS A 108 -6.41 -1.43 9.15
C LYS A 108 -6.09 -1.48 10.64
N SER A 109 -6.70 -2.43 11.34
CA SER A 109 -6.48 -2.59 12.77
C SER A 109 -5.31 -3.53 13.06
N GLY A 110 -4.47 -3.14 14.01
CA GLY A 110 -3.32 -3.96 14.36
C GLY A 110 -3.69 -5.42 14.57
N PRO A 111 -2.75 -6.31 14.22
CA PRO A 111 -2.96 -7.76 14.36
C PRO A 111 -3.57 -8.13 15.71
N SER A 112 -4.75 -8.74 15.69
CA SER A 112 -5.43 -9.13 16.91
C SER A 112 -5.23 -8.09 18.01
N SER A 113 -5.56 -6.85 17.71
CA SER A 113 -5.43 -5.76 18.66
C SER A 113 -6.79 -5.20 19.06
N GLY A 114 -7.18 -5.44 20.30
CA GLY A 114 -8.46 -4.96 20.79
C GLY A 114 -8.31 -3.83 21.78
N GLY A 1 14.73 -6.50 29.49
CA GLY A 1 16.03 -7.11 29.26
C GLY A 1 16.46 -7.03 27.82
N SER A 2 17.21 -5.98 27.48
CA SER A 2 17.69 -5.80 26.11
C SER A 2 18.83 -6.76 25.79
N SER A 3 19.96 -6.55 26.44
CA SER A 3 21.14 -7.39 26.23
C SER A 3 21.51 -7.44 24.75
N GLY A 4 21.43 -6.29 24.09
CA GLY A 4 21.76 -6.23 22.67
C GLY A 4 20.53 -6.42 21.79
N SER A 5 20.74 -7.05 20.64
CA SER A 5 19.65 -7.30 19.69
C SER A 5 19.13 -5.98 19.11
N SER A 6 20.04 -5.03 18.90
CA SER A 6 19.67 -3.73 18.36
C SER A 6 18.74 -3.89 17.16
N GLY A 7 19.18 -4.66 16.17
CA GLY A 7 18.37 -4.88 14.99
C GLY A 7 17.45 -6.07 15.12
N GLU A 8 17.59 -7.02 14.20
CA GLU A 8 16.77 -8.22 14.21
C GLU A 8 17.62 -9.48 14.01
N GLY A 9 18.57 -9.39 13.09
CA GLY A 9 19.45 -10.51 12.81
C GLY A 9 19.52 -10.83 11.34
N ASP A 10 18.36 -10.96 10.70
CA ASP A 10 18.30 -11.27 9.28
C ASP A 10 17.23 -10.44 8.58
N VAL A 11 17.29 -10.40 7.25
CA VAL A 11 16.30 -9.64 6.47
C VAL A 11 15.16 -10.53 6.01
N ASN A 12 14.64 -11.34 6.94
CA ASN A 12 13.53 -12.24 6.64
C ASN A 12 12.22 -11.46 6.49
N SER A 13 11.93 -10.61 7.46
CA SER A 13 10.71 -9.82 7.43
C SER A 13 11.01 -8.37 7.06
N ALA A 14 11.21 -8.13 5.77
CA ALA A 14 11.52 -6.79 5.27
C ALA A 14 10.27 -6.15 4.67
N LYS A 15 9.98 -4.92 5.10
CA LYS A 15 8.82 -4.19 4.60
C LYS A 15 9.06 -3.71 3.18
N VAL A 16 8.48 -4.42 2.21
CA VAL A 16 8.61 -4.07 0.82
C VAL A 16 7.26 -4.00 0.12
N CYS A 17 6.26 -3.49 0.83
CA CYS A 17 4.91 -3.37 0.29
C CYS A 17 4.20 -2.15 0.86
N ALA A 18 3.35 -1.53 0.04
CA ALA A 18 2.60 -0.36 0.47
C ALA A 18 1.14 -0.45 0.05
N HIS A 19 0.24 -0.19 1.00
CA HIS A 19 -1.19 -0.24 0.73
C HIS A 19 -1.79 1.16 0.72
N ILE A 20 -2.41 1.53 -0.40
CA ILE A 20 -3.02 2.84 -0.54
C ILE A 20 -4.53 2.76 -0.34
N THR A 21 -5.02 3.40 0.73
CA THR A 21 -6.44 3.40 1.04
C THR A 21 -7.00 4.82 1.04
N ASN A 22 -8.32 4.92 1.02
CA ASN A 22 -8.99 6.22 1.02
C ASN A 22 -8.74 6.96 -0.30
N ILE A 23 -8.88 6.24 -1.40
CA ILE A 23 -8.67 6.82 -2.73
C ILE A 23 -9.85 6.55 -3.64
N PRO A 24 -10.15 7.50 -4.53
CA PRO A 24 -11.26 7.39 -5.49
C PRO A 24 -11.31 6.03 -6.15
N PHE A 25 -12.51 5.49 -6.31
CA PHE A 25 -12.70 4.19 -6.94
C PHE A 25 -13.02 4.34 -8.42
N SER A 26 -12.51 5.40 -9.03
CA SER A 26 -12.74 5.66 -10.44
C SER A 26 -11.45 5.56 -11.24
N ILE A 27 -10.33 5.86 -10.58
CA ILE A 27 -9.02 5.81 -11.23
C ILE A 27 -8.62 4.37 -11.53
N THR A 28 -7.58 4.21 -12.34
CA THR A 28 -7.09 2.89 -12.69
C THR A 28 -5.64 2.69 -12.26
N LYS A 29 -5.09 1.53 -12.59
CA LYS A 29 -3.71 1.21 -12.23
C LYS A 29 -2.76 2.30 -12.73
N MET A 30 -2.87 2.63 -14.01
CA MET A 30 -2.02 3.65 -14.61
C MET A 30 -1.96 4.90 -13.74
N ASP A 31 -3.13 5.39 -13.34
CA ASP A 31 -3.21 6.58 -12.50
C ASP A 31 -2.33 6.43 -11.27
N VAL A 32 -2.55 5.36 -10.50
CA VAL A 32 -1.78 5.10 -9.30
C VAL A 32 -0.28 5.25 -9.57
N LEU A 33 0.19 4.59 -10.62
CA LEU A 33 1.61 4.64 -10.99
C LEU A 33 2.08 6.08 -11.11
N GLN A 34 1.17 6.96 -11.50
CA GLN A 34 1.50 8.38 -11.67
C GLN A 34 1.63 9.07 -10.32
N PHE A 35 0.75 8.70 -9.39
CA PHE A 35 0.76 9.28 -8.05
C PHE A 35 2.05 8.93 -7.31
N LEU A 36 2.69 7.84 -7.74
CA LEU A 36 3.93 7.39 -7.12
C LEU A 36 5.13 8.09 -7.75
N GLU A 37 4.90 9.27 -8.32
CA GLU A 37 5.97 10.04 -8.95
C GLU A 37 7.23 10.03 -8.09
N GLY A 38 8.37 9.79 -8.73
CA GLY A 38 9.63 9.76 -8.01
C GLY A 38 10.03 8.36 -7.59
N ILE A 39 9.03 7.50 -7.40
CA ILE A 39 9.29 6.12 -6.99
C ILE A 39 9.36 5.20 -8.21
N PRO A 40 10.58 4.72 -8.50
CA PRO A 40 10.80 3.82 -9.64
C PRO A 40 10.37 2.39 -9.35
N VAL A 41 9.16 2.04 -9.79
CA VAL A 41 8.62 0.70 -9.58
C VAL A 41 7.89 0.20 -10.82
N ASP A 42 7.99 -1.10 -11.08
CA ASP A 42 7.35 -1.71 -12.23
C ASP A 42 5.85 -1.38 -12.25
N GLU A 43 5.14 -1.97 -13.21
CA GLU A 43 3.70 -1.75 -13.33
C GLU A 43 2.92 -2.86 -12.64
N ASN A 44 3.37 -4.09 -12.82
CA ASN A 44 2.70 -5.24 -12.20
C ASN A 44 2.78 -5.16 -10.68
N ALA A 45 3.89 -4.65 -10.18
CA ALA A 45 4.08 -4.52 -8.74
C ALA A 45 2.83 -4.00 -8.06
N VAL A 46 2.13 -3.09 -8.72
CA VAL A 46 0.90 -2.51 -8.18
C VAL A 46 -0.29 -3.45 -8.41
N HIS A 47 -1.13 -3.59 -7.38
CA HIS A 47 -2.30 -4.44 -7.47
C HIS A 47 -3.57 -3.67 -7.10
N VAL A 48 -4.34 -3.31 -8.12
CA VAL A 48 -5.59 -2.56 -7.91
C VAL A 48 -6.74 -3.50 -7.56
N LEU A 49 -7.41 -3.20 -6.46
CA LEU A 49 -8.55 -4.02 -6.01
C LEU A 49 -9.76 -3.81 -6.92
N VAL A 50 -10.64 -4.81 -6.97
CA VAL A 50 -11.84 -4.72 -7.79
C VAL A 50 -13.00 -5.47 -7.13
N ASP A 51 -14.22 -5.05 -7.45
CA ASP A 51 -15.41 -5.68 -6.90
C ASP A 51 -16.23 -6.36 -7.99
N ASN A 52 -17.38 -6.90 -7.61
CA ASN A 52 -18.25 -7.59 -8.57
C ASN A 52 -18.40 -6.77 -9.85
N ASN A 53 -18.63 -5.47 -9.69
CA ASN A 53 -18.79 -4.59 -10.83
C ASN A 53 -17.44 -4.28 -11.48
N GLY A 54 -16.37 -4.46 -10.73
CA GLY A 54 -15.04 -4.21 -11.24
C GLY A 54 -14.47 -2.89 -10.77
N GLN A 55 -15.31 -1.86 -10.78
CA GLN A 55 -14.89 -0.52 -10.34
C GLN A 55 -13.98 -0.62 -9.11
N GLY A 56 -14.33 -1.52 -8.20
CA GLY A 56 -13.55 -1.69 -6.99
C GLY A 56 -14.10 -0.89 -5.83
N LEU A 57 -13.47 -1.04 -4.66
CA LEU A 57 -13.91 -0.33 -3.47
C LEU A 57 -13.15 0.99 -3.31
N GLY A 58 -11.93 1.02 -3.82
CA GLY A 58 -11.12 2.23 -3.72
C GLY A 58 -9.81 1.99 -2.99
N GLN A 59 -9.22 0.82 -3.19
CA GLN A 59 -7.96 0.48 -2.54
C GLN A 59 -7.01 -0.21 -3.52
N ALA A 60 -5.71 -0.06 -3.28
CA ALA A 60 -4.70 -0.68 -4.14
C ALA A 60 -3.43 -0.96 -3.37
N LEU A 61 -2.71 -2.00 -3.77
CA LEU A 61 -1.47 -2.37 -3.12
C LEU A 61 -0.26 -2.07 -4.00
N VAL A 62 0.91 -1.98 -3.40
CA VAL A 62 2.14 -1.70 -4.14
C VAL A 62 3.30 -2.52 -3.61
N GLN A 63 3.71 -3.52 -4.37
CA GLN A 63 4.82 -4.39 -3.98
C GLN A 63 6.14 -3.87 -4.52
N PHE A 64 7.05 -3.50 -3.62
CA PHE A 64 8.36 -2.98 -4.01
C PHE A 64 9.43 -4.07 -3.91
N LYS A 65 10.65 -3.73 -4.30
CA LYS A 65 11.76 -4.67 -4.25
C LYS A 65 12.52 -4.56 -2.93
N ASN A 66 12.90 -3.33 -2.58
CA ASN A 66 13.63 -3.09 -1.34
C ASN A 66 13.06 -1.87 -0.61
N GLU A 67 13.36 -1.78 0.68
CA GLU A 67 12.87 -0.67 1.50
C GLU A 67 13.12 0.67 0.80
N ASP A 68 14.30 0.82 0.22
CA ASP A 68 14.66 2.04 -0.49
C ASP A 68 13.48 2.57 -1.30
N ASP A 69 12.58 1.66 -1.69
CA ASP A 69 11.41 2.04 -2.47
C ASP A 69 10.19 2.23 -1.56
N ALA A 70 10.02 1.32 -0.61
CA ALA A 70 8.90 1.39 0.32
C ALA A 70 8.96 2.67 1.16
N ARG A 71 10.12 2.90 1.78
CA ARG A 71 10.31 4.08 2.62
C ARG A 71 9.78 5.33 1.92
N LYS A 72 10.03 5.43 0.62
CA LYS A 72 9.57 6.58 -0.16
C LYS A 72 8.05 6.69 -0.13
N SER A 73 7.37 5.55 -0.16
CA SER A 73 5.92 5.52 -0.14
C SER A 73 5.38 6.21 1.12
N GLU A 74 6.10 6.06 2.23
CA GLU A 74 5.70 6.66 3.48
C GLU A 74 5.70 8.18 3.38
N ARG A 75 6.53 8.71 2.49
CA ARG A 75 6.63 10.14 2.28
C ARG A 75 5.35 10.70 1.64
N LEU A 76 4.70 9.87 0.83
CA LEU A 76 3.48 10.28 0.15
C LEU A 76 2.26 10.08 1.06
N HIS A 77 2.52 9.90 2.35
CA HIS A 77 1.46 9.70 3.32
C HIS A 77 0.58 10.95 3.43
N ARG A 78 -0.69 10.74 3.75
CA ARG A 78 -1.64 11.84 3.88
C ARG A 78 -1.54 12.79 2.68
N LYS A 79 -1.49 12.21 1.48
CA LYS A 79 -1.40 13.00 0.26
C LYS A 79 -2.78 13.33 -0.29
N LYS A 80 -2.83 14.17 -1.31
CA LYS A 80 -4.08 14.56 -1.93
C LYS A 80 -4.17 14.06 -3.36
N LEU A 81 -4.91 12.98 -3.57
CA LEU A 81 -5.08 12.41 -4.90
C LEU A 81 -6.41 12.81 -5.51
N ASN A 82 -6.37 13.70 -6.50
CA ASN A 82 -7.58 14.17 -7.17
C ASN A 82 -8.50 14.90 -6.18
N GLY A 83 -7.90 15.48 -5.15
CA GLY A 83 -8.67 16.20 -4.16
C GLY A 83 -9.17 15.29 -3.04
N ARG A 84 -8.59 14.10 -2.96
CA ARG A 84 -8.97 13.14 -1.93
C ARG A 84 -7.78 12.76 -1.06
N GLU A 85 -7.92 12.92 0.24
CA GLU A 85 -6.85 12.59 1.19
C GLU A 85 -6.64 11.08 1.26
N ALA A 86 -5.47 10.63 0.83
CA ALA A 86 -5.15 9.21 0.86
C ALA A 86 -4.14 8.89 1.96
N PHE A 87 -4.12 7.65 2.41
CA PHE A 87 -3.20 7.22 3.45
C PHE A 87 -2.39 6.01 3.01
N VAL A 88 -1.08 6.07 3.19
CA VAL A 88 -0.20 4.98 2.81
C VAL A 88 0.26 4.18 4.04
N HIS A 89 0.20 2.86 3.93
CA HIS A 89 0.62 1.99 5.03
C HIS A 89 1.63 0.96 4.56
N VAL A 90 2.87 1.10 5.01
CA VAL A 90 3.93 0.17 4.64
C VAL A 90 3.88 -1.10 5.48
N VAL A 91 3.57 -2.22 4.82
CA VAL A 91 3.49 -3.50 5.51
C VAL A 91 4.48 -4.50 4.92
N THR A 92 4.52 -5.69 5.51
CA THR A 92 5.44 -6.74 5.05
C THR A 92 4.80 -7.57 3.95
N LEU A 93 5.61 -7.99 2.98
CA LEU A 93 5.13 -8.80 1.86
C LEU A 93 4.05 -9.77 2.32
N GLU A 94 4.38 -10.60 3.31
CA GLU A 94 3.44 -11.57 3.85
C GLU A 94 2.08 -10.93 4.11
N ASP A 95 2.07 -9.91 4.97
CA ASP A 95 0.84 -9.21 5.31
C ASP A 95 0.10 -8.75 4.05
N MET A 96 0.86 -8.19 3.11
CA MET A 96 0.28 -7.71 1.86
C MET A 96 -0.46 -8.84 1.14
N ARG A 97 0.26 -9.92 0.85
CA ARG A 97 -0.33 -11.07 0.16
C ARG A 97 -1.66 -11.45 0.79
N GLU A 98 -1.71 -11.44 2.12
CA GLU A 98 -2.93 -11.80 2.85
C GLU A 98 -4.08 -10.87 2.46
N ILE A 99 -3.78 -9.57 2.38
CA ILE A 99 -4.79 -8.59 2.03
C ILE A 99 -5.32 -8.82 0.61
N GLU A 100 -4.42 -8.72 -0.37
CA GLU A 100 -4.79 -8.92 -1.76
C GLU A 100 -5.86 -10.00 -1.89
N LYS A 101 -5.67 -11.11 -1.19
CA LYS A 101 -6.61 -12.21 -1.22
C LYS A 101 -7.84 -11.90 -0.37
N ASN A 102 -7.61 -11.58 0.90
CA ASN A 102 -8.70 -11.27 1.82
C ASN A 102 -8.45 -9.93 2.52
N PRO A 103 -9.00 -8.86 1.93
CA PRO A 103 -8.84 -7.51 2.49
C PRO A 103 -9.73 -7.27 3.70
N PRO A 104 -9.41 -6.22 4.48
CA PRO A 104 -10.17 -5.87 5.68
C PRO A 104 -11.50 -5.18 5.35
N ALA A 105 -12.42 -5.21 6.30
CA ALA A 105 -13.73 -4.59 6.12
C ALA A 105 -13.60 -3.09 5.87
N GLN A 106 -14.27 -2.61 4.84
CA GLN A 106 -14.24 -1.18 4.50
C GLN A 106 -14.34 -0.32 5.76
N GLY A 107 -13.70 0.84 5.73
CA GLY A 107 -13.73 1.74 6.86
C GLY A 107 -13.17 1.10 8.11
N LYS A 108 -13.92 1.16 9.20
CA LYS A 108 -13.49 0.59 10.47
C LYS A 108 -14.58 -0.28 11.07
N SER A 109 -14.28 -1.56 11.25
CA SER A 109 -15.24 -2.50 11.81
C SER A 109 -14.56 -3.45 12.80
N GLY A 110 -15.26 -3.78 13.88
CA GLY A 110 -14.71 -4.67 14.88
C GLY A 110 -14.17 -3.93 16.09
N PRO A 111 -13.10 -4.46 16.69
CA PRO A 111 -12.47 -3.85 17.87
C PRO A 111 -12.28 -2.35 17.72
N SER A 112 -12.91 -1.58 18.62
CA SER A 112 -12.82 -0.13 18.57
C SER A 112 -11.96 0.39 19.73
N SER A 113 -11.05 1.30 19.43
CA SER A 113 -10.17 1.88 20.44
C SER A 113 -10.83 3.08 21.10
N GLY A 114 -11.27 4.03 20.29
CA GLY A 114 -11.91 5.22 20.83
C GLY A 114 -11.93 6.36 19.84
N GLY A 1 1.33 10.40 21.66
CA GLY A 1 1.50 11.71 21.06
C GLY A 1 2.96 12.12 20.98
N SER A 2 3.78 11.26 20.39
CA SER A 2 5.21 11.54 20.26
C SER A 2 5.83 10.66 19.18
N SER A 3 6.47 11.29 18.19
CA SER A 3 7.11 10.57 17.10
C SER A 3 8.23 9.68 17.63
N GLY A 4 8.63 8.70 16.82
CA GLY A 4 9.69 7.80 17.22
C GLY A 4 9.31 6.34 17.05
N SER A 5 9.39 5.59 18.14
CA SER A 5 9.06 4.16 18.11
C SER A 5 9.44 3.54 16.76
N SER A 6 10.71 3.72 16.38
CA SER A 6 11.20 3.18 15.12
C SER A 6 12.66 2.77 15.25
N GLY A 7 13.03 1.71 14.52
CA GLY A 7 14.40 1.23 14.57
C GLY A 7 14.47 -0.29 14.66
N GLU A 8 13.84 -0.96 13.71
CA GLU A 8 13.83 -2.42 13.68
C GLU A 8 14.76 -2.95 12.60
N GLY A 9 15.27 -4.15 12.80
CA GLY A 9 16.16 -4.76 11.83
C GLY A 9 15.97 -6.26 11.70
N ASP A 10 15.24 -6.68 10.69
CA ASP A 10 14.98 -8.10 10.46
C ASP A 10 14.92 -8.41 8.98
N VAL A 11 15.84 -9.27 8.52
CA VAL A 11 15.90 -9.65 7.11
C VAL A 11 14.73 -10.57 6.75
N ASN A 12 14.54 -11.61 7.55
CA ASN A 12 13.47 -12.57 7.31
C ASN A 12 12.20 -11.86 6.86
N SER A 13 11.78 -10.85 7.61
CA SER A 13 10.58 -10.09 7.29
C SER A 13 10.92 -8.61 7.09
N ALA A 14 11.00 -8.20 5.84
CA ALA A 14 11.30 -6.81 5.51
C ALA A 14 10.05 -6.07 5.03
N LYS A 15 10.01 -4.76 5.28
CA LYS A 15 8.87 -3.95 4.88
C LYS A 15 9.08 -3.39 3.47
N VAL A 16 8.57 -4.12 2.48
CA VAL A 16 8.69 -3.70 1.09
C VAL A 16 7.33 -3.66 0.41
N CYS A 17 6.33 -3.17 1.14
CA CYS A 17 4.97 -3.07 0.59
C CYS A 17 4.25 -1.85 1.16
N ALA A 18 3.34 -1.29 0.37
CA ALA A 18 2.58 -0.12 0.78
C ALA A 18 1.14 -0.20 0.29
N HIS A 19 0.20 -0.17 1.24
CA HIS A 19 -1.22 -0.25 0.90
C HIS A 19 -1.83 1.15 0.84
N ILE A 20 -2.46 1.46 -0.29
CA ILE A 20 -3.08 2.75 -0.49
C ILE A 20 -4.59 2.67 -0.32
N THR A 21 -5.10 3.35 0.70
CA THR A 21 -6.53 3.36 0.98
C THR A 21 -7.10 4.77 0.91
N ASN A 22 -8.43 4.87 0.91
CA ASN A 22 -9.10 6.16 0.85
C ASN A 22 -8.93 6.81 -0.52
N ILE A 23 -8.95 5.98 -1.56
CA ILE A 23 -8.80 6.47 -2.92
C ILE A 23 -10.12 6.32 -3.70
N PRO A 24 -10.28 7.17 -4.72
CA PRO A 24 -11.49 7.17 -5.57
C PRO A 24 -11.51 5.98 -6.52
N PHE A 25 -12.69 5.36 -6.65
CA PHE A 25 -12.84 4.22 -7.54
C PHE A 25 -13.14 4.66 -8.96
N SER A 26 -12.55 5.77 -9.37
CA SER A 26 -12.76 6.31 -10.70
C SER A 26 -11.47 6.28 -11.52
N ILE A 27 -10.33 6.33 -10.82
CA ILE A 27 -9.04 6.29 -11.48
C ILE A 27 -8.68 4.88 -11.92
N THR A 28 -7.56 4.75 -12.62
CA THR A 28 -7.10 3.45 -13.10
C THR A 28 -5.65 3.19 -12.70
N LYS A 29 -5.24 1.93 -12.77
CA LYS A 29 -3.88 1.56 -12.41
C LYS A 29 -2.87 2.61 -12.87
N MET A 30 -3.04 3.07 -14.10
CA MET A 30 -2.16 4.09 -14.66
C MET A 30 -2.06 5.30 -13.73
N ASP A 31 -3.21 5.83 -13.35
CA ASP A 31 -3.26 6.99 -12.45
C ASP A 31 -2.36 6.77 -11.23
N VAL A 32 -2.53 5.63 -10.57
CA VAL A 32 -1.74 5.30 -9.40
C VAL A 32 -0.25 5.43 -9.68
N LEU A 33 0.23 4.70 -10.68
CA LEU A 33 1.64 4.75 -11.05
C LEU A 33 2.16 6.18 -11.08
N GLN A 34 1.33 7.09 -11.58
CA GLN A 34 1.70 8.50 -11.66
C GLN A 34 1.82 9.11 -10.27
N PHE A 35 0.81 8.86 -9.44
CA PHE A 35 0.79 9.39 -8.07
C PHE A 35 2.10 9.05 -7.35
N LEU A 36 2.77 8.00 -7.80
CA LEU A 36 4.02 7.57 -7.20
C LEU A 36 5.21 8.21 -7.90
N GLU A 37 4.97 9.38 -8.50
CA GLU A 37 6.04 10.09 -9.20
C GLU A 37 7.31 10.13 -8.37
N GLY A 38 8.40 9.68 -8.96
CA GLY A 38 9.68 9.66 -8.26
C GLY A 38 10.15 8.26 -7.95
N ILE A 39 9.22 7.37 -7.64
CA ILE A 39 9.55 5.99 -7.31
C ILE A 39 9.38 5.09 -8.52
N PRO A 40 10.51 4.63 -9.09
CA PRO A 40 10.51 3.75 -10.27
C PRO A 40 10.14 2.32 -9.90
N VAL A 41 8.88 1.95 -10.12
CA VAL A 41 8.40 0.61 -9.82
C VAL A 41 7.58 0.06 -10.98
N ASP A 42 7.74 -1.24 -11.25
CA ASP A 42 7.02 -1.89 -12.32
C ASP A 42 5.52 -1.83 -12.09
N GLU A 43 4.74 -2.05 -13.14
CA GLU A 43 3.29 -2.02 -13.05
C GLU A 43 2.77 -3.18 -12.21
N ASN A 44 3.14 -4.40 -12.59
CA ASN A 44 2.72 -5.58 -11.87
C ASN A 44 2.90 -5.41 -10.36
N ALA A 45 3.93 -4.64 -9.98
CA ALA A 45 4.21 -4.40 -8.57
C ALA A 45 2.96 -3.93 -7.85
N VAL A 46 2.14 -3.15 -8.53
CA VAL A 46 0.90 -2.64 -7.93
C VAL A 46 -0.27 -3.59 -8.17
N HIS A 47 -0.96 -3.94 -7.09
CA HIS A 47 -2.10 -4.85 -7.18
C HIS A 47 -3.40 -4.13 -6.80
N VAL A 48 -4.21 -3.79 -7.80
CA VAL A 48 -5.47 -3.11 -7.56
C VAL A 48 -6.57 -4.10 -7.19
N LEU A 49 -7.33 -3.76 -6.15
CA LEU A 49 -8.41 -4.61 -5.68
C LEU A 49 -9.61 -4.55 -6.62
N VAL A 50 -10.51 -5.51 -6.50
CA VAL A 50 -11.70 -5.55 -7.33
C VAL A 50 -12.87 -6.19 -6.59
N ASP A 51 -14.08 -5.92 -7.08
CA ASP A 51 -15.28 -6.47 -6.46
C ASP A 51 -16.03 -7.39 -7.43
N ASN A 52 -17.18 -7.87 -7.00
CA ASN A 52 -17.99 -8.77 -7.83
C ASN A 52 -18.19 -8.18 -9.22
N ASN A 53 -18.56 -6.90 -9.27
CA ASN A 53 -18.78 -6.21 -10.53
C ASN A 53 -17.49 -5.59 -11.06
N GLY A 54 -16.37 -6.12 -10.62
CA GLY A 54 -15.08 -5.61 -11.04
C GLY A 54 -15.06 -4.09 -11.12
N GLN A 55 -15.51 -3.45 -10.06
CA GLN A 55 -15.55 -1.99 -10.01
C GLN A 55 -14.31 -1.44 -9.31
N GLY A 56 -14.00 -1.98 -8.14
CA GLY A 56 -12.85 -1.53 -7.38
C GLY A 56 -13.22 -1.02 -6.00
N LEU A 57 -12.63 -1.63 -4.98
CA LEU A 57 -12.91 -1.22 -3.60
C LEU A 57 -12.05 -0.03 -3.21
N GLY A 58 -11.85 0.89 -4.14
CA GLY A 58 -11.05 2.07 -3.87
C GLY A 58 -9.84 1.76 -3.01
N GLN A 59 -9.20 0.62 -3.27
CA GLN A 59 -8.02 0.21 -2.51
C GLN A 59 -7.06 -0.56 -3.39
N ALA A 60 -5.77 -0.21 -3.28
CA ALA A 60 -4.74 -0.87 -4.07
C ALA A 60 -3.47 -1.06 -3.26
N LEU A 61 -2.71 -2.10 -3.59
CA LEU A 61 -1.46 -2.41 -2.88
C LEU A 61 -0.25 -2.06 -3.75
N VAL A 62 0.90 -1.91 -3.10
CA VAL A 62 2.13 -1.59 -3.81
C VAL A 62 3.30 -2.43 -3.30
N GLN A 63 3.81 -3.31 -4.15
CA GLN A 63 4.93 -4.17 -3.78
C GLN A 63 6.24 -3.62 -4.34
N PHE A 64 7.19 -3.35 -3.44
CA PHE A 64 8.49 -2.83 -3.84
C PHE A 64 9.55 -3.92 -3.82
N LYS A 65 10.61 -3.73 -4.61
CA LYS A 65 11.68 -4.70 -4.69
C LYS A 65 12.71 -4.47 -3.58
N ASN A 66 12.67 -3.27 -2.99
CA ASN A 66 13.59 -2.91 -1.92
C ASN A 66 12.99 -1.85 -1.01
N GLU A 67 13.61 -1.65 0.15
CA GLU A 67 13.14 -0.66 1.11
C GLU A 67 13.31 0.75 0.56
N ASP A 68 14.39 0.96 -0.17
CA ASP A 68 14.68 2.27 -0.75
C ASP A 68 13.43 2.87 -1.38
N ASP A 69 12.52 1.99 -1.80
CA ASP A 69 11.27 2.44 -2.43
C ASP A 69 10.16 2.55 -1.40
N ALA A 70 10.17 1.66 -0.41
CA ALA A 70 9.16 1.66 0.63
C ALA A 70 9.31 2.88 1.54
N ARG A 71 10.50 3.06 2.10
CA ARG A 71 10.76 4.18 2.99
C ARG A 71 10.32 5.50 2.36
N LYS A 72 10.17 5.49 1.03
CA LYS A 72 9.74 6.67 0.30
C LYS A 72 8.23 6.68 0.11
N SER A 73 7.68 5.54 -0.30
CA SER A 73 6.24 5.42 -0.52
C SER A 73 5.47 5.86 0.72
N GLU A 74 6.04 5.59 1.89
CA GLU A 74 5.39 5.96 3.14
C GLU A 74 5.40 7.47 3.35
N ARG A 75 6.45 8.12 2.82
CA ARG A 75 6.58 9.56 2.94
C ARG A 75 5.42 10.28 2.26
N LEU A 76 4.80 9.61 1.30
CA LEU A 76 3.68 10.18 0.57
C LEU A 76 2.37 9.99 1.33
N HIS A 77 2.50 9.64 2.61
CA HIS A 77 1.32 9.43 3.45
C HIS A 77 0.53 10.73 3.62
N ARG A 78 -0.79 10.61 3.70
CA ARG A 78 -1.65 11.77 3.86
C ARG A 78 -1.50 12.72 2.68
N LYS A 79 -1.49 12.17 1.47
CA LYS A 79 -1.35 12.97 0.26
C LYS A 79 -2.72 13.30 -0.34
N LYS A 80 -2.74 14.26 -1.27
CA LYS A 80 -3.98 14.65 -1.92
C LYS A 80 -4.04 14.13 -3.35
N LEU A 81 -4.82 13.06 -3.54
CA LEU A 81 -4.97 12.47 -4.86
C LEU A 81 -6.29 12.86 -5.50
N ASN A 82 -6.22 13.74 -6.50
CA ASN A 82 -7.42 14.21 -7.19
C ASN A 82 -8.35 14.93 -6.23
N GLY A 83 -7.79 15.48 -5.16
CA GLY A 83 -8.59 16.18 -4.19
C GLY A 83 -9.14 15.27 -3.10
N ARG A 84 -8.53 14.10 -2.96
CA ARG A 84 -8.97 13.13 -1.96
C ARG A 84 -7.79 12.66 -1.12
N GLU A 85 -7.86 12.94 0.19
CA GLU A 85 -6.80 12.54 1.11
C GLU A 85 -6.61 11.03 1.09
N ALA A 86 -5.40 10.60 0.73
CA ALA A 86 -5.09 9.18 0.68
C ALA A 86 -4.17 8.78 1.83
N PHE A 87 -4.27 7.52 2.26
CA PHE A 87 -3.45 7.02 3.35
C PHE A 87 -2.61 5.82 2.90
N VAL A 88 -1.31 5.88 3.16
CA VAL A 88 -0.41 4.80 2.78
C VAL A 88 0.13 4.08 4.01
N HIS A 89 -0.05 2.77 4.04
CA HIS A 89 0.42 1.96 5.16
C HIS A 89 1.53 1.01 4.72
N VAL A 90 2.62 0.98 5.48
CA VAL A 90 3.75 0.11 5.16
C VAL A 90 3.60 -1.25 5.84
N VAL A 91 3.35 -2.28 5.03
CA VAL A 91 3.19 -3.63 5.55
C VAL A 91 4.20 -4.58 4.91
N THR A 92 4.18 -5.83 5.36
CA THR A 92 5.09 -6.84 4.83
C THR A 92 4.46 -7.59 3.67
N LEU A 93 5.31 -8.19 2.83
CA LEU A 93 4.83 -8.94 1.67
C LEU A 93 3.72 -9.91 2.06
N GLU A 94 3.96 -10.67 3.12
CA GLU A 94 2.97 -11.64 3.60
C GLU A 94 1.61 -10.98 3.81
N ASP A 95 1.64 -9.77 4.38
CA ASP A 95 0.40 -9.03 4.63
C ASP A 95 -0.32 -8.71 3.32
N MET A 96 0.40 -8.12 2.38
CA MET A 96 -0.17 -7.76 1.10
C MET A 96 -0.91 -8.95 0.48
N ARG A 97 -0.26 -10.10 0.46
CA ARG A 97 -0.85 -11.31 -0.10
C ARG A 97 -2.20 -11.61 0.56
N GLU A 98 -2.22 -11.57 1.89
CA GLU A 98 -3.45 -11.84 2.64
C GLU A 98 -4.55 -10.86 2.24
N ILE A 99 -4.15 -9.62 1.94
CA ILE A 99 -5.09 -8.59 1.55
C ILE A 99 -5.63 -8.82 0.14
N GLU A 100 -4.74 -9.24 -0.75
CA GLU A 100 -5.11 -9.51 -2.13
C GLU A 100 -6.09 -10.69 -2.22
N LYS A 101 -5.70 -11.81 -1.62
CA LYS A 101 -6.53 -13.01 -1.62
C LYS A 101 -7.92 -12.71 -1.06
N ASN A 102 -7.97 -11.89 -0.02
CA ASN A 102 -9.23 -11.52 0.60
C ASN A 102 -9.12 -10.17 1.32
N PRO A 103 -9.69 -9.13 0.71
CA PRO A 103 -9.67 -7.77 1.27
C PRO A 103 -9.97 -7.75 2.76
N PRO A 104 -9.53 -6.69 3.44
CA PRO A 104 -9.73 -6.53 4.89
C PRO A 104 -11.16 -6.85 5.31
N ALA A 105 -11.29 -7.68 6.34
CA ALA A 105 -12.60 -8.06 6.84
C ALA A 105 -13.44 -6.84 7.21
N GLN A 106 -14.51 -6.61 6.46
CA GLN A 106 -15.39 -5.47 6.72
C GLN A 106 -16.56 -5.87 7.59
N GLY A 107 -16.61 -5.33 8.80
CA GLY A 107 -17.69 -5.65 9.72
C GLY A 107 -17.70 -4.75 10.94
N LYS A 108 -16.63 -4.81 11.72
CA LYS A 108 -16.52 -3.99 12.92
C LYS A 108 -15.10 -3.44 13.07
N SER A 109 -14.99 -2.29 13.74
CA SER A 109 -13.69 -1.65 13.95
C SER A 109 -13.04 -2.16 15.24
N GLY A 110 -11.72 -2.08 15.28
CA GLY A 110 -11.00 -2.53 16.46
C GLY A 110 -10.45 -1.38 17.28
N PRO A 111 -9.17 -1.03 17.06
CA PRO A 111 -8.52 0.05 17.78
C PRO A 111 -8.87 1.43 17.22
N SER A 112 -10.09 1.55 16.70
CA SER A 112 -10.56 2.80 16.11
C SER A 112 -11.29 3.63 17.16
N SER A 113 -12.28 3.02 17.81
CA SER A 113 -13.06 3.71 18.83
C SER A 113 -12.20 4.07 20.03
N GLY A 114 -11.55 5.23 19.96
CA GLY A 114 -10.71 5.68 21.05
C GLY A 114 -9.78 6.81 20.64
N GLY A 1 19.34 9.96 20.80
CA GLY A 1 18.10 9.19 20.80
C GLY A 1 17.14 9.65 19.73
N SER A 2 16.79 8.75 18.82
CA SER A 2 15.88 9.06 17.73
C SER A 2 14.70 8.10 17.71
N SER A 3 13.49 8.66 17.69
CA SER A 3 12.27 7.86 17.68
C SER A 3 12.21 6.99 16.43
N GLY A 4 11.47 5.89 16.52
CA GLY A 4 11.33 4.98 15.40
C GLY A 4 11.72 3.55 15.75
N SER A 5 12.08 2.77 14.74
CA SER A 5 12.47 1.38 14.95
C SER A 5 13.94 1.18 14.61
N SER A 6 14.50 0.08 15.12
CA SER A 6 15.90 -0.24 14.88
C SER A 6 16.24 -0.12 13.39
N GLY A 7 17.42 0.42 13.10
CA GLY A 7 17.84 0.57 11.72
C GLY A 7 18.60 -0.64 11.21
N GLU A 8 19.85 -0.78 11.65
CA GLU A 8 20.69 -1.90 11.22
C GLU A 8 20.55 -3.08 12.17
N GLY A 9 20.91 -4.26 11.70
CA GLY A 9 20.81 -5.45 12.52
C GLY A 9 20.46 -6.69 11.72
N ASP A 10 19.17 -6.93 11.53
CA ASP A 10 18.70 -8.09 10.78
C ASP A 10 17.62 -7.69 9.78
N VAL A 11 17.63 -8.33 8.62
CA VAL A 11 16.64 -8.04 7.59
C VAL A 11 15.64 -9.18 7.45
N ASN A 12 15.25 -9.75 8.58
CA ASN A 12 14.29 -10.85 8.58
C ASN A 12 12.93 -10.39 8.08
N SER A 13 12.47 -9.24 8.57
CA SER A 13 11.20 -8.69 8.16
C SER A 13 11.37 -7.30 7.55
N ALA A 14 11.54 -7.26 6.23
CA ALA A 14 11.72 -5.99 5.52
C ALA A 14 10.41 -5.54 4.88
N LYS A 15 9.97 -4.33 5.22
CA LYS A 15 8.73 -3.78 4.66
C LYS A 15 8.92 -3.39 3.20
N VAL A 16 8.52 -4.28 2.30
CA VAL A 16 8.64 -4.03 0.87
C VAL A 16 7.26 -3.97 0.20
N CYS A 17 6.28 -3.45 0.94
CA CYS A 17 4.92 -3.34 0.42
C CYS A 17 4.21 -2.13 1.01
N ALA A 18 3.47 -1.41 0.17
CA ALA A 18 2.74 -0.23 0.61
C ALA A 18 1.29 -0.27 0.14
N HIS A 19 0.36 -0.26 1.09
CA HIS A 19 -1.06 -0.30 0.77
C HIS A 19 -1.65 1.11 0.74
N ILE A 20 -2.40 1.40 -0.32
CA ILE A 20 -3.02 2.71 -0.48
C ILE A 20 -4.53 2.63 -0.29
N THR A 21 -5.05 3.43 0.64
CA THR A 21 -6.48 3.45 0.91
C THR A 21 -7.04 4.87 0.82
N ASN A 22 -8.36 4.98 0.85
CA ASN A 22 -9.02 6.29 0.77
C ASN A 22 -8.87 6.88 -0.63
N ILE A 23 -8.83 6.02 -1.63
CA ILE A 23 -8.71 6.47 -3.02
C ILE A 23 -10.01 6.29 -3.77
N PRO A 24 -10.22 7.13 -4.81
CA PRO A 24 -11.43 7.08 -5.64
C PRO A 24 -11.42 5.90 -6.61
N PHE A 25 -12.55 5.21 -6.69
CA PHE A 25 -12.67 4.06 -7.58
C PHE A 25 -12.86 4.51 -9.03
N SER A 26 -12.72 5.81 -9.25
CA SER A 26 -12.87 6.37 -10.60
C SER A 26 -11.57 6.27 -11.38
N ILE A 27 -10.45 6.25 -10.66
CA ILE A 27 -9.14 6.16 -11.29
C ILE A 27 -8.74 4.71 -11.51
N THR A 28 -7.65 4.50 -12.25
CA THR A 28 -7.17 3.15 -12.54
C THR A 28 -5.70 3.02 -12.19
N LYS A 29 -5.22 1.78 -12.14
CA LYS A 29 -3.82 1.52 -11.82
C LYS A 29 -2.90 2.56 -12.46
N MET A 30 -3.11 2.79 -13.75
CA MET A 30 -2.31 3.77 -14.48
C MET A 30 -2.21 5.08 -13.71
N ASP A 31 -3.34 5.51 -13.16
CA ASP A 31 -3.38 6.76 -12.39
C ASP A 31 -2.48 6.67 -11.15
N VAL A 32 -2.60 5.56 -10.43
CA VAL A 32 -1.81 5.35 -9.22
C VAL A 32 -0.31 5.41 -9.53
N LEU A 33 0.11 4.60 -10.51
CA LEU A 33 1.52 4.56 -10.89
C LEU A 33 2.10 5.96 -11.02
N GLN A 34 1.25 6.91 -11.40
CA GLN A 34 1.68 8.30 -11.55
C GLN A 34 1.73 9.00 -10.21
N PHE A 35 0.73 8.73 -9.35
CA PHE A 35 0.67 9.34 -8.03
C PHE A 35 1.96 9.09 -7.25
N LEU A 36 2.64 7.98 -7.58
CA LEU A 36 3.88 7.63 -6.92
C LEU A 36 5.09 8.13 -7.70
N GLU A 37 4.88 9.17 -8.49
CA GLU A 37 5.95 9.75 -9.29
C GLU A 37 7.24 9.83 -8.50
N GLY A 38 8.34 9.40 -9.12
CA GLY A 38 9.63 9.42 -8.45
C GLY A 38 10.12 8.03 -8.10
N ILE A 39 9.21 7.17 -7.67
CA ILE A 39 9.56 5.80 -7.30
C ILE A 39 9.63 4.90 -8.52
N PRO A 40 10.85 4.45 -8.86
CA PRO A 40 11.08 3.57 -10.00
C PRO A 40 10.62 2.14 -9.74
N VAL A 41 9.33 1.90 -9.94
CA VAL A 41 8.76 0.56 -9.72
C VAL A 41 8.00 0.09 -10.95
N ASP A 42 7.95 -1.22 -11.14
CA ASP A 42 7.25 -1.80 -12.28
C ASP A 42 5.76 -1.45 -12.25
N GLU A 43 5.03 -1.86 -13.28
CA GLU A 43 3.60 -1.59 -13.36
C GLU A 43 2.80 -2.69 -12.67
N ASN A 44 3.28 -3.92 -12.78
CA ASN A 44 2.61 -5.06 -12.17
C ASN A 44 2.71 -5.01 -10.65
N ALA A 45 3.87 -4.58 -10.16
CA ALA A 45 4.10 -4.48 -8.72
C ALA A 45 2.85 -3.98 -8.00
N VAL A 46 2.13 -3.05 -8.64
CA VAL A 46 0.92 -2.49 -8.06
C VAL A 46 -0.29 -3.37 -8.38
N HIS A 47 -0.97 -3.82 -7.33
CA HIS A 47 -2.15 -4.65 -7.49
C HIS A 47 -3.41 -3.94 -7.00
N VAL A 48 -4.21 -3.46 -7.93
CA VAL A 48 -5.45 -2.76 -7.59
C VAL A 48 -6.55 -3.73 -7.19
N LEU A 49 -7.43 -3.29 -6.30
CA LEU A 49 -8.52 -4.13 -5.83
C LEU A 49 -9.77 -3.91 -6.68
N VAL A 50 -10.58 -4.96 -6.81
CA VAL A 50 -11.80 -4.88 -7.59
C VAL A 50 -12.94 -5.67 -6.93
N ASP A 51 -14.16 -5.24 -7.18
CA ASP A 51 -15.33 -5.91 -6.61
C ASP A 51 -16.21 -6.50 -7.71
N ASN A 52 -17.28 -7.17 -7.31
CA ASN A 52 -18.21 -7.78 -8.26
C ASN A 52 -18.47 -6.86 -9.44
N ASN A 53 -18.55 -5.56 -9.17
CA ASN A 53 -18.79 -4.57 -10.21
C ASN A 53 -17.48 -4.17 -10.89
N GLY A 54 -16.38 -4.31 -10.17
CA GLY A 54 -15.08 -3.96 -10.71
C GLY A 54 -14.56 -2.65 -10.17
N GLN A 55 -15.46 -1.79 -9.73
CA GLN A 55 -15.08 -0.49 -9.18
C GLN A 55 -14.15 -0.66 -7.98
N GLY A 56 -14.08 -1.88 -7.46
CA GLY A 56 -13.23 -2.16 -6.32
C GLY A 56 -13.58 -1.31 -5.12
N LEU A 57 -12.98 -1.61 -3.97
CA LEU A 57 -13.23 -0.87 -2.74
C LEU A 57 -12.29 0.34 -2.64
N GLY A 58 -12.09 1.02 -3.77
CA GLY A 58 -11.23 2.19 -3.78
C GLY A 58 -9.94 1.95 -3.02
N GLN A 59 -9.19 0.93 -3.42
CA GLN A 59 -7.92 0.61 -2.77
C GLN A 59 -6.94 -0.02 -3.75
N ALA A 60 -5.67 -0.03 -3.39
CA ALA A 60 -4.64 -0.60 -4.24
C ALA A 60 -3.38 -0.93 -3.44
N LEU A 61 -2.73 -2.03 -3.78
CA LEU A 61 -1.52 -2.46 -3.10
C LEU A 61 -0.28 -2.22 -3.96
N VAL A 62 0.86 -2.02 -3.31
CA VAL A 62 2.11 -1.78 -4.02
C VAL A 62 3.22 -2.66 -3.48
N GLN A 63 3.85 -3.43 -4.38
CA GLN A 63 4.94 -4.31 -3.99
C GLN A 63 6.28 -3.82 -4.52
N PHE A 64 7.21 -3.57 -3.62
CA PHE A 64 8.53 -3.08 -4.00
C PHE A 64 9.58 -4.19 -3.90
N LYS A 65 10.81 -3.87 -4.25
CA LYS A 65 11.91 -4.84 -4.21
C LYS A 65 12.71 -4.67 -2.92
N ASN A 66 12.72 -3.46 -2.39
CA ASN A 66 13.46 -3.17 -1.16
C ASN A 66 12.88 -1.95 -0.45
N GLU A 67 13.35 -1.69 0.77
CA GLU A 67 12.87 -0.56 1.55
C GLU A 67 13.18 0.75 0.84
N ASP A 68 14.35 0.83 0.23
CA ASP A 68 14.77 2.04 -0.48
C ASP A 68 13.60 2.62 -1.27
N ASP A 69 12.74 1.76 -1.78
CA ASP A 69 11.58 2.19 -2.55
C ASP A 69 10.35 2.31 -1.67
N ALA A 70 10.22 1.39 -0.72
CA ALA A 70 9.08 1.38 0.19
C ALA A 70 9.03 2.67 1.01
N ARG A 71 10.09 2.91 1.79
CA ARG A 71 10.17 4.10 2.61
C ARG A 71 9.56 5.31 1.90
N LYS A 72 10.08 5.62 0.72
CA LYS A 72 9.59 6.74 -0.06
C LYS A 72 8.07 6.84 0.03
N SER A 73 7.40 5.72 -0.21
CA SER A 73 5.93 5.68 -0.16
C SER A 73 5.41 6.45 1.05
N GLU A 74 6.01 6.20 2.21
CA GLU A 74 5.61 6.87 3.44
C GLU A 74 5.68 8.39 3.28
N ARG A 75 6.67 8.85 2.52
CA ARG A 75 6.84 10.28 2.29
C ARG A 75 5.60 10.89 1.65
N LEU A 76 4.78 10.04 1.04
CA LEU A 76 3.56 10.49 0.38
C LEU A 76 2.33 10.19 1.25
N HIS A 77 2.58 9.86 2.51
CA HIS A 77 1.50 9.55 3.45
C HIS A 77 0.62 10.77 3.67
N ARG A 78 -0.69 10.54 3.79
CA ARG A 78 -1.64 11.61 4.02
C ARG A 78 -1.60 12.63 2.87
N LYS A 79 -1.42 12.13 1.66
CA LYS A 79 -1.37 12.99 0.48
C LYS A 79 -2.76 13.32 -0.01
N LYS A 80 -2.83 14.07 -1.12
CA LYS A 80 -4.11 14.46 -1.70
C LYS A 80 -4.18 14.06 -3.17
N LEU A 81 -4.85 12.96 -3.45
CA LEU A 81 -4.99 12.47 -4.82
C LEU A 81 -6.39 12.77 -5.36
N ASN A 82 -6.45 13.62 -6.38
CA ASN A 82 -7.71 13.99 -7.00
C ASN A 82 -8.62 14.69 -5.99
N GLY A 83 -8.00 15.34 -5.01
CA GLY A 83 -8.77 16.05 -4.00
C GLY A 83 -9.27 15.13 -2.89
N ARG A 84 -8.69 13.93 -2.82
CA ARG A 84 -9.08 12.96 -1.81
C ARG A 84 -7.87 12.48 -1.01
N GLU A 85 -7.91 12.69 0.29
CA GLU A 85 -6.82 12.28 1.16
C GLU A 85 -6.48 10.80 0.96
N ALA A 86 -5.23 10.54 0.59
CA ALA A 86 -4.78 9.17 0.36
C ALA A 86 -3.84 8.72 1.48
N PHE A 87 -4.23 7.64 2.17
CA PHE A 87 -3.43 7.11 3.26
C PHE A 87 -2.53 5.97 2.77
N VAL A 88 -1.24 6.08 3.05
CA VAL A 88 -0.28 5.07 2.65
C VAL A 88 0.30 4.33 3.85
N HIS A 89 -0.08 3.07 4.00
CA HIS A 89 0.40 2.26 5.10
C HIS A 89 1.49 1.29 4.65
N VAL A 90 2.50 1.09 5.48
CA VAL A 90 3.60 0.19 5.16
C VAL A 90 3.40 -1.18 5.81
N VAL A 91 3.40 -2.22 4.98
CA VAL A 91 3.23 -3.58 5.49
C VAL A 91 4.20 -4.54 4.82
N THR A 92 4.24 -5.78 5.31
CA THR A 92 5.13 -6.79 4.76
C THR A 92 4.41 -7.68 3.76
N LEU A 93 5.14 -8.19 2.78
CA LEU A 93 4.57 -9.06 1.76
C LEU A 93 3.52 -9.99 2.36
N GLU A 94 3.93 -10.77 3.35
CA GLU A 94 3.03 -11.71 4.01
C GLU A 94 1.71 -11.02 4.38
N ASP A 95 1.80 -9.79 4.86
CA ASP A 95 0.63 -9.03 5.25
C ASP A 95 -0.14 -8.56 4.01
N MET A 96 0.60 -8.08 3.01
CA MET A 96 -0.01 -7.60 1.78
C MET A 96 -0.81 -8.70 1.10
N ARG A 97 -0.29 -9.92 1.14
CA ARG A 97 -0.95 -11.06 0.52
C ARG A 97 -2.28 -11.34 1.21
N GLU A 98 -2.29 -11.26 2.53
CA GLU A 98 -3.50 -11.51 3.31
C GLU A 98 -4.56 -10.45 3.01
N ILE A 99 -4.11 -9.27 2.61
CA ILE A 99 -5.03 -8.17 2.30
C ILE A 99 -5.73 -8.41 0.96
N GLU A 100 -4.98 -8.93 -0.01
CA GLU A 100 -5.53 -9.21 -1.32
C GLU A 100 -6.52 -10.35 -1.28
N LYS A 101 -6.10 -11.47 -0.69
CA LYS A 101 -6.97 -12.64 -0.58
C LYS A 101 -8.26 -12.30 0.16
N ASN A 102 -8.12 -11.58 1.28
CA ASN A 102 -9.29 -11.19 2.07
C ASN A 102 -9.28 -9.69 2.34
N PRO A 103 -9.79 -8.91 1.36
CA PRO A 103 -9.85 -7.45 1.47
C PRO A 103 -10.99 -6.99 2.38
N PRO A 104 -10.77 -5.85 3.05
CA PRO A 104 -11.78 -5.27 3.96
C PRO A 104 -12.90 -4.56 3.21
N ALA A 105 -14.02 -4.35 3.89
CA ALA A 105 -15.16 -3.68 3.29
C ALA A 105 -15.07 -2.17 3.47
N GLN A 106 -14.96 -1.73 4.71
CA GLN A 106 -14.88 -0.30 5.01
C GLN A 106 -13.84 -0.05 6.10
N GLY A 107 -13.33 1.19 6.15
CA GLY A 107 -12.33 1.54 7.14
C GLY A 107 -12.28 3.03 7.40
N LYS A 108 -13.20 3.52 8.22
CA LYS A 108 -13.25 4.94 8.55
C LYS A 108 -12.88 5.18 10.01
N SER A 109 -11.65 5.65 10.23
CA SER A 109 -11.17 5.92 11.58
C SER A 109 -9.91 6.80 11.53
N GLY A 110 -9.45 7.21 12.72
CA GLY A 110 -8.26 8.04 12.79
C GLY A 110 -6.99 7.24 12.74
N PRO A 111 -5.99 7.74 12.00
CA PRO A 111 -4.69 7.07 11.86
C PRO A 111 -4.13 6.61 13.20
N SER A 112 -4.55 7.27 14.28
CA SER A 112 -4.08 6.93 15.61
C SER A 112 -4.98 5.87 16.25
N SER A 113 -4.44 5.13 17.21
CA SER A 113 -5.20 4.10 17.90
C SER A 113 -5.49 4.50 19.34
N GLY A 114 -4.42 4.76 20.10
CA GLY A 114 -4.59 5.15 21.49
C GLY A 114 -4.45 3.98 22.45
N GLY A 1 10.59 13.80 26.94
CA GLY A 1 11.21 12.53 27.24
C GLY A 1 11.51 11.70 26.01
N SER A 2 10.50 10.98 25.51
CA SER A 2 10.66 10.15 24.33
C SER A 2 12.06 9.52 24.30
N SER A 3 12.51 9.05 25.46
CA SER A 3 13.82 8.42 25.57
C SER A 3 13.70 6.91 25.70
N GLY A 4 13.56 6.23 24.56
CA GLY A 4 13.43 4.79 24.57
C GLY A 4 14.53 4.10 23.80
N SER A 5 14.22 3.66 22.58
CA SER A 5 15.20 2.97 21.74
C SER A 5 14.66 2.79 20.32
N SER A 6 15.56 2.48 19.40
CA SER A 6 15.18 2.28 18.01
C SER A 6 15.85 1.04 17.44
N GLY A 7 15.42 0.64 16.24
CA GLY A 7 15.99 -0.54 15.60
C GLY A 7 16.18 -0.35 14.11
N GLU A 8 16.39 -1.44 13.40
CA GLU A 8 16.61 -1.39 11.95
C GLU A 8 15.55 -2.23 11.22
N GLY A 9 15.47 -3.51 11.60
CA GLY A 9 14.50 -4.39 10.97
C GLY A 9 14.96 -5.83 10.98
N ASP A 10 14.07 -6.74 10.59
CA ASP A 10 14.38 -8.16 10.57
C ASP A 10 14.52 -8.66 9.13
N VAL A 11 15.36 -9.68 8.94
CA VAL A 11 15.58 -10.25 7.62
C VAL A 11 14.51 -11.28 7.28
N ASN A 12 13.67 -11.61 8.26
CA ASN A 12 12.61 -12.58 8.06
C ASN A 12 11.33 -11.90 7.57
N SER A 13 10.98 -10.79 8.19
CA SER A 13 9.78 -10.04 7.83
C SER A 13 10.09 -8.56 7.65
N ALA A 14 10.44 -8.17 6.43
CA ALA A 14 10.76 -6.79 6.12
C ALA A 14 9.54 -6.05 5.58
N LYS A 15 9.55 -4.73 5.72
CA LYS A 15 8.45 -3.90 5.24
C LYS A 15 8.76 -3.32 3.87
N VAL A 16 8.48 -4.09 2.82
CA VAL A 16 8.73 -3.65 1.46
C VAL A 16 7.44 -3.57 0.66
N CYS A 17 6.34 -3.30 1.35
CA CYS A 17 5.04 -3.19 0.71
C CYS A 17 4.23 -2.04 1.31
N ALA A 18 3.54 -1.30 0.44
CA ALA A 18 2.72 -0.18 0.88
C ALA A 18 1.28 -0.31 0.38
N HIS A 19 0.33 -0.13 1.29
CA HIS A 19 -1.08 -0.23 0.94
C HIS A 19 -1.74 1.16 0.92
N ILE A 20 -2.34 1.49 -0.21
CA ILE A 20 -3.00 2.78 -0.37
C ILE A 20 -4.51 2.65 -0.20
N THR A 21 -5.08 3.48 0.67
CA THR A 21 -6.52 3.45 0.92
C THR A 21 -7.10 4.86 0.89
N ASN A 22 -8.44 4.94 0.96
CA ASN A 22 -9.12 6.23 0.94
C ASN A 22 -8.93 6.92 -0.41
N ILE A 23 -9.01 6.14 -1.48
CA ILE A 23 -8.84 6.67 -2.83
C ILE A 23 -10.12 6.51 -3.64
N PRO A 24 -10.32 7.41 -4.62
CA PRO A 24 -11.50 7.36 -5.49
C PRO A 24 -11.42 6.24 -6.53
N PHE A 25 -12.42 5.36 -6.51
CA PHE A 25 -12.45 4.24 -7.45
C PHE A 25 -12.70 4.74 -8.87
N SER A 26 -12.88 6.05 -9.01
CA SER A 26 -13.12 6.64 -10.32
C SER A 26 -11.88 6.55 -11.21
N ILE A 27 -10.71 6.50 -10.57
CA ILE A 27 -9.46 6.40 -11.30
C ILE A 27 -9.08 4.94 -11.56
N THR A 28 -8.02 4.74 -12.34
CA THR A 28 -7.56 3.40 -12.66
C THR A 28 -6.06 3.25 -12.39
N LYS A 29 -5.55 2.04 -12.59
CA LYS A 29 -4.13 1.77 -12.36
C LYS A 29 -3.27 2.86 -12.98
N MET A 30 -3.54 3.18 -14.25
CA MET A 30 -2.78 4.20 -14.95
C MET A 30 -2.63 5.45 -14.10
N ASP A 31 -3.74 5.93 -13.54
CA ASP A 31 -3.72 7.12 -12.70
C ASP A 31 -2.77 6.95 -11.53
N VAL A 32 -2.93 5.85 -10.79
CA VAL A 32 -2.09 5.56 -9.65
C VAL A 32 -0.60 5.63 -10.03
N LEU A 33 -0.22 4.84 -11.02
CA LEU A 33 1.17 4.79 -11.48
C LEU A 33 1.78 6.19 -11.44
N GLN A 34 1.00 7.19 -11.83
CA GLN A 34 1.47 8.58 -11.84
C GLN A 34 1.62 9.11 -10.42
N PHE A 35 0.54 9.02 -9.65
CA PHE A 35 0.55 9.49 -8.27
C PHE A 35 1.83 9.09 -7.55
N LEU A 36 2.41 7.97 -8.00
CA LEU A 36 3.64 7.47 -7.40
C LEU A 36 4.87 8.02 -8.13
N GLU A 37 4.73 9.21 -8.70
CA GLU A 37 5.82 9.84 -9.43
C GLU A 37 7.04 10.00 -8.54
N GLY A 38 8.14 9.38 -8.94
CA GLY A 38 9.37 9.47 -8.17
C GLY A 38 9.93 8.11 -7.81
N ILE A 39 9.06 7.22 -7.34
CA ILE A 39 9.48 5.87 -6.97
C ILE A 39 9.65 4.98 -8.19
N PRO A 40 10.85 4.40 -8.34
CA PRO A 40 11.17 3.52 -9.47
C PRO A 40 10.58 2.12 -9.30
N VAL A 41 9.31 1.97 -9.66
CA VAL A 41 8.63 0.69 -9.53
C VAL A 41 7.83 0.38 -10.80
N ASP A 42 7.80 -0.89 -11.17
CA ASP A 42 7.07 -1.33 -12.36
C ASP A 42 5.57 -1.35 -12.09
N GLU A 43 4.78 -1.36 -13.16
CA GLU A 43 3.33 -1.38 -13.05
C GLU A 43 2.85 -2.69 -12.45
N ASN A 44 3.49 -3.79 -12.87
CA ASN A 44 3.12 -5.12 -12.37
C ASN A 44 3.19 -5.17 -10.85
N ALA A 45 3.95 -4.25 -10.26
CA ALA A 45 4.09 -4.18 -8.81
C ALA A 45 2.96 -3.37 -8.19
N VAL A 46 1.91 -3.13 -8.97
CA VAL A 46 0.78 -2.35 -8.49
C VAL A 46 -0.51 -3.18 -8.53
N HIS A 47 -0.84 -3.80 -7.40
CA HIS A 47 -2.03 -4.63 -7.31
C HIS A 47 -3.26 -3.78 -6.99
N VAL A 48 -4.17 -3.66 -7.95
CA VAL A 48 -5.38 -2.88 -7.77
C VAL A 48 -6.58 -3.78 -7.47
N LEU A 49 -7.25 -3.51 -6.36
CA LEU A 49 -8.42 -4.28 -5.95
C LEU A 49 -9.57 -4.07 -6.91
N VAL A 50 -10.46 -5.05 -7.00
CA VAL A 50 -11.63 -4.96 -7.88
C VAL A 50 -12.83 -5.66 -7.27
N ASP A 51 -14.02 -5.26 -7.71
CA ASP A 51 -15.26 -5.84 -7.20
C ASP A 51 -16.02 -6.54 -8.32
N ASN A 52 -17.20 -7.06 -7.99
CA ASN A 52 -18.03 -7.76 -8.95
C ASN A 52 -18.13 -6.96 -10.26
N ASN A 53 -18.35 -5.66 -10.12
CA ASN A 53 -18.46 -4.79 -11.29
C ASN A 53 -17.12 -4.15 -11.63
N GLY A 54 -16.04 -4.89 -11.36
CA GLY A 54 -14.71 -4.39 -11.64
C GLY A 54 -14.60 -2.89 -11.45
N GLN A 55 -15.12 -2.39 -10.33
CA GLN A 55 -15.08 -0.97 -10.03
C GLN A 55 -13.89 -0.63 -9.13
N GLY A 56 -13.65 -1.47 -8.13
CA GLY A 56 -12.55 -1.25 -7.22
C GLY A 56 -12.97 -0.56 -5.94
N LEU A 57 -12.63 -1.16 -4.81
CA LEU A 57 -12.99 -0.59 -3.51
C LEU A 57 -11.97 0.46 -3.07
N GLY A 58 -11.61 1.35 -3.99
CA GLY A 58 -10.65 2.39 -3.68
C GLY A 58 -9.53 1.90 -2.78
N GLN A 59 -8.81 0.87 -3.24
CA GLN A 59 -7.71 0.31 -2.47
C GLN A 59 -6.76 -0.47 -3.38
N ALA A 60 -5.46 -0.21 -3.23
CA ALA A 60 -4.45 -0.89 -4.02
C ALA A 60 -3.18 -1.13 -3.21
N LEU A 61 -2.51 -2.24 -3.51
CA LEU A 61 -1.27 -2.58 -2.81
C LEU A 61 -0.06 -2.44 -3.72
N VAL A 62 1.06 -2.00 -3.16
CA VAL A 62 2.29 -1.84 -3.92
C VAL A 62 3.43 -2.62 -3.31
N GLN A 63 4.08 -3.45 -4.11
CA GLN A 63 5.20 -4.26 -3.64
C GLN A 63 6.53 -3.71 -4.16
N PHE A 64 7.53 -3.67 -3.28
CA PHE A 64 8.84 -3.17 -3.65
C PHE A 64 9.91 -4.23 -3.45
N LYS A 65 11.07 -4.02 -4.06
CA LYS A 65 12.18 -4.96 -3.95
C LYS A 65 12.90 -4.80 -2.60
N ASN A 66 13.21 -3.55 -2.26
CA ASN A 66 13.89 -3.26 -0.99
C ASN A 66 13.31 -2.01 -0.34
N GLU A 67 13.53 -1.89 0.97
CA GLU A 67 13.02 -0.75 1.71
C GLU A 67 13.43 0.56 1.04
N ASP A 68 14.48 0.50 0.24
CA ASP A 68 14.97 1.69 -0.47
C ASP A 68 13.84 2.36 -1.24
N ASP A 69 12.90 1.56 -1.74
CA ASP A 69 11.78 2.09 -2.50
C ASP A 69 10.56 2.28 -1.60
N ALA A 70 10.45 1.44 -0.57
CA ALA A 70 9.33 1.52 0.37
C ALA A 70 9.38 2.81 1.17
N ARG A 71 10.51 3.04 1.85
CA ARG A 71 10.68 4.24 2.66
C ARG A 71 10.20 5.48 1.92
N LYS A 72 10.15 5.38 0.58
CA LYS A 72 9.70 6.49 -0.24
C LYS A 72 8.19 6.56 -0.30
N SER A 73 7.56 5.44 -0.64
CA SER A 73 6.11 5.37 -0.73
C SER A 73 5.46 5.87 0.56
N GLU A 74 6.07 5.53 1.69
CA GLU A 74 5.55 5.95 2.99
C GLU A 74 5.65 7.46 3.15
N ARG A 75 6.59 8.07 2.43
CA ARG A 75 6.79 9.51 2.49
C ARG A 75 5.62 10.25 1.84
N LEU A 76 4.79 9.51 1.12
CA LEU A 76 3.64 10.11 0.44
C LEU A 76 2.37 9.91 1.27
N HIS A 77 2.54 9.55 2.54
CA HIS A 77 1.41 9.33 3.43
C HIS A 77 0.61 10.62 3.61
N ARG A 78 -0.71 10.49 3.68
CA ARG A 78 -1.59 11.65 3.86
C ARG A 78 -1.50 12.58 2.65
N LYS A 79 -1.36 12.00 1.46
CA LYS A 79 -1.26 12.77 0.24
C LYS A 79 -2.65 13.05 -0.33
N LYS A 80 -2.71 13.95 -1.32
CA LYS A 80 -3.97 14.30 -1.95
C LYS A 80 -4.00 13.85 -3.41
N LEU A 81 -4.87 12.87 -3.70
CA LEU A 81 -4.99 12.36 -5.05
C LEU A 81 -6.35 12.70 -5.65
N ASN A 82 -6.34 13.53 -6.69
CA ASN A 82 -7.58 13.93 -7.35
C ASN A 82 -8.55 14.57 -6.36
N GLY A 83 -8.01 15.35 -5.42
CA GLY A 83 -8.84 15.99 -4.43
C GLY A 83 -9.35 15.02 -3.38
N ARG A 84 -8.63 13.93 -3.18
CA ARG A 84 -9.02 12.92 -2.20
C ARG A 84 -7.82 12.48 -1.37
N GLU A 85 -7.84 12.83 -0.08
CA GLU A 85 -6.76 12.47 0.82
C GLU A 85 -6.63 10.95 0.94
N ALA A 86 -5.44 10.44 0.67
CA ALA A 86 -5.19 9.00 0.75
C ALA A 86 -4.26 8.68 1.90
N PHE A 87 -4.33 7.44 2.38
CA PHE A 87 -3.50 7.00 3.50
C PHE A 87 -2.65 5.80 3.09
N VAL A 88 -1.33 5.95 3.18
CA VAL A 88 -0.40 4.88 2.83
C VAL A 88 0.20 4.24 4.07
N HIS A 89 -0.15 2.98 4.31
CA HIS A 89 0.36 2.24 5.46
C HIS A 89 1.40 1.22 5.04
N VAL A 90 2.55 1.26 5.70
CA VAL A 90 3.64 0.33 5.39
C VAL A 90 3.47 -0.98 6.15
N VAL A 91 3.52 -2.09 5.42
CA VAL A 91 3.37 -3.41 6.02
C VAL A 91 4.29 -4.42 5.35
N THR A 92 4.56 -5.51 6.05
CA THR A 92 5.43 -6.56 5.52
C THR A 92 4.75 -7.30 4.37
N LEU A 93 5.55 -7.82 3.45
CA LEU A 93 5.04 -8.55 2.30
C LEU A 93 3.96 -9.53 2.73
N GLU A 94 4.26 -10.32 3.76
CA GLU A 94 3.31 -11.31 4.26
C GLU A 94 1.92 -10.71 4.43
N ASP A 95 1.86 -9.53 5.04
CA ASP A 95 0.60 -8.83 5.25
C ASP A 95 -0.12 -8.58 3.93
N MET A 96 0.62 -8.06 2.95
CA MET A 96 0.06 -7.77 1.64
C MET A 96 -0.59 -9.02 1.04
N ARG A 97 0.12 -10.14 1.11
CA ARG A 97 -0.39 -11.40 0.58
C ARG A 97 -1.73 -11.75 1.19
N GLU A 98 -1.84 -11.58 2.51
CA GLU A 98 -3.08 -11.89 3.22
C GLU A 98 -4.22 -11.01 2.72
N ILE A 99 -4.04 -9.70 2.82
CA ILE A 99 -5.05 -8.75 2.38
C ILE A 99 -5.61 -9.14 1.02
N GLU A 100 -4.74 -9.21 0.02
CA GLU A 100 -5.14 -9.58 -1.33
C GLU A 100 -6.23 -10.65 -1.30
N LYS A 101 -5.99 -11.71 -0.54
CA LYS A 101 -6.95 -12.81 -0.42
C LYS A 101 -8.17 -12.38 0.39
N ASN A 102 -7.92 -11.77 1.55
CA ASN A 102 -9.00 -11.32 2.41
C ASN A 102 -8.87 -9.83 2.70
N PRO A 103 -9.48 -9.00 1.84
CA PRO A 103 -9.45 -7.54 1.99
C PRO A 103 -10.39 -7.04 3.08
N PRO A 104 -10.02 -5.92 3.71
CA PRO A 104 -10.81 -5.32 4.79
C PRO A 104 -12.03 -4.55 4.25
N ALA A 105 -12.84 -4.02 5.16
CA ALA A 105 -14.02 -3.27 4.77
C ALA A 105 -13.87 -1.80 5.14
N GLN A 106 -13.42 -1.54 6.36
CA GLN A 106 -13.25 -0.17 6.83
C GLN A 106 -11.77 0.11 7.14
N GLY A 107 -11.33 1.32 6.84
CA GLY A 107 -9.96 1.70 7.09
C GLY A 107 -9.81 2.64 8.26
N LYS A 108 -9.59 2.08 9.45
CA LYS A 108 -9.42 2.87 10.66
C LYS A 108 -8.07 3.56 10.69
N SER A 109 -8.03 4.82 10.24
CA SER A 109 -6.80 5.59 10.21
C SER A 109 -6.57 6.31 11.53
N GLY A 110 -5.31 6.64 11.82
CA GLY A 110 -4.99 7.33 13.06
C GLY A 110 -3.72 8.15 12.93
N PRO A 111 -3.52 9.08 13.88
CA PRO A 111 -2.34 9.94 13.91
C PRO A 111 -1.10 9.22 14.42
N SER A 112 -0.35 8.62 13.50
CA SER A 112 0.85 7.89 13.86
C SER A 112 2.06 8.40 13.06
N SER A 113 3.25 8.08 13.53
CA SER A 113 4.48 8.50 12.86
C SER A 113 5.03 7.39 11.98
N GLY A 114 5.35 7.72 10.74
CA GLY A 114 5.87 6.74 9.81
C GLY A 114 5.96 7.27 8.39
N GLY A 1 1.41 -3.29 13.55
CA GLY A 1 2.37 -4.38 13.52
C GLY A 1 2.18 -5.34 14.67
N SER A 2 2.79 -6.52 14.57
CA SER A 2 2.68 -7.54 15.60
C SER A 2 3.98 -8.35 15.72
N SER A 3 4.11 -9.09 16.81
CA SER A 3 5.29 -9.90 17.04
C SER A 3 5.68 -10.67 15.78
N GLY A 4 6.99 -10.83 15.57
CA GLY A 4 7.46 -11.55 14.40
C GLY A 4 8.80 -12.24 14.65
N SER A 5 9.87 -11.45 14.69
CA SER A 5 11.20 -12.00 14.92
C SER A 5 12.11 -10.94 15.54
N SER A 6 12.98 -11.39 16.45
CA SER A 6 13.90 -10.49 17.13
C SER A 6 15.30 -11.09 17.19
N GLY A 7 16.30 -10.30 16.82
CA GLY A 7 17.67 -10.78 16.83
C GLY A 7 18.67 -9.66 17.01
N GLU A 8 19.77 -9.72 16.27
CA GLU A 8 20.81 -8.71 16.35
C GLU A 8 21.04 -8.06 14.98
N GLY A 9 21.33 -8.89 13.99
CA GLY A 9 21.58 -8.38 12.65
C GLY A 9 21.15 -9.37 11.57
N ASP A 10 19.86 -9.36 11.24
CA ASP A 10 19.34 -10.25 10.22
C ASP A 10 18.02 -9.72 9.67
N VAL A 11 17.91 -9.66 8.35
CA VAL A 11 16.70 -9.17 7.69
C VAL A 11 15.78 -10.33 7.32
N ASN A 12 14.72 -10.52 8.10
CA ASN A 12 13.76 -11.59 7.84
C ASN A 12 12.42 -11.02 7.41
N SER A 13 11.92 -10.03 8.16
CA SER A 13 10.64 -9.40 7.85
C SER A 13 10.82 -7.92 7.58
N ALA A 14 11.26 -7.59 6.37
CA ALA A 14 11.46 -6.20 5.99
C ALA A 14 10.21 -5.62 5.34
N LYS A 15 10.02 -4.31 5.51
CA LYS A 15 8.85 -3.63 4.94
C LYS A 15 9.12 -3.20 3.51
N VAL A 16 8.63 -3.98 2.55
CA VAL A 16 8.81 -3.69 1.14
C VAL A 16 7.47 -3.66 0.40
N CYS A 17 6.46 -3.10 1.06
CA CYS A 17 5.13 -3.00 0.46
C CYS A 17 4.37 -1.80 1.04
N ALA A 18 3.41 -1.30 0.27
CA ALA A 18 2.60 -0.16 0.70
C ALA A 18 1.17 -0.29 0.21
N HIS A 19 0.23 -0.25 1.14
CA HIS A 19 -1.19 -0.37 0.80
C HIS A 19 -1.84 1.01 0.72
N ILE A 20 -2.40 1.33 -0.45
CA ILE A 20 -3.05 2.62 -0.67
C ILE A 20 -4.55 2.50 -0.46
N THR A 21 -5.06 3.23 0.53
CA THR A 21 -6.49 3.22 0.83
C THR A 21 -7.07 4.64 0.83
N ASN A 22 -8.39 4.73 0.78
CA ASN A 22 -9.06 6.03 0.77
C ASN A 22 -8.77 6.79 -0.51
N ILE A 23 -8.86 6.08 -1.64
CA ILE A 23 -8.60 6.69 -2.95
C ILE A 23 -9.82 6.57 -3.85
N PRO A 24 -10.06 7.62 -4.66
CA PRO A 24 -11.18 7.65 -5.60
C PRO A 24 -11.34 6.35 -6.36
N PHE A 25 -12.57 5.84 -6.42
CA PHE A 25 -12.86 4.59 -7.12
C PHE A 25 -13.18 4.86 -8.58
N SER A 26 -12.59 5.91 -9.14
CA SER A 26 -12.81 6.26 -10.53
C SER A 26 -11.52 6.20 -11.33
N ILE A 27 -10.39 6.38 -10.65
CA ILE A 27 -9.09 6.34 -11.30
C ILE A 27 -8.68 4.90 -11.61
N THR A 28 -7.64 4.74 -12.42
CA THR A 28 -7.15 3.42 -12.78
C THR A 28 -5.69 3.24 -12.36
N LYS A 29 -5.25 1.98 -12.31
CA LYS A 29 -3.88 1.67 -11.92
C LYS A 29 -2.91 2.70 -12.50
N MET A 30 -3.02 2.96 -13.80
CA MET A 30 -2.15 3.92 -14.46
C MET A 30 -2.06 5.21 -13.67
N ASP A 31 -3.21 5.75 -13.29
CA ASP A 31 -3.26 7.00 -12.53
C ASP A 31 -2.40 6.90 -11.27
N VAL A 32 -2.55 5.78 -10.54
CA VAL A 32 -1.79 5.56 -9.32
C VAL A 32 -0.29 5.67 -9.59
N LEU A 33 0.17 5.01 -10.64
CA LEU A 33 1.58 5.03 -11.00
C LEU A 33 2.11 6.47 -11.07
N GLN A 34 1.24 7.39 -11.47
CA GLN A 34 1.62 8.79 -11.58
C GLN A 34 1.68 9.44 -10.21
N PHE A 35 0.71 9.12 -9.35
CA PHE A 35 0.66 9.67 -8.00
C PHE A 35 1.95 9.39 -7.25
N LEU A 36 2.58 8.26 -7.58
CA LEU A 36 3.83 7.87 -6.93
C LEU A 36 5.04 8.36 -7.72
N GLU A 37 4.84 9.44 -8.48
CA GLU A 37 5.92 10.01 -9.28
C GLU A 37 7.22 10.07 -8.50
N GLY A 38 8.27 9.45 -9.05
CA GLY A 38 9.56 9.44 -8.38
C GLY A 38 10.00 8.04 -8.02
N ILE A 39 9.06 7.21 -7.61
CA ILE A 39 9.37 5.83 -7.23
C ILE A 39 9.32 4.90 -8.44
N PRO A 40 10.49 4.38 -8.84
CA PRO A 40 10.60 3.48 -9.99
C PRO A 40 10.08 2.09 -9.68
N VAL A 41 8.78 1.88 -9.90
CA VAL A 41 8.15 0.59 -9.64
C VAL A 41 7.44 0.08 -10.89
N ASP A 42 7.58 -1.22 -11.15
CA ASP A 42 6.94 -1.84 -12.30
C ASP A 42 5.43 -1.80 -12.18
N GLU A 43 4.74 -2.13 -13.26
CA GLU A 43 3.28 -2.13 -13.28
C GLU A 43 2.72 -3.24 -12.40
N ASN A 44 3.12 -4.47 -12.69
CA ASN A 44 2.67 -5.63 -11.92
C ASN A 44 2.78 -5.35 -10.42
N ALA A 45 3.92 -4.81 -10.02
CA ALA A 45 4.16 -4.51 -8.61
C ALA A 45 2.92 -3.90 -7.96
N VAL A 46 2.13 -3.19 -8.75
CA VAL A 46 0.90 -2.57 -8.25
C VAL A 46 -0.31 -3.46 -8.49
N HIS A 47 -0.93 -3.91 -7.41
CA HIS A 47 -2.11 -4.76 -7.51
C HIS A 47 -3.36 -4.02 -7.06
N VAL A 48 -4.18 -3.62 -8.04
CA VAL A 48 -5.42 -2.90 -7.76
C VAL A 48 -6.54 -3.86 -7.37
N LEU A 49 -7.28 -3.51 -6.34
CA LEU A 49 -8.40 -4.34 -5.88
C LEU A 49 -9.61 -4.18 -6.78
N VAL A 50 -10.30 -5.28 -7.03
CA VAL A 50 -11.49 -5.27 -7.88
C VAL A 50 -12.50 -6.32 -7.43
N ASP A 51 -13.75 -6.13 -7.83
CA ASP A 51 -14.82 -7.06 -7.48
C ASP A 51 -15.41 -7.71 -8.72
N ASN A 52 -16.35 -8.62 -8.50
CA ASN A 52 -17.01 -9.31 -9.61
C ASN A 52 -17.38 -8.34 -10.72
N ASN A 53 -18.04 -7.25 -10.35
CA ASN A 53 -18.46 -6.24 -11.32
C ASN A 53 -17.40 -5.15 -11.45
N GLY A 54 -16.13 -5.53 -11.29
CA GLY A 54 -15.05 -4.58 -11.40
C GLY A 54 -15.44 -3.20 -10.87
N GLN A 55 -16.14 -3.18 -9.75
CA GLN A 55 -16.57 -1.92 -9.15
C GLN A 55 -15.38 -1.15 -8.56
N GLY A 56 -14.52 -1.88 -7.85
CA GLY A 56 -13.35 -1.25 -7.25
C GLY A 56 -13.64 -0.71 -5.86
N LEU A 57 -12.99 -1.29 -4.85
CA LEU A 57 -13.18 -0.86 -3.47
C LEU A 57 -12.28 0.33 -3.15
N GLY A 58 -11.90 1.09 -4.17
CA GLY A 58 -11.05 2.24 -3.98
C GLY A 58 -9.82 1.91 -3.15
N GLN A 59 -9.17 0.79 -3.48
CA GLN A 59 -7.98 0.35 -2.76
C GLN A 59 -7.00 -0.33 -3.70
N ALA A 60 -5.71 -0.25 -3.37
CA ALA A 60 -4.67 -0.86 -4.20
C ALA A 60 -3.42 -1.13 -3.38
N LEU A 61 -2.67 -2.15 -3.76
CA LEU A 61 -1.44 -2.52 -3.06
C LEU A 61 -0.22 -2.24 -3.93
N VAL A 62 0.93 -2.07 -3.28
CA VAL A 62 2.17 -1.80 -3.99
C VAL A 62 3.34 -2.58 -3.39
N GLN A 63 3.94 -3.44 -4.19
CA GLN A 63 5.07 -4.25 -3.74
C GLN A 63 6.39 -3.72 -4.29
N PHE A 64 7.33 -3.45 -3.39
CA PHE A 64 8.64 -2.94 -3.80
C PHE A 64 9.73 -3.97 -3.56
N LYS A 65 10.88 -3.77 -4.20
CA LYS A 65 12.00 -4.69 -4.06
C LYS A 65 12.58 -4.63 -2.64
N ASN A 66 13.03 -3.45 -2.24
CA ASN A 66 13.61 -3.26 -0.91
C ASN A 66 13.07 -1.99 -0.26
N GLU A 67 13.27 -1.86 1.05
CA GLU A 67 12.81 -0.70 1.79
C GLU A 67 13.25 0.59 1.09
N ASP A 68 14.41 0.54 0.43
CA ASP A 68 14.94 1.70 -0.28
C ASP A 68 13.85 2.39 -1.09
N ASP A 69 12.89 1.60 -1.57
CA ASP A 69 11.79 2.13 -2.37
C ASP A 69 10.57 2.40 -1.48
N ALA A 70 10.36 1.54 -0.50
CA ALA A 70 9.23 1.69 0.42
C ALA A 70 9.31 3.00 1.19
N ARG A 71 10.44 3.21 1.87
CA ARG A 71 10.65 4.42 2.65
C ARG A 71 10.25 5.66 1.86
N LYS A 72 10.22 5.52 0.54
CA LYS A 72 9.84 6.63 -0.34
C LYS A 72 8.34 6.67 -0.55
N SER A 73 7.73 5.49 -0.67
CA SER A 73 6.29 5.39 -0.89
C SER A 73 5.53 5.79 0.37
N GLU A 74 6.24 5.85 1.50
CA GLU A 74 5.63 6.22 2.77
C GLU A 74 5.72 7.73 3.00
N ARG A 75 6.69 8.36 2.34
CA ARG A 75 6.89 9.80 2.48
C ARG A 75 5.71 10.57 1.89
N LEU A 76 4.92 9.89 1.05
CA LEU A 76 3.77 10.52 0.43
C LEU A 76 2.50 10.25 1.23
N HIS A 77 2.67 9.69 2.42
CA HIS A 77 1.54 9.39 3.30
C HIS A 77 0.68 10.62 3.51
N ARG A 78 -0.61 10.40 3.73
CA ARG A 78 -1.54 11.50 3.95
C ARG A 78 -1.44 12.55 2.84
N LYS A 79 -1.57 12.09 1.60
CA LYS A 79 -1.49 12.98 0.44
C LYS A 79 -2.85 13.15 -0.21
N LYS A 80 -3.01 14.21 -0.99
CA LYS A 80 -4.27 14.49 -1.67
C LYS A 80 -4.22 13.99 -3.12
N LEU A 81 -5.08 13.02 -3.43
CA LEU A 81 -5.14 12.47 -4.77
C LEU A 81 -6.49 12.75 -5.43
N ASN A 82 -6.47 13.55 -6.49
CA ASN A 82 -7.69 13.90 -7.20
C ASN A 82 -8.67 14.61 -6.28
N GLY A 83 -8.15 15.25 -5.23
CA GLY A 83 -8.99 15.96 -4.30
C GLY A 83 -9.58 15.05 -3.24
N ARG A 84 -8.92 13.92 -3.01
CA ARG A 84 -9.38 12.95 -2.02
C ARG A 84 -8.22 12.44 -1.17
N GLU A 85 -8.21 12.81 0.10
CA GLU A 85 -7.16 12.38 1.01
C GLU A 85 -6.80 10.92 0.78
N ALA A 86 -5.51 10.61 0.88
CA ALA A 86 -5.03 9.24 0.68
C ALA A 86 -4.11 8.82 1.83
N PHE A 87 -4.20 7.54 2.20
CA PHE A 87 -3.38 7.00 3.28
C PHE A 87 -2.56 5.82 2.80
N VAL A 88 -1.26 5.86 3.05
CA VAL A 88 -0.36 4.79 2.64
C VAL A 88 0.20 4.05 3.85
N HIS A 89 -0.12 2.77 3.96
CA HIS A 89 0.35 1.95 5.07
C HIS A 89 1.50 1.05 4.64
N VAL A 90 2.60 1.11 5.37
CA VAL A 90 3.78 0.30 5.07
C VAL A 90 3.78 -1.00 5.87
N VAL A 91 3.60 -2.11 5.17
CA VAL A 91 3.59 -3.42 5.81
C VAL A 91 4.56 -4.37 5.13
N THR A 92 4.64 -5.60 5.65
CA THR A 92 5.54 -6.60 5.10
C THR A 92 4.84 -7.44 4.04
N LEU A 93 5.60 -7.86 3.03
CA LEU A 93 5.05 -8.67 1.95
C LEU A 93 4.03 -9.67 2.48
N GLU A 94 4.46 -10.52 3.40
CA GLU A 94 3.59 -11.52 4.00
C GLU A 94 2.21 -10.93 4.30
N ASP A 95 2.20 -9.81 5.00
CA ASP A 95 0.95 -9.14 5.36
C ASP A 95 0.17 -8.74 4.12
N MET A 96 0.89 -8.24 3.11
CA MET A 96 0.25 -7.82 1.86
C MET A 96 -0.44 -9.00 1.19
N ARG A 97 0.20 -10.16 1.21
CA ARG A 97 -0.37 -11.35 0.60
C ARG A 97 -1.69 -11.73 1.26
N GLU A 98 -1.74 -11.58 2.58
CA GLU A 98 -2.94 -11.92 3.34
C GLU A 98 -4.10 -11.00 2.94
N ILE A 99 -3.82 -9.71 2.82
CA ILE A 99 -4.83 -8.74 2.44
C ILE A 99 -5.39 -9.03 1.06
N GLU A 100 -4.48 -9.23 0.10
CA GLU A 100 -4.89 -9.51 -1.27
C GLU A 100 -6.02 -10.53 -1.31
N LYS A 101 -5.90 -11.57 -0.48
CA LYS A 101 -6.91 -12.62 -0.41
C LYS A 101 -8.26 -12.04 0.01
N ASN A 102 -8.25 -11.21 1.04
CA ASN A 102 -9.47 -10.60 1.55
C ASN A 102 -9.17 -9.30 2.29
N PRO A 103 -9.46 -8.17 1.65
CA PRO A 103 -9.22 -6.84 2.22
C PRO A 103 -10.23 -6.50 3.32
N PRO A 104 -9.84 -5.60 4.22
CA PRO A 104 -10.68 -5.16 5.34
C PRO A 104 -11.76 -4.18 4.88
N ALA A 105 -12.91 -4.23 5.54
CA ALA A 105 -14.02 -3.35 5.21
C ALA A 105 -13.61 -1.88 5.31
N GLN A 106 -13.14 -1.49 6.49
CA GLN A 106 -12.71 -0.11 6.71
C GLN A 106 -13.83 0.87 6.38
N GLY A 107 -15.07 0.47 6.65
CA GLY A 107 -16.20 1.32 6.37
C GLY A 107 -17.18 1.40 7.52
N LYS A 108 -18.30 0.69 7.39
CA LYS A 108 -19.32 0.67 8.43
C LYS A 108 -18.92 -0.26 9.56
N SER A 109 -18.61 -1.51 9.23
CA SER A 109 -18.22 -2.51 10.21
C SER A 109 -16.73 -2.82 10.09
N GLY A 110 -16.01 -2.68 11.21
CA GLY A 110 -14.59 -2.95 11.21
C GLY A 110 -14.19 -3.93 12.30
N PRO A 111 -12.88 -4.07 12.53
CA PRO A 111 -12.34 -4.97 13.55
C PRO A 111 -12.48 -4.42 14.96
N SER A 112 -13.61 -3.79 15.24
CA SER A 112 -13.87 -3.21 16.54
C SER A 112 -15.31 -2.71 16.65
N SER A 113 -15.70 -2.31 17.86
CA SER A 113 -17.05 -1.81 18.09
C SER A 113 -17.54 -0.98 16.91
N GLY A 114 -18.62 -1.43 16.28
CA GLY A 114 -19.16 -0.71 15.14
C GLY A 114 -20.17 -1.54 14.36
N GLY A 1 38.60 -0.35 7.42
CA GLY A 1 37.89 0.29 8.51
C GLY A 1 36.59 -0.44 8.86
N SER A 2 35.86 0.11 9.83
CA SER A 2 34.60 -0.49 10.25
C SER A 2 33.44 0.00 9.40
N SER A 3 32.82 -0.92 8.66
CA SER A 3 31.70 -0.58 7.79
C SER A 3 30.50 -0.12 8.61
N GLY A 4 30.18 -0.88 9.66
CA GLY A 4 29.06 -0.55 10.50
C GLY A 4 27.89 0.02 9.72
N SER A 5 27.65 -0.54 8.54
CA SER A 5 26.55 -0.09 7.69
C SER A 5 25.23 -0.73 8.11
N SER A 6 24.36 0.07 8.73
CA SER A 6 23.07 -0.42 9.18
C SER A 6 21.95 0.53 8.76
N GLY A 7 21.13 0.10 7.82
CA GLY A 7 20.03 0.92 7.35
C GLY A 7 18.76 0.12 7.12
N GLU A 8 18.77 -0.71 6.08
CA GLU A 8 17.61 -1.53 5.75
C GLU A 8 17.95 -3.01 5.84
N GLY A 9 17.35 -3.68 6.83
CA GLY A 9 17.61 -5.09 7.01
C GLY A 9 16.32 -5.91 7.07
N ASP A 10 15.98 -6.36 8.28
CA ASP A 10 14.76 -7.15 8.47
C ASP A 10 14.61 -8.19 7.38
N VAL A 11 15.65 -9.02 7.20
CA VAL A 11 15.64 -10.06 6.18
C VAL A 11 14.33 -10.86 6.24
N ASN A 12 14.09 -11.49 7.38
CA ASN A 12 12.89 -12.30 7.56
C ASN A 12 11.71 -11.69 6.82
N SER A 13 11.21 -10.56 7.34
CA SER A 13 10.08 -9.87 6.74
C SER A 13 10.35 -8.37 6.64
N ALA A 14 10.98 -7.96 5.55
CA ALA A 14 11.30 -6.55 5.33
C ALA A 14 10.09 -5.80 4.78
N LYS A 15 9.81 -4.63 5.35
CA LYS A 15 8.69 -3.82 4.92
C LYS A 15 8.94 -3.24 3.52
N VAL A 16 8.58 -4.01 2.50
CA VAL A 16 8.76 -3.58 1.12
C VAL A 16 7.42 -3.53 0.37
N CYS A 17 6.40 -3.03 1.05
CA CYS A 17 5.07 -2.93 0.46
C CYS A 17 4.27 -1.81 1.10
N ALA A 18 3.48 -1.10 0.30
CA ALA A 18 2.67 0.00 0.79
C ALA A 18 1.23 -0.12 0.29
N HIS A 19 0.28 -0.11 1.22
CA HIS A 19 -1.13 -0.22 0.87
C HIS A 19 -1.80 1.16 0.88
N ILE A 20 -2.39 1.54 -0.24
CA ILE A 20 -3.06 2.82 -0.36
C ILE A 20 -4.57 2.67 -0.20
N THR A 21 -5.15 3.45 0.72
CA THR A 21 -6.58 3.40 0.98
C THR A 21 -7.19 4.80 0.95
N ASN A 22 -8.50 4.85 0.80
CA ASN A 22 -9.21 6.13 0.75
C ASN A 22 -8.89 6.88 -0.53
N ILE A 23 -8.99 6.18 -1.66
CA ILE A 23 -8.71 6.79 -2.96
C ILE A 23 -9.91 6.65 -3.90
N PRO A 24 -10.11 7.67 -4.73
CA PRO A 24 -11.22 7.68 -5.70
C PRO A 24 -11.35 6.37 -6.46
N PHE A 25 -12.55 5.79 -6.42
CA PHE A 25 -12.81 4.53 -7.10
C PHE A 25 -13.19 4.76 -8.56
N SER A 26 -12.59 5.78 -9.16
CA SER A 26 -12.87 6.11 -10.56
C SER A 26 -11.59 6.03 -11.39
N ILE A 27 -10.45 6.16 -10.73
CA ILE A 27 -9.17 6.11 -11.41
C ILE A 27 -8.79 4.67 -11.77
N THR A 28 -7.80 4.53 -12.64
CA THR A 28 -7.34 3.20 -13.06
C THR A 28 -5.89 2.96 -12.64
N LYS A 29 -5.43 1.73 -12.83
CA LYS A 29 -4.07 1.37 -12.47
C LYS A 29 -3.09 2.46 -12.87
N MET A 30 -3.06 2.78 -14.16
CA MET A 30 -2.17 3.81 -14.68
C MET A 30 -2.09 5.00 -13.72
N ASP A 31 -3.24 5.61 -13.46
CA ASP A 31 -3.30 6.76 -12.57
C ASP A 31 -2.41 6.55 -11.34
N VAL A 32 -2.69 5.48 -10.60
CA VAL A 32 -1.91 5.15 -9.41
C VAL A 32 -0.42 5.33 -9.66
N LEU A 33 0.07 4.73 -10.75
CA LEU A 33 1.48 4.81 -11.11
C LEU A 33 1.94 6.27 -11.14
N GLN A 34 1.12 7.14 -11.72
CA GLN A 34 1.44 8.56 -11.82
C GLN A 34 1.56 9.18 -10.43
N PHE A 35 0.59 8.88 -9.57
CA PHE A 35 0.58 9.42 -8.21
C PHE A 35 1.89 9.10 -7.49
N LEU A 36 2.50 7.97 -7.84
CA LEU A 36 3.76 7.56 -7.24
C LEU A 36 4.94 8.20 -7.95
N GLU A 37 4.73 9.40 -8.47
CA GLU A 37 5.79 10.13 -9.17
C GLU A 37 7.04 10.23 -8.31
N GLY A 38 8.15 9.70 -8.82
CA GLY A 38 9.39 9.75 -8.08
C GLY A 38 9.94 8.37 -7.76
N ILE A 39 9.05 7.48 -7.31
CA ILE A 39 9.45 6.12 -6.97
C ILE A 39 9.44 5.22 -8.20
N PRO A 40 10.63 4.78 -8.64
CA PRO A 40 10.79 3.91 -9.81
C PRO A 40 10.39 2.47 -9.50
N VAL A 41 9.09 2.19 -9.62
CA VAL A 41 8.59 0.84 -9.36
C VAL A 41 7.88 0.28 -10.59
N ASP A 42 8.00 -1.03 -10.79
CA ASP A 42 7.37 -1.69 -11.92
C ASP A 42 5.88 -1.41 -11.97
N GLU A 43 5.22 -1.89 -13.01
CA GLU A 43 3.78 -1.68 -13.17
C GLU A 43 2.99 -2.79 -12.47
N ASN A 44 3.44 -4.03 -12.65
CA ASN A 44 2.77 -5.18 -12.04
C ASN A 44 2.87 -5.12 -10.52
N ALA A 45 4.01 -4.63 -10.02
CA ALA A 45 4.22 -4.53 -8.59
C ALA A 45 2.98 -3.99 -7.88
N VAL A 46 2.24 -3.13 -8.57
CA VAL A 46 1.03 -2.55 -8.01
C VAL A 46 -0.20 -3.41 -8.32
N HIS A 47 -1.05 -3.60 -7.33
CA HIS A 47 -2.25 -4.41 -7.49
C HIS A 47 -3.50 -3.62 -7.09
N VAL A 48 -4.53 -3.66 -7.93
CA VAL A 48 -5.77 -2.96 -7.66
C VAL A 48 -6.86 -3.92 -7.22
N LEU A 49 -7.51 -3.59 -6.11
CA LEU A 49 -8.59 -4.42 -5.57
C LEU A 49 -9.87 -4.25 -6.39
N VAL A 50 -10.55 -5.36 -6.64
CA VAL A 50 -11.79 -5.34 -7.41
C VAL A 50 -12.78 -6.37 -6.89
N ASP A 51 -14.05 -6.19 -7.21
CA ASP A 51 -15.10 -7.10 -6.78
C ASP A 51 -15.78 -7.75 -7.97
N ASN A 52 -16.68 -8.70 -7.70
CA ASN A 52 -17.40 -9.40 -8.76
C ASN A 52 -17.88 -8.42 -9.83
N ASN A 53 -18.42 -7.29 -9.39
CA ASN A 53 -18.92 -6.27 -10.31
C ASN A 53 -17.76 -5.58 -11.04
N GLY A 54 -16.60 -5.56 -10.39
CA GLY A 54 -15.43 -4.93 -10.99
C GLY A 54 -15.57 -3.43 -11.08
N GLN A 55 -16.06 -2.82 -10.00
CA GLN A 55 -16.24 -1.36 -9.96
C GLN A 55 -15.07 -0.70 -9.25
N GLY A 56 -14.53 -1.37 -8.23
CA GLY A 56 -13.43 -0.81 -7.48
C GLY A 56 -13.85 -0.27 -6.14
N LEU A 57 -13.35 -0.86 -5.06
CA LEU A 57 -13.69 -0.42 -3.72
C LEU A 57 -12.96 0.87 -3.38
N GLY A 58 -11.76 1.04 -3.91
CA GLY A 58 -10.99 2.24 -3.65
C GLY A 58 -9.72 1.95 -2.86
N GLN A 59 -9.11 0.79 -3.13
CA GLN A 59 -7.89 0.41 -2.43
C GLN A 59 -6.92 -0.29 -3.39
N ALA A 60 -5.63 -0.03 -3.20
CA ALA A 60 -4.60 -0.62 -4.04
C ALA A 60 -3.33 -0.90 -3.24
N LEU A 61 -2.60 -1.94 -3.63
CA LEU A 61 -1.37 -2.31 -2.95
C LEU A 61 -0.16 -2.01 -3.83
N VAL A 62 1.01 -1.87 -3.20
CA VAL A 62 2.24 -1.58 -3.92
C VAL A 62 3.39 -2.43 -3.39
N GLN A 63 3.97 -3.24 -4.27
CA GLN A 63 5.08 -4.11 -3.89
C GLN A 63 6.40 -3.55 -4.40
N PHE A 64 7.38 -3.43 -3.52
CA PHE A 64 8.68 -2.91 -3.88
C PHE A 64 9.76 -3.98 -3.73
N LYS A 65 10.81 -3.88 -4.54
CA LYS A 65 11.91 -4.83 -4.51
C LYS A 65 12.63 -4.79 -3.15
N ASN A 66 12.96 -3.58 -2.71
CA ASN A 66 13.64 -3.40 -1.44
C ASN A 66 12.99 -2.28 -0.62
N GLU A 67 13.59 -1.97 0.53
CA GLU A 67 13.06 -0.93 1.40
C GLU A 67 13.36 0.45 0.84
N ASP A 68 14.52 0.59 0.21
CA ASP A 68 14.94 1.87 -0.38
C ASP A 68 13.76 2.54 -1.08
N ASP A 69 12.91 1.73 -1.70
CA ASP A 69 11.75 2.25 -2.42
C ASP A 69 10.56 2.41 -1.47
N ALA A 70 10.31 1.40 -0.65
CA ALA A 70 9.21 1.43 0.30
C ALA A 70 9.30 2.66 1.20
N ARG A 71 10.42 2.80 1.89
CA ARG A 71 10.63 3.93 2.79
C ARG A 71 10.19 5.23 2.13
N LYS A 72 10.22 5.26 0.80
CA LYS A 72 9.83 6.45 0.05
C LYS A 72 8.32 6.45 -0.21
N SER A 73 7.76 5.27 -0.45
CA SER A 73 6.33 5.14 -0.71
C SER A 73 5.51 5.72 0.44
N GLU A 74 6.03 5.59 1.65
CA GLU A 74 5.36 6.10 2.83
C GLU A 74 5.41 7.62 2.88
N ARG A 75 6.45 8.19 2.28
CA ARG A 75 6.61 9.64 2.25
C ARG A 75 5.38 10.32 1.67
N LEU A 76 4.71 9.62 0.76
CA LEU A 76 3.51 10.16 0.12
C LEU A 76 2.29 9.96 1.01
N HIS A 77 2.52 9.64 2.28
CA HIS A 77 1.43 9.42 3.23
C HIS A 77 0.58 10.67 3.36
N ARG A 78 -0.72 10.48 3.57
CA ARG A 78 -1.65 11.59 3.72
C ARG A 78 -1.52 12.56 2.54
N LYS A 79 -1.50 12.00 1.33
CA LYS A 79 -1.39 12.81 0.12
C LYS A 79 -2.76 13.10 -0.47
N LYS A 80 -2.86 14.17 -1.25
CA LYS A 80 -4.11 14.55 -1.88
C LYS A 80 -4.17 14.04 -3.31
N LEU A 81 -4.87 12.92 -3.50
CA LEU A 81 -5.01 12.33 -4.84
C LEU A 81 -6.33 12.75 -5.48
N ASN A 82 -6.24 13.66 -6.45
CA ASN A 82 -7.43 14.14 -7.15
C ASN A 82 -8.37 14.86 -6.19
N GLY A 83 -7.80 15.44 -5.14
CA GLY A 83 -8.60 16.16 -4.17
C GLY A 83 -9.10 15.27 -3.05
N ARG A 84 -8.61 14.04 -3.02
CA ARG A 84 -9.02 13.08 -2.00
C ARG A 84 -7.83 12.67 -1.13
N GLU A 85 -7.96 12.87 0.17
CA GLU A 85 -6.90 12.53 1.12
C GLU A 85 -6.74 11.01 1.22
N ALA A 86 -5.61 10.51 0.73
CA ALA A 86 -5.32 9.08 0.78
C ALA A 86 -4.37 8.74 1.91
N PHE A 87 -4.40 7.49 2.35
CA PHE A 87 -3.52 7.04 3.43
C PHE A 87 -2.69 5.85 3.00
N VAL A 88 -1.42 5.83 3.40
CA VAL A 88 -0.52 4.74 3.06
C VAL A 88 -0.06 3.99 4.30
N HIS A 89 -0.01 2.66 4.18
CA HIS A 89 0.42 1.82 5.30
C HIS A 89 1.54 0.88 4.88
N VAL A 90 2.71 1.05 5.50
CA VAL A 90 3.86 0.22 5.18
C VAL A 90 3.75 -1.15 5.84
N VAL A 91 3.64 -2.19 5.02
CA VAL A 91 3.53 -3.55 5.52
C VAL A 91 4.53 -4.47 4.84
N THR A 92 4.73 -5.66 5.42
CA THR A 92 5.66 -6.64 4.86
C THR A 92 5.08 -7.31 3.62
N LEU A 93 5.95 -7.96 2.86
CA LEU A 93 5.53 -8.64 1.65
C LEU A 93 4.31 -9.52 1.91
N GLU A 94 4.47 -10.50 2.80
CA GLU A 94 3.37 -11.41 3.14
C GLU A 94 2.11 -10.62 3.50
N ASP A 95 2.27 -9.61 4.33
CA ASP A 95 1.15 -8.78 4.75
C ASP A 95 0.36 -8.29 3.55
N MET A 96 0.99 -8.28 2.39
CA MET A 96 0.35 -7.83 1.16
C MET A 96 -0.38 -8.99 0.47
N ARG A 97 0.20 -10.19 0.57
CA ARG A 97 -0.39 -11.37 -0.04
C ARG A 97 -1.62 -11.82 0.73
N GLU A 98 -1.51 -11.87 2.05
CA GLU A 98 -2.63 -12.29 2.90
C GLU A 98 -3.88 -11.46 2.60
N ILE A 99 -3.67 -10.17 2.32
CA ILE A 99 -4.78 -9.28 2.01
C ILE A 99 -5.36 -9.57 0.64
N GLU A 100 -4.51 -9.49 -0.39
CA GLU A 100 -4.94 -9.75 -1.75
C GLU A 100 -5.98 -10.86 -1.80
N LYS A 101 -5.73 -11.93 -1.06
CA LYS A 101 -6.64 -13.07 -1.01
C LYS A 101 -7.89 -12.73 -0.21
N ASN A 102 -7.68 -12.14 0.97
CA ASN A 102 -8.79 -11.76 1.84
C ASN A 102 -8.84 -10.25 2.05
N PRO A 103 -9.32 -9.52 1.03
CA PRO A 103 -9.43 -8.06 1.08
C PRO A 103 -10.02 -7.57 2.39
N PRO A 104 -9.64 -6.34 2.79
CA PRO A 104 -10.12 -5.73 4.03
C PRO A 104 -11.54 -5.17 3.90
N ALA A 105 -12.31 -5.28 4.96
CA ALA A 105 -13.68 -4.79 4.96
C ALA A 105 -13.73 -3.27 4.84
N GLN A 106 -14.88 -2.75 4.42
CA GLN A 106 -15.04 -1.31 4.25
C GLN A 106 -14.87 -0.58 5.58
N GLY A 107 -13.86 0.28 5.65
CA GLY A 107 -13.61 1.03 6.87
C GLY A 107 -12.74 0.26 7.86
N LYS A 108 -11.44 0.24 7.59
CA LYS A 108 -10.50 -0.46 8.45
C LYS A 108 -9.78 0.52 9.37
N SER A 109 -9.45 0.06 10.58
CA SER A 109 -8.76 0.89 11.55
C SER A 109 -7.84 0.06 12.42
N GLY A 110 -6.73 0.66 12.86
CA GLY A 110 -5.78 -0.05 13.69
C GLY A 110 -5.27 0.80 14.85
N PRO A 111 -4.35 0.24 15.64
CA PRO A 111 -3.77 0.94 16.80
C PRO A 111 -3.37 2.38 16.46
N SER A 112 -3.58 3.28 17.40
CA SER A 112 -3.23 4.68 17.20
C SER A 112 -2.11 5.11 18.16
N SER A 113 -1.00 5.56 17.59
CA SER A 113 0.15 5.99 18.38
C SER A 113 0.79 7.23 17.76
N GLY A 114 0.87 8.30 18.55
CA GLY A 114 1.47 9.53 18.07
C GLY A 114 1.35 10.66 19.07
#